data_9QT9
#
_entry.id   9QT9
#
_cell.length_a   1.00
_cell.length_b   1.00
_cell.length_c   1.00
_cell.angle_alpha   90.00
_cell.angle_beta   90.00
_cell.angle_gamma   90.00
#
_symmetry.space_group_name_H-M   'P 1'
#
loop_
_entity.id
_entity.type
_entity.pdbx_description
1 polymer 'Auxin transport protein (BIG)'
2 polymer Calmodulin-1
3 polymer 'Protein DEHYDRATION-INDUCED 19'
#
loop_
_entity_poly.entity_id
_entity_poly.type
_entity_poly.pdbx_seq_one_letter_code
_entity_poly.pdbx_strand_id
1 'polypeptide(L)'
;MADDLANLCRFLFDDTAFPSLSSSASSDLFSRRLRSDDSIKRGLRSFYLLLRWGVAPIGGDDADSSGKLRFETWSDSQLQ
ALVSISQAILLLSRSLLVDQLEPIVLGVIQEVMEFSLSFLEKSSFRQNDLKMEINMEILLEIASFDGSEKQYDILPDFSP
AEVAELWPAFSGEHDNMDAQSLVKCTFQGGRCSNEEKPVDRLLITLMSECIESDVQAQSVVKSPFQQDCGDLNPFTRHLA
VVHLRCVCRLIMVCKELVQLPNMLDEKTVDQAVLDKLSFCLRILKLLGSLSKDVQSIENDGSLLQAVASFTDAFPKLFRV
FFEFTNHTATEGNIESLSLALVEGFLNLVQLIFGKSSVFQNVQACVAASIVSNLDSSVWRYDGSSCNLTPPLAYFPRSVI
YTLKLIQDLKRQPYHIHDLRVLESEVTYEDVSSTVDSVYFHLRQEKIPLLKCFTVEDIMRVIFPSSSQWMDNFFHLVYFL
HREGVKLRPKVERTYSSLRSNSFAEVESQISHDDEALFGNLFSEGSRSLCSIEPNDQPPVSVSSNLLLQAAKELLNFLRA
CILCQEWVPSIYEDGCKKLDTGHIDILLNIVGCSIEDKASDGGCMLQDEGRPGHVAFELLLNLLRSRALSDFLESYLFQQ
ILVVENSDFNYNDKTLALLAHTLLCRPGLAGAQLRAKIYDGFVSFVTERARGICAEALSLKELTACLPSAFHIEILLMAF
HLSNEAEKAKFSNLIASCLHKVDTPAGICDGPQLSSWAMLISRLLVLLHHMLLHPNTCPTSLMLDLRSKLREVRSCGSNL
HVTVGDHLSSWASLVARGITDSWAEDESVSHLMSQMIDFSPHPPTFQNDVSTAKTLNLDYGDLSASLCRVLGLWKGKKAG
KVEDLLVERYIFMLSSDIARINCALDSQPSLHVNYQNVDISNSVDLISTSHLLVGDINVVGRNIELRNILIGVLNQLQAA
PEQVVEDLGWDYIREGAWLSLLLYFLDGGVWDYCNKNSCSEIDPFWKECTSVDAKYVAAAEGVVSYLMKTGDIAELLRML
SSLVGKYLRVYKKAFLATFSDWNHHGHSSPSLLLLKHTQFGKSLQGEYAKIGDNSLHLQCIFYLSKLDSLGDGRGSGVLW
KVFWEFMVHGFPTSLQTSSAILLSCILSIRCIVLTINGLLKLGNSKEKFGVDTSVLHQLLDSIMIIKFDQVFESFHGKCE
EIHQNICAVLQLPDLTELFLMKDMEGFVRDISAEQIDRSQVLEGVITKIVDVMDSLSKDSSKSDIFKFYLGVDAVSEHTR
EFYELQRGDLSVFIDSLDYCSLEPVNIKVLNFLVDLLSVAQSPDLRRRVQQKFIDMDLISLSGWLERRLLGSFVEEIDGK
KTAKGNSLPFREAAMNFINCLVSSTNDLQTRELQNHLFEALLISLDTAFLSFDIHMSMSYFHFVLQLAREDNLMKMVLKR
TIMLMEKLAAEEKLLPGLKFIFGVIGTLLSNRSPSHGESLCGKSLASYKNTATGPLVPKLSGTTKKSDTLALPVDQEGSS
ISLECDVTSVDEDEDDGTSDGEVASLDKEDEEDANSERYLASKVCTFTSSGSNFMEQHWYFCYTCDLTVSKGCCSVCAKV
CHRGHRVVYSRSSRFFCDCGAGGVRGSSCQCLKPRKYNGNGSAPARGTNNFQSFLPLSEDADQLGESDSDVEEDGFGEEN
HVVLYIPKETQYKMSLLLEELGIEDRVLELFSSLLPSITSKRDSGLSKEKQVNLGKDKVLSFDTDLLQLKKAYKSGSLDL
KIKADYTNSKDLKSLLANGSLVKSLLSVSVRGRLAVGEGDKVAIFDVGQLIGQATIAPINADKANVKPLSRNIVRFEIVH
LSFNPVVENYLAVAGLEDCQILTLNHRGEVIDRLAVELALQGAFIRRIDWVPGSQVQLMVVTNKFVKIYDLSQDSISPTQ
YFTLPNDMIVDATLFVASRGRVFLLVLSEQGNLYRFELSWGGNAGATPLKEIVQIMGKDVTGKGSSVYFSPTYRLLFISY
HDGSSFMGRLSSDATSLTDTSGMFEEESDCKQRVAGLHRWKELLAGSGLFICFSSVKSNAVLAVSLRGDGVCAQNLRHPT
GSSSPMVGITAYKPLSKDNVHCLVLHDDGSLQIYSHVRSGVDTDSNFTAEKVKKLGSKILNNKTYAGAKPEFPLDFFERA
FCITADVRLGSDAIRNGDSEGAKQSLASEDGFIESPSPVGFKISVSNPNPDIVMVGIRMHVGTTSASSIPSEVTIFQRSI
KMDEGMRCWYDIPFTVAESLLADEDVVISVGPTTSGTALPRIDSLEVYGRAKDEFGWKEKMDAVLDMEARVLGHGLLLPG
SSKKRALAQSASMEEQVIADGLKLLSIYYSVCRPRQEVVLSELKCKQLLETIFESDRETLLQTTACRVLQSVFPRKEIYY
QVKDTMRLLGVVKVTSILSSRLGILGTGGSIVEEFNAQMRAVSKVALTRKSNFSVFLEMNGSEVVDNLMQVLWGILESEP
LDTPTMNNVVMSSVELIYSYAECLASQGKDTGVHSVAPAVQLLKALMLFPNESVQTSSSLAISSRLLQVPFPKQTMLTTD
DLVDNVTTPSVPIRTAGGNTHVMIEEDSITSSVQYCCDGCSTVPILRRRWHCTVCPDFDLCEACYEVLDADRLPPPHTRD
HPMTAIPIEVESLGADTNEIQFSADEVGISNMLPVVTSSIPQASTPSIHVLEPGESAEFSASLTDPISISASKRAVNSLI
LSEFLQELSGWMETVSGVQAIPVMQLFYRLSSAIGGAFMDSSKPEEISLDKLIKWLLGEINLSKPFAASTRSSLGEIVIL
VFMFFTLMLRSWHQPGSDGSSSKLGGSTDVHDRRIVQSSTVVATQSSLHVQERDDFASQLVRACSCLRNQEFVNYLMNIL
QQLVHVFKSRAANVEARGSSSGSGCGAMLTVRRDLPAGNYSPFFSDSYAKAHRADIFVDYHRLLLENVFRLVYTLVRPEK
QEKMGEKEKVYRNASSKDLKLDGFQDVLCSYINNPHTAFVRRYARRLFLHLCGSKTQYYSVRDSWQFSNEVKNLYKHVEK
SGGFENNVSYERSVKIVKSLSTIAEVAVARPRNWQKYCLRHGDFLSFLLNGVFHFAEESVIQTLKLLNLAFYQGKDVSSS
VQKAEATEVVTGSNRSGSQSVDSKKKKKGEDGHDSGLEKLYVDMEGVVDIFSANCGDLLRQFIDFFLLEWNSSSVRTEAK
SVIYGLWHHGRHSFKESLLAALLQKVRYLPAYGQNIVEYTELVSLLLDKAPENNSKQAINELVDRCLNPDVIRCFFETLH
SQNELIANHPNSRIYSTLGNLVEFDGYYLESEPCVACSSPDVPYSKMKLESLKSETKFTDNRIIVKCTGSYTIQSVTMNV
HDARKSKSVKVLNLYYNNRPVSDLSELKNNWSLWKRAKSCHLSFNQTELKVEFPIPITACNFMIELDSFYENLQALSLEP
LQCPRCSRPVTDKHGICSNCHENAYQCRQCRNINYENLDSFLCNECGYSKYGRFEFNFMAKPSFIFDNMENDEDMKKGLA
AIESESENAHKRYQQLLGFKKPLLKIVSSIGETEMDSQHKDTVQQMMASLPGPSCKINRKIALLGVLYGEKCKAAFDSVS
KSVQTLQGLRRVLMSYLHQKNSNFSSGASRCVVSKTPNNCYGCATTFVTQCLEILQVLSKHPRSRKQLVAAGILSELFEN
NIHQGPKTARAQARAALSTFSEGDLSAVNELNNLVQKKIMYCLEHHRSMDIALATREEMLLLSEVCSLTDEFWESRLRLV
FQLLFSSIKLGAKHPAISEHIILPCLKIISVACTPPKPDTAEKEQTMGKSAPAVQEKDENAAGVIKYSSESEENNLNVSQ
KTRDIQLVSYLEWEKGASYLDFVRRQYKASQSIRGASQKSRTHRSDFLALKYTLRWKRRSSRTSKGGLQAFELGSWVTEL
ILSACSQSIRSEMCTLISLLAAQSSPRRYRLINLLIGLLPATLAAGESSAEYFELLFKMIETQDALLFLTVRGCLTTICK
LISQEVGNIESLERSLQIDISQGFTLHKLLELLGKFLEVPNIRSRFMRDNLLSHVLEALIVIRGLIVQKTKLINDCNRRL
KDLLDGLLLESSENKRQFIRACVSGLQTHAEENKGRTCLFILEQLCNLICPSKPEAVYMLILNKSHTQEEFIRGSMTKNP
YSSAEIGPLMRDVKNKICQQLDLLGLLEDDYGMELLVAGNIISLDLSIAQVYELVWKKSNQSSTSLTNSALLASNAAPSR
DCPPMTVTYRLQGLDGEATEPMIKELEEDREESQDPEIEFAIAGAVREYGGLEILLDMIKSLQDDFKSNQEEMVAVLDLL
NHCCKIRENRRALLRLGALSLLLETARRAFSVDAMEPAEGILLIVESLTLEANESDSISAAQSALTVSNEETGTWEQAKK
IVLMFLERLSHPSGLKKSNKQQRNTEMVARILPYLTYGEPAAMEALIEHFSPYLQNWSEFDQLQQRHEEDPKDDSIAQQA
AKQRFTVENFVRVSESLKTSSCGERLKDIVLENGIIAVAVKHIKEIFAITGQTGFKSSKEWLLALKLPSVPLILSMLRGL
SMGHLPTQTCIDEGGILTLLHALEGVSGENDIGARAENLLDTLADKEGKGDGFLGEKVRALRDATKDEMRRRALRKREEL
LQGLGMRQELSSDGGERIVVSQPILEGFEDVEEEEDGLACMVCREGYKLRPSDLLGVYSYSKRVNLGVGNSGSARGECVY
TTVSYFNIIHFQCHQEAKRADAALKNPKKEWEGAMLRNNESLCNSLFPVKGPSVPLAQYLRYVDQYWDNLNALGRADGSR
LRLLTYDIVLMLARFATGASFSADCRGGGRDSNSRFLPFMFQMARHLLDQGGPVQRTNMARSVSSYISSSSTSTATAPSS
DSRPLTPGSQLSSTGTEETVQFMMVNSLLSESYESWLQHRRVFLQRGIYHTFMQHAHGRVASRAAEPTSSGGKTQDAETL
TGDELLSIVKPMLVYTGMIEQLQQLFKPKKPVHIEPIKKEGTSSGVELEPWEIVMKEKLLNVKEMIGFSKELISWLDEIN
SATDLQEAFDIVGVLADVLSEGVTQCDQFVRSAIDKDGSLEVLFQGPAEAAAKEAAAKEAAAKEAAAKALEAEAAAKEAA
AKEAAAKEAAAKAHHHHHHHH
;
A,B
2 'polypeptide(L)'
;MDYKDHDGDYKDHDIDYKDDDDKGGSGGMADQLTDEQISEFKEAFSLFDKDGDGCITTKELGTVMRSLGQNPTEAELQDM
INEVDADGNGTIDFPEFLNLMAKKMKDTDSEEELKEAFRVFDKDQNGFISAAELRHVMTNLGEKLTDEEVEEMIREADVD
GDGQINYEEFVKIMMAK
;
E,F
3 'polypeptide(L)'
;MDADSKRFLATLRSRSEMLMGFEEIDGDDDFQEEFACPFCAESYDIIGLCCHIDDEHTLESKNAVCPVCSLKVGVDIVAH
ITLHHGSLFKLQRKRKSRKSGTNSTLSLLRKELREGDLQRLLGFTSRNGSVASSVTPDPLLSSFISPTRSQSSPAPRQTK
NVSEDKQIERKRQVFISPVSLKDREERRHKSEFVQRLLSSAIFDEVGGSGGSAWSHPQFEK
;
C,D
#
# COMPACT_ATOMS: atom_id res chain seq x y z
N ARG A 3070 -20.32 -6.36 61.08
CA ARG A 3070 -20.75 -5.04 61.55
C ARG A 3070 -19.62 -4.01 61.34
N PRO A 3071 -19.69 -3.29 60.21
CA PRO A 3071 -18.65 -2.28 59.94
C PRO A 3071 -18.56 -1.18 60.99
N ARG A 3072 -19.70 -0.75 61.55
CA ARG A 3072 -19.70 0.39 62.45
C ARG A 3072 -18.97 0.09 63.76
N ASN A 3073 -19.19 -1.08 64.33
CA ASN A 3073 -18.53 -1.42 65.57
C ASN A 3073 -17.02 -1.56 65.36
N TRP A 3074 -16.62 -2.14 64.23
CA TRP A 3074 -15.21 -2.20 63.90
C TRP A 3074 -14.62 -0.80 63.75
N GLN A 3075 -15.42 0.12 63.18
CA GLN A 3075 -14.97 1.50 63.03
C GLN A 3075 -14.78 2.19 64.38
N LYS A 3076 -15.73 2.02 65.32
CA LYS A 3076 -15.50 2.62 66.63
C LYS A 3076 -14.32 1.97 67.34
N TYR A 3077 -14.14 0.66 67.18
CA TYR A 3077 -13.00 -0.01 67.79
C TYR A 3077 -11.69 0.53 67.24
N CYS A 3078 -11.63 0.78 65.93
CA CYS A 3078 -10.45 1.40 65.34
C CYS A 3078 -10.24 2.82 65.86
N LEU A 3079 -11.34 3.57 66.02
CA LEU A 3079 -11.23 4.94 66.52
C LEU A 3079 -10.66 4.97 67.93
N ARG A 3080 -11.13 4.08 68.80
CA ARG A 3080 -10.65 4.07 70.18
C ARG A 3080 -9.31 3.35 70.33
N HIS A 3081 -8.89 2.62 69.30
CA HIS A 3081 -7.63 1.88 69.32
C HIS A 3081 -6.83 2.14 68.05
N GLY A 3082 -6.65 3.42 67.70
CA GLY A 3082 -5.93 3.75 66.49
C GLY A 3082 -4.52 3.19 66.42
N ASP A 3083 -3.91 2.92 67.58
CA ASP A 3083 -2.59 2.31 67.62
C ASP A 3083 -2.59 0.90 67.05
N PHE A 3084 -3.75 0.22 67.03
CA PHE A 3084 -3.82 -1.11 66.46
C PHE A 3084 -3.65 -1.07 64.95
N LEU A 3085 -4.26 -0.10 64.27
CA LEU A 3085 -4.19 -0.04 62.82
C LEU A 3085 -2.79 0.33 62.35
N SER A 3086 -2.07 1.16 63.12
CA SER A 3086 -0.69 1.45 62.78
C SER A 3086 0.17 0.20 62.87
N PHE A 3087 -0.08 -0.64 63.88
CA PHE A 3087 0.63 -1.92 63.99
C PHE A 3087 0.36 -2.81 62.78
N LEU A 3088 -0.91 -2.88 62.37
CA LEU A 3088 -1.26 -3.70 61.21
C LEU A 3088 -0.60 -3.16 59.95
N LEU A 3089 -0.59 -1.83 59.79
CA LEU A 3089 0.03 -1.22 58.60
C LEU A 3089 1.53 -1.46 58.60
N ASN A 3090 2.18 -1.40 59.76
CA ASN A 3090 3.59 -1.70 59.85
C ASN A 3090 3.87 -3.17 59.50
N GLY A 3091 3.03 -4.07 59.98
CA GLY A 3091 3.30 -5.49 59.79
C GLY A 3091 2.95 -6.00 58.40
N VAL A 3092 1.98 -5.37 57.72
CA VAL A 3092 1.46 -5.92 56.48
C VAL A 3092 2.54 -6.02 55.41
N PHE A 3093 3.57 -5.19 55.49
CA PHE A 3093 4.67 -5.27 54.54
C PHE A 3093 5.43 -6.58 54.63
N HIS A 3094 5.31 -7.30 55.76
CA HIS A 3094 6.03 -8.54 55.99
C HIS A 3094 5.13 -9.76 56.07
N PHE A 3095 3.82 -9.59 56.03
CA PHE A 3095 2.89 -10.71 56.11
C PHE A 3095 2.87 -11.51 54.82
N ALA A 3096 2.47 -12.78 54.93
CA ALA A 3096 2.25 -13.62 53.76
C ALA A 3096 0.85 -13.39 53.19
N GLU A 3097 0.69 -13.78 51.92
CA GLU A 3097 -0.39 -13.24 51.09
C GLU A 3097 -1.77 -13.38 51.72
N GLU A 3098 -2.03 -14.51 52.38
CA GLU A 3098 -3.36 -14.71 52.96
C GLU A 3098 -3.62 -13.78 54.13
N SER A 3099 -2.66 -13.67 55.06
CA SER A 3099 -2.79 -12.68 56.13
C SER A 3099 -2.75 -11.26 55.58
N VAL A 3100 -2.07 -11.05 54.44
CA VAL A 3100 -2.14 -9.77 53.76
C VAL A 3100 -3.58 -9.48 53.35
N ILE A 3101 -4.27 -10.48 52.79
CA ILE A 3101 -5.65 -10.28 52.37
C ILE A 3101 -6.54 -9.98 53.56
N GLN A 3102 -6.36 -10.72 54.66
CA GLN A 3102 -7.17 -10.44 55.84
C GLN A 3102 -6.89 -9.04 56.38
N THR A 3103 -5.63 -8.61 56.36
CA THR A 3103 -5.29 -7.28 56.84
C THR A 3103 -5.90 -6.19 55.97
N LEU A 3104 -5.84 -6.36 54.64
CA LEU A 3104 -6.39 -5.34 53.77
C LEU A 3104 -7.91 -5.32 53.84
N LYS A 3105 -8.53 -6.48 54.08
CA LYS A 3105 -9.98 -6.51 54.29
C LYS A 3105 -10.35 -5.77 55.56
N LEU A 3106 -9.58 -5.98 56.64
CA LEU A 3106 -9.83 -5.25 57.88
C LEU A 3106 -9.66 -3.75 57.67
N LEU A 3107 -8.64 -3.35 56.90
CA LEU A 3107 -8.42 -1.94 56.65
C LEU A 3107 -9.58 -1.36 55.84
N ASN A 3108 -10.06 -2.10 54.83
CA ASN A 3108 -11.20 -1.63 54.05
C ASN A 3108 -12.44 -1.47 54.91
N LEU A 3109 -12.69 -2.43 55.80
CA LEU A 3109 -13.84 -2.32 56.70
C LEU A 3109 -13.66 -1.19 57.70
N ALA A 3110 -12.42 -0.84 58.03
CA ALA A 3110 -12.19 0.28 58.93
C ALA A 3110 -12.63 1.59 58.30
N PHE A 3111 -12.46 1.71 56.98
CA PHE A 3111 -12.86 2.90 56.24
C PHE A 3111 -14.15 2.66 55.45
N TYR A 3112 -15.10 1.94 56.03
CA TYR A 3112 -16.38 1.66 55.38
C TYR A 3112 -17.13 2.94 55.04
N VAL A 3162 -19.71 6.41 59.53
CA VAL A 3162 -18.84 6.99 60.55
C VAL A 3162 -17.65 7.68 59.87
N ASP A 3163 -17.22 8.81 60.44
CA ASP A 3163 -16.04 9.51 59.93
C ASP A 3163 -14.77 8.91 60.54
N MET A 3164 -13.82 8.56 59.67
CA MET A 3164 -12.49 8.11 60.10
C MET A 3164 -11.44 9.20 59.95
N GLU A 3165 -11.82 10.46 60.17
CA GLU A 3165 -10.95 11.59 59.88
C GLU A 3165 -9.63 11.47 60.65
N GLY A 3166 -9.70 11.13 61.94
CA GLY A 3166 -8.49 11.00 62.74
C GLY A 3166 -7.70 9.74 62.49
N VAL A 3167 -8.34 8.70 61.94
CA VAL A 3167 -7.66 7.43 61.73
C VAL A 3167 -6.78 7.44 60.47
N VAL A 3168 -7.07 8.32 59.51
CA VAL A 3168 -6.35 8.30 58.25
C VAL A 3168 -4.87 8.65 58.44
N ASP A 3169 -4.57 9.53 59.41
CA ASP A 3169 -3.21 10.06 59.55
C ASP A 3169 -2.17 9.01 59.91
N ILE A 3170 -2.58 7.75 60.07
CA ILE A 3170 -1.63 6.68 60.35
C ILE A 3170 -0.66 6.50 59.19
N PHE A 3171 -1.17 6.50 57.96
CA PHE A 3171 -0.33 6.25 56.80
C PHE A 3171 0.70 7.33 56.55
N SER A 3172 0.46 8.56 57.01
CA SER A 3172 1.38 9.66 56.79
C SER A 3172 2.59 9.63 57.72
N ALA A 3173 2.76 8.56 58.50
CA ALA A 3173 3.90 8.45 59.39
C ALA A 3173 5.20 8.37 58.59
N ASN A 3174 6.29 8.84 59.21
CA ASN A 3174 7.60 8.86 58.59
C ASN A 3174 7.59 9.70 57.31
N CYS A 3175 6.87 10.82 57.36
CA CYS A 3175 6.78 11.79 56.26
C CYS A 3175 6.27 11.14 54.97
N GLY A 3176 5.30 10.24 55.09
CA GLY A 3176 4.73 9.60 53.92
C GLY A 3176 5.54 8.47 53.34
N ASP A 3177 6.66 8.09 53.98
CA ASP A 3177 7.44 6.97 53.49
C ASP A 3177 6.64 5.67 53.56
N LEU A 3178 5.89 5.49 54.65
CA LEU A 3178 5.09 4.28 54.82
C LEU A 3178 4.01 4.19 53.75
N LEU A 3179 3.36 5.31 53.43
CA LEU A 3179 2.35 5.32 52.38
C LEU A 3179 2.94 4.99 51.02
N ARG A 3180 4.12 5.56 50.71
CA ARG A 3180 4.77 5.25 49.44
C ARG A 3180 5.18 3.78 49.36
N GLN A 3181 5.66 3.23 50.48
CA GLN A 3181 5.98 1.81 50.52
C GLN A 3181 4.73 0.97 50.27
N PHE A 3182 3.61 1.35 50.89
CA PHE A 3182 2.34 0.67 50.64
C PHE A 3182 2.01 0.69 49.16
N ILE A 3183 2.07 1.88 48.55
CA ILE A 3183 1.72 2.01 47.13
C ILE A 3183 2.62 1.12 46.28
N ASP A 3184 3.94 1.24 46.48
CA ASP A 3184 4.89 0.53 45.63
C ASP A 3184 4.74 -0.98 45.78
N PHE A 3185 4.63 -1.46 47.02
CA PHE A 3185 4.55 -2.89 47.25
C PHE A 3185 3.22 -3.46 46.79
N PHE A 3186 2.16 -2.63 46.81
CA PHE A 3186 0.82 -3.17 46.75
C PHE A 3186 0.13 -2.96 45.41
N LEU A 3187 0.08 -1.72 44.91
CA LEU A 3187 -0.68 -1.43 43.71
C LEU A 3187 0.11 -1.71 42.45
N LEU A 3188 1.43 -1.91 42.57
CA LEU A 3188 2.29 -2.16 41.44
C LEU A 3188 3.06 -3.47 41.53
N GLU A 3189 3.82 -3.67 42.62
CA GLU A 3189 4.79 -4.77 42.65
C GLU A 3189 4.15 -6.15 42.79
N TRP A 3190 3.16 -6.30 43.66
CA TRP A 3190 2.60 -7.63 43.92
C TRP A 3190 1.94 -8.17 42.65
N ASN A 3191 2.31 -9.39 42.27
CA ASN A 3191 1.82 -10.00 41.04
C ASN A 3191 0.51 -10.75 41.23
N SER A 3192 -0.51 -10.08 41.77
CA SER A 3192 -1.82 -10.69 41.96
C SER A 3192 -2.87 -9.62 41.68
N SER A 3193 -3.80 -9.93 40.78
CA SER A 3193 -4.84 -8.97 40.43
C SER A 3193 -5.74 -8.64 41.62
N SER A 3194 -6.09 -9.66 42.41
CA SER A 3194 -7.01 -9.43 43.52
C SER A 3194 -6.40 -8.51 44.58
N VAL A 3195 -5.13 -8.71 44.91
CA VAL A 3195 -4.49 -7.87 45.92
C VAL A 3195 -4.37 -6.44 45.41
N ARG A 3196 -4.11 -6.28 44.12
CA ARG A 3196 -4.00 -4.92 43.56
C ARG A 3196 -5.35 -4.22 43.57
N THR A 3197 -6.42 -4.94 43.22
CA THR A 3197 -7.76 -4.35 43.28
C THR A 3197 -8.14 -3.99 44.73
N GLU A 3198 -7.81 -4.86 45.68
CA GLU A 3198 -8.12 -4.57 47.08
C GLU A 3198 -7.31 -3.38 47.59
N ALA A 3199 -6.04 -3.28 47.19
CA ALA A 3199 -5.25 -2.10 47.55
C ALA A 3199 -5.84 -0.85 46.94
N LYS A 3200 -6.35 -0.94 45.71
CA LYS A 3200 -7.00 0.21 45.07
C LYS A 3200 -8.23 0.63 45.86
N SER A 3201 -9.02 -0.34 46.31
CA SER A 3201 -10.20 -0.03 47.12
C SER A 3201 -9.80 0.61 48.45
N VAL A 3202 -8.72 0.11 49.06
CA VAL A 3202 -8.23 0.69 50.30
C VAL A 3202 -7.80 2.13 50.09
N ILE A 3203 -7.10 2.39 49.00
CA ILE A 3203 -6.64 3.75 48.71
C ILE A 3203 -7.83 4.67 48.43
N TYR A 3204 -8.86 4.14 47.75
CA TYR A 3204 -10.05 4.94 47.51
C TYR A 3204 -10.77 5.28 48.81
N GLY A 3205 -10.83 4.31 49.73
CA GLY A 3205 -11.40 4.60 51.05
C GLY A 3205 -10.58 5.63 51.81
N LEU A 3206 -9.26 5.55 51.71
CA LEU A 3206 -8.39 6.56 52.30
C LEU A 3206 -8.68 7.93 51.72
N TRP A 3207 -8.86 7.99 50.40
CA TRP A 3207 -9.16 9.26 49.74
C TRP A 3207 -10.50 9.81 50.18
N HIS A 3208 -11.48 8.93 50.37
CA HIS A 3208 -12.82 9.38 50.75
C HIS A 3208 -12.86 9.87 52.20
N HIS A 3209 -12.24 9.11 53.11
CA HIS A 3209 -12.30 9.45 54.54
C HIS A 3209 -11.16 10.35 54.99
N GLY A 3210 -10.22 10.69 54.11
CA GLY A 3210 -9.02 11.38 54.55
C GLY A 3210 -9.24 12.87 54.73
N ARG A 3211 -8.34 13.47 55.51
CA ARG A 3211 -8.27 14.92 55.60
C ARG A 3211 -7.80 15.48 54.26
N HIS A 3212 -8.05 16.76 54.02
CA HIS A 3212 -7.69 17.37 52.75
C HIS A 3212 -6.20 17.27 52.50
N SER A 3213 -5.39 17.61 53.52
CA SER A 3213 -3.95 17.46 53.40
C SER A 3213 -3.58 16.01 53.14
N PHE A 3214 -4.26 15.08 53.80
CA PHE A 3214 -3.98 13.67 53.54
C PHE A 3214 -4.43 13.26 52.14
N LYS A 3215 -5.49 13.86 51.62
CA LYS A 3215 -5.88 13.58 50.25
C LYS A 3215 -4.77 14.01 49.29
N GLU A 3216 -4.21 15.20 49.51
CA GLU A 3216 -3.09 15.63 48.68
C GLU A 3216 -1.89 14.70 48.82
N SER A 3217 -1.57 14.32 50.06
CA SER A 3217 -0.41 13.47 50.28
C SER A 3217 -0.58 12.09 49.64
N LEU A 3218 -1.77 11.50 49.76
CA LEU A 3218 -1.99 10.16 49.22
C LEU A 3218 -2.00 10.18 47.69
N LEU A 3219 -2.62 11.19 47.09
CA LEU A 3219 -2.62 11.22 45.64
C LEU A 3219 -1.24 11.60 45.11
N ALA A 3220 -0.47 12.37 45.88
CA ALA A 3220 0.92 12.63 45.53
C ALA A 3220 1.75 11.35 45.58
N ALA A 3221 1.51 10.52 46.58
CA ALA A 3221 2.11 9.18 46.58
C ALA A 3221 1.69 8.40 45.33
N LEU A 3222 0.46 8.62 44.87
CA LEU A 3222 -0.01 7.91 43.69
C LEU A 3222 0.72 8.37 42.42
N LEU A 3223 0.79 9.68 42.17
CA LEU A 3223 1.29 10.13 40.88
C LEU A 3223 2.81 10.04 40.80
N GLN A 3224 3.47 9.80 41.93
CA GLN A 3224 4.93 9.71 41.95
C GLN A 3224 5.44 8.47 41.24
N LYS A 3225 4.56 7.52 40.90
CA LYS A 3225 4.96 6.28 40.26
C LYS A 3225 4.77 6.31 38.75
N VAL A 3226 4.54 7.49 38.17
CA VAL A 3226 4.32 7.58 36.73
C VAL A 3226 5.55 7.09 35.96
N ARG A 3227 6.74 7.51 36.39
CA ARG A 3227 7.96 7.13 35.70
C ARG A 3227 8.25 5.63 35.84
N TYR A 3228 7.73 4.97 36.87
CA TYR A 3228 7.92 3.55 37.05
C TYR A 3228 6.77 2.71 36.49
N LEU A 3229 5.67 3.34 36.08
CA LEU A 3229 4.54 2.60 35.52
C LEU A 3229 4.90 1.67 34.36
N PRO A 3230 5.66 2.08 33.34
CA PRO A 3230 5.84 1.19 32.18
C PRO A 3230 6.53 -0.12 32.50
N ALA A 3231 7.27 -0.19 33.59
CA ALA A 3231 8.07 -1.37 33.91
C ALA A 3231 7.27 -2.50 34.53
N TYR A 3232 5.99 -2.28 34.84
CA TYR A 3232 5.20 -3.23 35.61
C TYR A 3232 4.21 -4.02 34.77
N GLY A 3233 4.18 -3.82 33.46
CA GLY A 3233 3.34 -4.65 32.60
C GLY A 3233 1.86 -4.40 32.82
N GLN A 3234 1.09 -5.50 32.83
CA GLN A 3234 -0.36 -5.41 32.93
C GLN A 3234 -0.85 -5.09 34.33
N ASN A 3235 0.04 -5.09 35.33
CA ASN A 3235 -0.37 -4.83 36.70
C ASN A 3235 -0.82 -3.39 36.94
N ILE A 3236 -0.59 -2.49 35.98
CA ILE A 3236 -0.93 -1.08 36.15
C ILE A 3236 -2.40 -0.79 35.92
N VAL A 3237 -3.21 -1.79 35.56
CA VAL A 3237 -4.60 -1.53 35.21
C VAL A 3237 -5.37 -0.98 36.40
N GLU A 3238 -5.29 -1.66 37.55
CA GLU A 3238 -6.03 -1.22 38.72
C GLU A 3238 -5.58 0.14 39.20
N TYR A 3239 -4.26 0.39 39.19
CA TYR A 3239 -3.74 1.69 39.57
C TYR A 3239 -4.31 2.79 38.69
N THR A 3240 -4.36 2.55 37.38
CA THR A 3240 -4.80 3.58 36.46
C THR A 3240 -6.31 3.81 36.57
N GLU A 3241 -7.09 2.76 36.79
CA GLU A 3241 -8.51 2.97 37.04
C GLU A 3241 -8.74 3.78 38.31
N LEU A 3242 -7.97 3.48 39.37
CA LEU A 3242 -8.07 4.27 40.59
C LEU A 3242 -7.71 5.73 40.33
N VAL A 3243 -6.63 5.96 39.57
CA VAL A 3243 -6.21 7.33 39.28
C VAL A 3243 -7.28 8.06 38.48
N SER A 3244 -7.86 7.39 37.49
CA SER A 3244 -8.91 8.01 36.69
C SER A 3244 -10.13 8.35 37.54
N LEU A 3245 -10.50 7.44 38.46
CA LEU A 3245 -11.65 7.71 39.32
C LEU A 3245 -11.38 8.86 40.28
N LEU A 3246 -10.15 8.96 40.78
CA LEU A 3246 -9.81 10.02 41.73
C LEU A 3246 -9.68 11.37 41.06
N LEU A 3247 -9.04 11.44 39.89
CA LEU A 3247 -8.88 12.72 39.21
C LEU A 3247 -10.15 13.20 38.53
N ASP A 3248 -11.14 12.34 38.39
CA ASP A 3248 -12.40 12.73 37.76
C ASP A 3248 -13.08 13.81 38.57
N LYS A 3249 -13.55 14.85 37.88
CA LYS A 3249 -14.22 15.96 38.55
C LYS A 3249 -15.68 15.60 38.80
N ALA A 3250 -16.09 15.61 40.07
CA ALA A 3250 -17.46 15.28 40.43
C ALA A 3250 -18.24 16.55 40.77
N SER A 3255 -19.74 20.88 48.13
CA SER A 3255 -18.83 20.31 49.11
C SER A 3255 -17.60 19.70 48.43
N LYS A 3256 -17.74 19.40 47.13
CA LYS A 3256 -16.66 18.79 46.37
C LYS A 3256 -15.74 19.81 45.71
N GLN A 3257 -16.01 21.10 45.87
CA GLN A 3257 -15.16 22.12 45.24
C GLN A 3257 -13.75 22.11 45.83
N ALA A 3258 -13.64 21.91 47.15
CA ALA A 3258 -12.32 21.86 47.77
C ALA A 3258 -11.52 20.67 47.28
N ILE A 3259 -12.17 19.51 47.10
CA ILE A 3259 -11.47 18.33 46.61
C ILE A 3259 -10.91 18.58 45.21
N ASN A 3260 -11.68 19.21 44.34
CA ASN A 3260 -11.17 19.58 43.03
C ASN A 3260 -10.00 20.56 43.16
N GLU A 3261 -10.03 21.41 44.19
CA GLU A 3261 -8.91 22.31 44.43
C GLU A 3261 -7.65 21.54 44.79
N LEU A 3262 -7.78 20.52 45.65
CA LEU A 3262 -6.63 19.67 45.95
C LEU A 3262 -6.12 18.95 44.71
N VAL A 3263 -7.04 18.45 43.88
CA VAL A 3263 -6.64 17.76 42.66
C VAL A 3263 -5.86 18.70 41.75
N ASP A 3264 -6.35 19.93 41.58
CA ASP A 3264 -5.65 20.90 40.76
C ASP A 3264 -4.28 21.27 41.33
N ARG A 3265 -4.20 21.46 42.65
CA ARG A 3265 -2.93 21.81 43.27
C ARG A 3265 -1.90 20.71 43.10
N CYS A 3266 -2.32 19.45 43.27
CA CYS A 3266 -1.36 18.35 43.23
C CYS A 3266 -0.88 18.07 41.80
N LEU A 3267 -1.78 18.14 40.82
CA LEU A 3267 -1.39 17.91 39.44
C LEU A 3267 -0.46 19.03 38.96
N ASN A 3268 0.60 18.62 38.26
CA ASN A 3268 1.60 19.57 37.77
C ASN A 3268 1.91 19.21 36.32
N PRO A 3269 2.36 20.18 35.53
CA PRO A 3269 2.64 19.88 34.10
C PRO A 3269 3.67 18.80 33.89
N ASP A 3270 4.54 18.57 34.87
CA ASP A 3270 5.55 17.53 34.74
C ASP A 3270 4.92 16.16 34.54
N VAL A 3271 3.82 15.88 35.24
CA VAL A 3271 3.18 14.57 35.13
C VAL A 3271 2.70 14.33 33.70
N ILE A 3272 2.04 15.33 33.12
CA ILE A 3272 1.56 15.20 31.74
C ILE A 3272 2.74 15.10 30.78
N ARG A 3273 3.82 15.84 31.05
CA ARG A 3273 4.99 15.75 30.18
C ARG A 3273 5.58 14.34 30.18
N CYS A 3274 5.70 13.74 31.36
CA CYS A 3274 6.17 12.35 31.43
C CYS A 3274 5.20 11.39 30.75
N PHE A 3275 3.89 11.60 30.92
CA PHE A 3275 2.92 10.77 30.22
C PHE A 3275 3.18 10.79 28.72
N PHE A 3276 3.27 12.00 28.16
CA PHE A 3276 3.48 12.15 26.72
C PHE A 3276 4.81 11.54 26.30
N GLU A 3277 5.86 11.74 27.10
CA GLU A 3277 7.18 11.24 26.72
C GLU A 3277 7.23 9.72 26.71
N THR A 3278 6.68 9.07 27.73
CA THR A 3278 6.66 7.61 27.74
C THR A 3278 5.77 7.06 26.63
N LEU A 3279 4.64 7.72 26.36
CA LEU A 3279 3.81 7.27 25.24
C LEU A 3279 4.58 7.34 23.92
N HIS A 3280 5.28 8.46 23.70
CA HIS A 3280 6.05 8.61 22.47
C HIS A 3280 7.16 7.58 22.40
N SER A 3281 7.84 7.32 23.52
CA SER A 3281 8.94 6.36 23.52
C SER A 3281 8.44 4.95 23.21
N GLN A 3282 7.32 4.54 23.82
CA GLN A 3282 6.80 3.21 23.55
C GLN A 3282 6.27 3.09 22.12
N ASN A 3283 5.63 4.14 21.59
CA ASN A 3283 5.18 4.08 20.21
C ASN A 3283 6.35 4.03 19.24
N GLU A 3284 7.43 4.76 19.54
CA GLU A 3284 8.64 4.67 18.74
C GLU A 3284 9.24 3.28 18.79
N LEU A 3285 9.23 2.66 19.97
CA LEU A 3285 9.74 1.30 20.11
C LEU A 3285 8.93 0.32 19.27
N ILE A 3286 7.60 0.49 19.28
CA ILE A 3286 6.74 -0.39 18.48
C ILE A 3286 6.99 -0.19 16.99
N ALA A 3287 7.05 1.08 16.57
CA ALA A 3287 7.16 1.38 15.15
C ALA A 3287 8.53 0.96 14.60
N ASN A 3288 9.60 1.24 15.34
CA ASN A 3288 10.96 0.96 14.90
C ASN A 3288 11.38 -0.48 15.17
N HIS A 3289 10.44 -1.31 15.65
CA HIS A 3289 10.77 -2.69 15.97
C HIS A 3289 11.11 -3.47 14.70
N PRO A 3290 12.19 -4.25 14.69
CA PRO A 3290 12.53 -5.02 13.49
C PRO A 3290 11.46 -6.02 13.09
N ASN A 3291 10.66 -6.48 14.04
CA ASN A 3291 9.65 -7.50 13.78
C ASN A 3291 8.26 -6.91 13.56
N SER A 3292 8.13 -5.58 13.45
CA SER A 3292 6.82 -4.98 13.26
C SER A 3292 6.19 -5.43 11.95
N ARG A 3293 6.97 -5.43 10.87
CA ARG A 3293 6.46 -5.88 9.59
C ARG A 3293 6.14 -7.37 9.61
N ILE A 3294 6.98 -8.17 10.27
CA ILE A 3294 6.73 -9.60 10.35
C ILE A 3294 5.44 -9.87 11.12
N TYR A 3295 5.23 -9.15 12.22
CA TYR A 3295 4.00 -9.31 12.99
C TYR A 3295 2.78 -8.86 12.20
N SER A 3296 2.90 -7.74 11.48
CA SER A 3296 1.76 -7.25 10.71
C SER A 3296 1.39 -8.21 9.59
N THR A 3297 2.39 -8.79 8.91
CA THR A 3297 2.10 -9.74 7.85
C THR A 3297 1.57 -11.06 8.40
N LEU A 3298 2.19 -11.58 9.46
CA LEU A 3298 1.80 -12.87 10.00
C LEU A 3298 0.41 -12.81 10.63
N GLY A 3299 0.01 -11.64 11.13
CA GLY A 3299 -1.28 -11.52 11.78
C GLY A 3299 -2.45 -11.79 10.86
N ASN A 3300 -2.35 -11.36 9.60
CA ASN A 3300 -3.44 -11.51 8.65
C ASN A 3300 -3.44 -12.86 7.94
N LEU A 3301 -2.43 -13.69 8.16
CA LEU A 3301 -2.31 -14.96 7.46
C LEU A 3301 -2.51 -16.18 8.35
N VAL A 3302 -1.94 -16.15 9.56
CA VAL A 3302 -1.88 -17.31 10.42
C VAL A 3302 -2.69 -17.02 11.69
N GLU A 3303 -2.92 -18.05 12.49
CA GLU A 3303 -3.57 -17.90 13.79
C GLU A 3303 -2.59 -17.19 14.72
N PHE A 3304 -2.71 -15.87 14.80
CA PHE A 3304 -1.73 -15.03 15.49
C PHE A 3304 -2.20 -14.82 16.92
N ASP A 3305 -1.48 -15.43 17.88
CA ASP A 3305 -1.79 -15.29 19.29
C ASP A 3305 -0.55 -15.06 20.16
N GLY A 3306 0.45 -14.37 19.64
CA GLY A 3306 1.61 -14.05 20.44
C GLY A 3306 2.71 -13.44 19.61
N TYR A 3307 3.72 -12.93 20.31
CA TYR A 3307 4.90 -12.33 19.70
C TYR A 3307 6.12 -13.10 20.22
N TYR A 3308 6.52 -14.14 19.49
CA TYR A 3308 7.63 -14.99 19.90
C TYR A 3308 8.97 -14.58 19.29
N LEU A 3309 9.00 -13.54 18.46
CA LEU A 3309 10.23 -13.12 17.83
C LEU A 3309 10.95 -12.03 18.62
N GLU A 3310 10.44 -11.68 19.80
CA GLU A 3310 11.08 -10.67 20.63
C GLU A 3310 12.43 -11.17 21.13
N SER A 3311 13.44 -10.31 21.07
CA SER A 3311 14.79 -10.65 21.50
C SER A 3311 14.93 -10.51 23.02
N LYS A 3328 -1.81 -33.95 37.39
CA LYS A 3328 -1.76 -35.31 37.89
C LYS A 3328 -0.37 -35.66 38.46
N LEU A 3329 -0.32 -36.78 39.19
CA LEU A 3329 0.92 -37.23 39.81
C LEU A 3329 1.97 -37.63 38.76
N GLU A 3330 1.54 -38.33 37.71
CA GLU A 3330 2.50 -38.82 36.72
C GLU A 3330 3.20 -37.69 35.98
N SER A 3331 2.46 -36.64 35.63
CA SER A 3331 3.05 -35.53 34.90
C SER A 3331 3.98 -34.69 35.76
N LEU A 3332 3.78 -34.69 37.08
CA LEU A 3332 4.63 -33.93 37.98
C LEU A 3332 5.86 -34.71 38.42
N LYS A 3333 5.79 -36.03 38.42
CA LYS A 3333 6.87 -36.85 38.95
C LYS A 3333 8.05 -36.91 37.99
N SER A 3334 9.25 -36.98 38.54
CA SER A 3334 10.48 -37.25 37.79
C SER A 3334 11.20 -38.49 38.31
N GLU A 3335 11.13 -38.73 39.62
CA GLU A 3335 11.68 -39.92 40.24
C GLU A 3335 10.75 -40.33 41.38
N THR A 3336 10.53 -41.64 41.51
CA THR A 3336 9.63 -42.14 42.53
C THR A 3336 10.23 -43.37 43.19
N LYS A 3337 10.09 -43.46 44.51
CA LYS A 3337 10.52 -44.61 45.28
C LYS A 3337 9.39 -45.06 46.19
N PHE A 3338 9.34 -46.36 46.47
CA PHE A 3338 8.27 -46.96 47.25
C PHE A 3338 8.85 -47.84 48.35
N THR A 3339 8.07 -48.01 49.40
CA THR A 3339 8.35 -48.95 50.48
C THR A 3339 7.06 -49.69 50.84
N ASP A 3340 7.09 -50.36 52.00
CA ASP A 3340 5.92 -51.13 52.43
C ASP A 3340 4.69 -50.24 52.61
N ASN A 3341 4.86 -49.01 53.11
CA ASN A 3341 3.72 -48.16 53.39
C ASN A 3341 3.95 -46.70 53.01
N ARG A 3342 5.09 -46.36 52.39
CA ARG A 3342 5.39 -44.97 52.07
C ARG A 3342 5.73 -44.82 50.60
N ILE A 3343 5.38 -43.67 50.05
CA ILE A 3343 5.66 -43.33 48.65
C ILE A 3343 6.40 -41.99 48.65
N ILE A 3344 7.66 -42.03 48.21
CA ILE A 3344 8.52 -40.85 48.16
C ILE A 3344 8.60 -40.40 46.71
N VAL A 3345 8.25 -39.16 46.45
CA VAL A 3345 8.16 -38.64 45.08
C VAL A 3345 9.03 -37.40 44.96
N LYS A 3346 9.87 -37.39 43.93
CA LYS A 3346 10.62 -36.19 43.55
C LYS A 3346 10.01 -35.60 42.29
N CYS A 3347 9.66 -34.32 42.35
CA CYS A 3347 9.04 -33.66 41.22
C CYS A 3347 10.10 -33.13 40.26
N THR A 3348 9.65 -32.76 39.05
CA THR A 3348 10.52 -32.12 38.08
C THR A 3348 10.95 -30.73 38.51
N GLY A 3349 10.28 -30.14 39.50
CA GLY A 3349 10.64 -28.83 39.97
C GLY A 3349 9.84 -28.47 41.20
N SER A 3350 9.98 -27.23 41.63
CA SER A 3350 9.24 -26.74 42.79
C SER A 3350 7.80 -26.42 42.40
N TYR A 3351 6.86 -26.90 43.21
CA TYR A 3351 5.43 -26.69 42.97
C TYR A 3351 4.74 -26.31 44.26
N THR A 3352 3.95 -25.25 44.22
CA THR A 3352 3.17 -24.79 45.37
C THR A 3352 1.78 -25.41 45.30
N ILE A 3353 1.51 -26.37 46.18
CA ILE A 3353 0.30 -27.17 46.15
C ILE A 3353 -0.65 -26.64 47.20
N GLN A 3354 -1.88 -26.32 46.78
CA GLN A 3354 -2.89 -25.84 47.71
C GLN A 3354 -3.74 -26.98 48.27
N SER A 3355 -3.93 -28.06 47.51
CA SER A 3355 -4.69 -29.20 48.00
C SER A 3355 -4.31 -30.45 47.22
N VAL A 3356 -4.50 -31.59 47.88
CA VAL A 3356 -4.23 -32.91 47.31
C VAL A 3356 -5.48 -33.77 47.45
N THR A 3357 -5.95 -34.31 46.33
CA THR A 3357 -7.12 -35.18 46.30
C THR A 3357 -6.71 -36.55 45.79
N MET A 3358 -7.15 -37.59 46.49
CA MET A 3358 -6.81 -38.98 46.15
C MET A 3358 -8.06 -39.74 45.76
N VAL A 3369 -7.37 -47.84 53.93
CA VAL A 3369 -6.48 -46.92 54.60
C VAL A 3369 -7.24 -46.19 55.70
N LYS A 3370 -6.65 -46.15 56.90
CA LYS A 3370 -7.26 -45.51 58.06
C LYS A 3370 -6.68 -44.14 58.36
N VAL A 3371 -5.36 -44.03 58.47
CA VAL A 3371 -4.69 -42.76 58.75
C VAL A 3371 -3.73 -42.46 57.60
N LEU A 3372 -3.82 -41.24 57.07
CA LEU A 3372 -3.03 -40.81 55.94
C LEU A 3372 -2.24 -39.57 56.32
N ASN A 3373 -0.93 -39.65 56.28
CA ASN A 3373 -0.05 -38.55 56.66
C ASN A 3373 0.69 -38.04 55.43
N LEU A 3374 0.75 -36.71 55.30
CA LEU A 3374 1.41 -36.06 54.17
C LEU A 3374 2.61 -35.27 54.67
N TYR A 3375 3.73 -35.43 53.98
CA TYR A 3375 4.97 -34.72 54.30
C TYR A 3375 5.50 -34.04 53.03
N TYR A 3376 6.25 -32.96 53.22
CA TYR A 3376 6.74 -32.19 52.09
C TYR A 3376 8.03 -31.48 52.46
N ASN A 3377 8.84 -31.21 51.44
CA ASN A 3377 10.02 -30.38 51.59
C ASN A 3377 10.36 -29.78 50.23
N ASN A 3378 10.98 -28.59 50.25
CA ASN A 3378 11.36 -27.90 49.03
C ASN A 3378 12.88 -27.80 48.88
N ARG A 3379 13.61 -28.76 49.45
CA ARG A 3379 15.06 -28.78 49.31
C ARG A 3379 15.43 -29.47 47.99
N PRO A 3380 16.12 -28.79 47.08
CA PRO A 3380 16.53 -29.45 45.83
C PRO A 3380 17.47 -30.61 46.11
N VAL A 3381 17.20 -31.74 45.47
CA VAL A 3381 17.93 -32.98 45.75
C VAL A 3381 18.29 -33.66 44.43
N SER A 3382 19.46 -34.29 44.40
CA SER A 3382 19.90 -34.98 43.20
C SER A 3382 19.16 -36.29 43.00
N ASP A 3383 18.94 -37.05 44.07
CA ASP A 3383 18.25 -38.32 44.00
C ASP A 3383 17.49 -38.57 45.29
N LEU A 3384 16.53 -39.50 45.23
CA LEU A 3384 15.65 -39.77 46.36
C LEU A 3384 16.32 -40.55 47.47
N SER A 3385 17.53 -41.07 47.26
CA SER A 3385 18.19 -41.85 48.30
C SER A 3385 18.52 -40.99 49.51
N GLU A 3386 18.99 -39.76 49.28
CA GLU A 3386 19.36 -38.90 50.40
C GLU A 3386 18.16 -38.46 51.23
N LEU A 3387 16.97 -38.49 50.65
CA LEU A 3387 15.75 -38.17 51.39
C LEU A 3387 15.03 -39.39 51.94
N LYS A 3388 15.36 -40.58 51.44
CA LYS A 3388 14.67 -41.79 51.90
C LYS A 3388 15.00 -42.10 53.36
N ASN A 3389 16.25 -41.91 53.76
CA ASN A 3389 16.70 -42.33 55.08
C ASN A 3389 16.81 -41.18 56.08
N ASN A 3390 16.68 -39.93 55.63
CA ASN A 3390 16.76 -38.77 56.53
C ASN A 3390 15.37 -38.21 56.72
N TRP A 3391 14.71 -38.67 57.79
CA TRP A 3391 13.35 -38.21 58.10
C TRP A 3391 13.33 -36.76 58.58
N SER A 3392 14.44 -36.27 59.15
CA SER A 3392 14.46 -34.91 59.69
C SER A 3392 14.25 -33.86 58.60
N LEU A 3393 14.44 -34.21 57.34
CA LEU A 3393 14.26 -33.27 56.25
C LEU A 3393 12.82 -33.17 55.77
N TRP A 3394 11.90 -33.93 56.36
CA TRP A 3394 10.50 -33.91 55.95
C TRP A 3394 9.67 -33.09 56.93
N LYS A 3395 8.83 -32.22 56.39
CA LYS A 3395 7.94 -31.39 57.19
C LYS A 3395 6.52 -31.92 57.09
N ARG A 3396 5.87 -32.09 58.23
CA ARG A 3396 4.51 -32.63 58.26
C ARG A 3396 3.52 -31.54 57.89
N ALA A 3397 2.81 -31.73 56.78
CA ALA A 3397 1.84 -30.73 56.33
C ALA A 3397 0.49 -30.93 57.01
N LYS A 3398 -0.11 -32.11 56.83
CA LYS A 3398 -1.42 -32.38 57.40
C LYS A 3398 -1.58 -33.86 57.66
N SER A 3399 -2.39 -34.18 58.67
CA SER A 3399 -2.77 -35.55 59.00
C SER A 3399 -4.27 -35.69 58.79
N CYS A 3400 -4.66 -36.73 58.06
CA CYS A 3400 -6.04 -36.96 57.67
C CYS A 3400 -6.51 -38.32 58.17
N HIS A 3401 -7.75 -38.36 58.67
CA HIS A 3401 -8.36 -39.59 59.16
C HIS A 3401 -9.43 -40.05 58.18
N LEU A 3402 -9.37 -41.31 57.79
CA LEU A 3402 -10.25 -41.87 56.78
C LEU A 3402 -11.22 -42.88 57.40
N SER A 3403 -12.45 -42.86 56.91
CA SER A 3403 -13.43 -43.86 57.29
C SER A 3403 -13.15 -45.17 56.56
N PHE A 3404 -13.87 -46.22 56.96
CA PHE A 3404 -13.69 -47.53 56.36
C PHE A 3404 -14.12 -47.51 54.90
N ASN A 3405 -13.25 -48.04 54.03
CA ASN A 3405 -13.51 -48.13 52.59
C ASN A 3405 -13.82 -46.76 51.99
N GLN A 3406 -13.12 -45.73 52.44
CA GLN A 3406 -13.28 -44.40 51.85
C GLN A 3406 -12.44 -44.29 50.58
N THR A 3407 -13.11 -44.12 49.44
CA THR A 3407 -12.44 -44.11 48.14
C THR A 3407 -11.95 -42.73 47.72
N GLU A 3408 -12.45 -41.66 48.33
CA GLU A 3408 -12.07 -40.31 47.96
C GLU A 3408 -11.73 -39.52 49.21
N LEU A 3409 -10.66 -38.74 49.15
CA LEU A 3409 -10.24 -37.89 50.25
C LEU A 3409 -9.66 -36.61 49.67
N LYS A 3410 -10.29 -35.48 49.99
CA LYS A 3410 -9.82 -34.17 49.56
C LYS A 3410 -9.12 -33.50 50.73
N VAL A 3411 -7.84 -33.21 50.57
CA VAL A 3411 -7.01 -32.60 51.60
C VAL A 3411 -6.67 -31.19 51.16
N GLU A 3412 -7.21 -30.20 51.85
CA GLU A 3412 -6.96 -28.80 51.54
C GLU A 3412 -6.02 -28.21 52.57
N PHE A 3413 -5.07 -27.41 52.10
CA PHE A 3413 -4.10 -26.76 52.96
C PHE A 3413 -4.49 -25.32 53.20
N PRO A 3414 -4.68 -24.90 54.45
CA PRO A 3414 -5.01 -23.49 54.71
C PRO A 3414 -3.95 -22.53 54.20
N ILE A 3415 -2.69 -22.91 54.24
CA ILE A 3415 -1.60 -22.15 53.64
C ILE A 3415 -0.93 -23.04 52.61
N PRO A 3416 -0.78 -22.60 51.36
CA PRO A 3416 -0.19 -23.45 50.33
C PRO A 3416 1.23 -23.87 50.70
N ILE A 3417 1.57 -25.12 50.37
CA ILE A 3417 2.89 -25.65 50.68
C ILE A 3417 3.71 -25.73 49.40
N THR A 3418 4.90 -25.13 49.43
CA THR A 3418 5.85 -25.17 48.32
C THR A 3418 6.82 -26.32 48.57
N ALA A 3419 6.86 -27.28 47.65
CA ALA A 3419 7.67 -28.47 47.84
C ALA A 3419 8.19 -28.99 46.51
N CYS A 3420 9.48 -29.31 46.46
CA CYS A 3420 10.07 -30.03 45.35
C CYS A 3420 10.03 -31.54 45.54
N ASN A 3421 9.80 -32.00 46.77
CA ASN A 3421 9.72 -33.42 47.10
C ASN A 3421 8.63 -33.61 48.14
N PHE A 3422 7.73 -34.55 47.90
CA PHE A 3422 6.66 -34.83 48.85
C PHE A 3422 6.59 -36.33 49.11
N MET A 3423 6.16 -36.67 50.32
CA MET A 3423 6.19 -38.04 50.82
C MET A 3423 4.84 -38.35 51.44
N ILE A 3424 4.16 -39.37 50.90
CA ILE A 3424 2.81 -39.73 51.32
C ILE A 3424 2.89 -41.09 52.00
N GLU A 3425 2.39 -41.16 53.24
CA GLU A 3425 2.49 -42.35 54.07
C GLU A 3425 1.08 -42.83 54.44
N LEU A 3426 0.85 -44.13 54.31
CA LEU A 3426 -0.37 -44.77 54.81
C LEU A 3426 -0.05 -45.33 56.19
N ASP A 3427 -0.26 -44.49 57.21
CA ASP A 3427 0.21 -44.81 58.55
C ASP A 3427 -0.45 -46.06 59.12
N SER A 3428 -1.75 -46.20 58.93
CA SER A 3428 -2.47 -47.34 59.50
C SER A 3428 -3.58 -47.74 58.56
N PHE A 3429 -4.09 -48.95 58.77
CA PHE A 3429 -5.18 -49.49 57.94
C PHE A 3429 -6.30 -50.05 58.81
N ARG A 3493 -5.91 -49.40 43.39
CA ARG A 3493 -5.05 -48.53 42.60
C ARG A 3493 -5.24 -47.09 43.08
N PHE A 3494 -4.15 -46.45 43.49
CA PHE A 3494 -4.21 -45.10 44.03
C PHE A 3494 -3.86 -44.10 42.93
N GLU A 3495 -4.73 -43.12 42.72
CA GLU A 3495 -4.48 -42.02 41.80
C GLU A 3495 -4.45 -40.72 42.58
N PHE A 3496 -3.29 -40.07 42.60
CA PHE A 3496 -3.10 -38.83 43.33
C PHE A 3496 -3.07 -37.67 42.34
N ASN A 3497 -3.99 -36.72 42.51
CA ASN A 3497 -4.13 -35.60 41.59
C ASN A 3497 -4.03 -34.32 42.41
N PHE A 3498 -3.16 -33.41 41.98
CA PHE A 3498 -2.84 -32.20 42.75
C PHE A 3498 -3.18 -30.96 41.94
N MET A 3499 -3.85 -30.00 42.58
CA MET A 3499 -4.08 -28.68 41.98
C MET A 3499 -3.02 -27.72 42.55
N ALA A 3500 -2.24 -27.13 41.63
CA ALA A 3500 -1.04 -26.38 41.99
C ALA A 3500 -0.54 -25.61 40.78
N LYS A 3501 0.48 -24.79 41.00
CA LYS A 3501 1.20 -24.09 39.95
C LYS A 3501 2.69 -24.36 40.05
N PRO A 3502 3.41 -24.28 38.93
CA PRO A 3502 4.87 -24.28 39.01
C PRO A 3502 5.38 -23.07 39.75
N SER A 3503 6.27 -23.30 40.71
CA SER A 3503 6.77 -22.24 41.57
C SER A 3503 8.29 -22.17 41.48
N PHE A 3504 8.79 -20.94 41.40
CA PHE A 3504 10.22 -20.67 41.45
C PHE A 3504 10.65 -20.05 42.77
N ILE A 3505 9.79 -20.08 43.79
CA ILE A 3505 10.17 -19.71 45.14
C ILE A 3505 10.77 -20.93 45.82
N PHE A 3506 12.08 -21.08 45.74
CA PHE A 3506 12.78 -22.23 46.28
C PHE A 3506 13.08 -22.01 47.75
N ASP A 3507 13.38 -23.11 48.46
CA ASP A 3507 13.66 -23.02 49.88
C ASP A 3507 14.82 -22.07 50.16
N ASN A 3508 14.63 -21.24 51.19
CA ASN A 3508 15.71 -20.35 51.60
C ASN A 3508 16.87 -21.19 52.12
N MET A 3509 17.94 -21.22 51.34
CA MET A 3509 19.11 -22.02 51.70
C MET A 3509 19.77 -21.50 52.96
N GLU A 3510 20.37 -22.42 53.72
CA GLU A 3510 20.88 -22.15 55.06
C GLU A 3510 22.39 -22.31 55.19
N ASN A 3511 23.07 -22.93 54.22
CA ASN A 3511 24.50 -23.17 54.31
C ASN A 3511 25.15 -22.89 52.96
N ASP A 3512 26.48 -22.97 52.94
CA ASP A 3512 27.25 -22.65 51.73
C ASP A 3512 27.20 -23.77 50.69
N GLU A 3513 27.06 -25.02 51.11
CA GLU A 3513 26.87 -26.11 50.15
C GLU A 3513 25.65 -25.85 49.26
N ASP A 3514 24.59 -25.30 49.86
CA ASP A 3514 23.39 -25.00 49.10
C ASP A 3514 23.64 -23.91 48.06
N MET A 3515 24.44 -22.88 48.40
CA MET A 3515 24.76 -21.86 47.41
C MET A 3515 25.65 -22.43 46.32
N LYS A 3516 26.51 -23.40 46.66
CA LYS A 3516 27.31 -24.08 45.65
C LYS A 3516 26.42 -24.81 44.66
N LYS A 3517 25.45 -25.58 45.18
CA LYS A 3517 24.51 -26.27 44.30
C LYS A 3517 23.68 -25.27 43.49
N GLY A 3518 23.32 -24.14 44.09
CA GLY A 3518 22.58 -23.13 43.36
C GLY A 3518 23.39 -22.54 42.21
N LEU A 3519 24.68 -22.30 42.43
CA LEU A 3519 25.53 -21.79 41.37
C LEU A 3519 25.70 -22.82 40.26
N ALA A 3520 25.84 -24.10 40.62
CA ALA A 3520 25.88 -25.14 39.61
C ALA A 3520 24.59 -25.17 38.80
N ALA A 3521 23.45 -25.00 39.47
CA ALA A 3521 22.17 -24.92 38.77
C ALA A 3521 22.10 -23.70 37.87
N ILE A 3522 22.67 -22.58 38.31
CA ILE A 3522 22.77 -21.40 37.45
C ILE A 3522 23.51 -21.75 36.17
N GLU A 3523 24.66 -22.40 36.28
CA GLU A 3523 25.44 -22.69 35.09
C GLU A 3523 24.70 -23.66 34.16
N SER A 3524 24.12 -24.72 34.72
CA SER A 3524 23.42 -25.71 33.90
C SER A 3524 22.21 -25.09 33.21
N GLU A 3525 21.42 -24.30 33.94
CA GLU A 3525 20.23 -23.70 33.35
C GLU A 3525 20.60 -22.61 32.35
N SER A 3526 21.72 -21.91 32.57
CA SER A 3526 22.18 -20.96 31.57
C SER A 3526 22.56 -21.65 30.28
N GLU A 3527 23.26 -22.79 30.37
CA GLU A 3527 23.60 -23.54 29.16
C GLU A 3527 22.34 -24.04 28.47
N ASN A 3528 21.37 -24.53 29.24
CA ASN A 3528 20.11 -24.99 28.65
C ASN A 3528 19.38 -23.85 27.96
N ALA A 3529 19.36 -22.68 28.57
CA ALA A 3529 18.71 -21.51 27.98
C ALA A 3529 19.41 -21.08 26.71
N HIS A 3530 20.74 -21.14 26.69
CA HIS A 3530 21.48 -20.81 25.47
C HIS A 3530 21.13 -21.78 24.35
N LYS A 3531 21.06 -23.08 24.66
CA LYS A 3531 20.69 -24.05 23.63
C LYS A 3531 19.28 -23.80 23.11
N ARG A 3532 18.34 -23.50 24.01
CA ARG A 3532 16.96 -23.27 23.60
C ARG A 3532 16.84 -21.98 22.78
N TYR A 3533 17.59 -20.95 23.16
CA TYR A 3533 17.59 -19.71 22.37
C TYR A 3533 18.19 -19.95 20.99
N GLN A 3534 19.22 -20.79 20.92
CA GLN A 3534 19.80 -21.14 19.62
C GLN A 3534 18.80 -21.86 18.73
N GLN A 3535 18.05 -22.81 19.31
CA GLN A 3535 17.05 -23.51 18.51
C GLN A 3535 15.92 -22.56 18.10
N LEU A 3536 15.57 -21.61 18.98
CA LEU A 3536 14.56 -20.62 18.64
C LEU A 3536 14.99 -19.76 17.46
N LEU A 3537 16.26 -19.34 17.46
CA LEU A 3537 16.77 -18.56 16.33
C LEU A 3537 16.82 -19.41 15.06
N GLY A 3538 17.25 -20.66 15.19
CA GLY A 3538 17.34 -21.52 14.03
C GLY A 3538 15.98 -21.81 13.41
N PHE A 3539 14.93 -21.75 14.22
CA PHE A 3539 13.59 -21.85 13.66
C PHE A 3539 13.06 -20.49 13.23
N LYS A 3540 13.61 -19.41 13.78
CA LYS A 3540 13.23 -18.07 13.34
C LYS A 3540 13.64 -17.82 11.90
N LYS A 3541 14.83 -18.30 11.51
CA LYS A 3541 15.32 -18.03 10.16
C LYS A 3541 14.35 -18.49 9.06
N PRO A 3542 13.89 -19.74 9.04
CA PRO A 3542 12.94 -20.13 7.98
C PRO A 3542 11.62 -19.38 8.07
N LEU A 3543 11.18 -19.03 9.27
CA LEU A 3543 9.97 -18.22 9.42
C LEU A 3543 10.13 -16.87 8.72
N LEU A 3544 11.28 -16.23 8.91
CA LEU A 3544 11.57 -14.99 8.21
C LEU A 3544 11.62 -15.22 6.71
N LYS A 3545 12.16 -16.37 6.30
CA LYS A 3545 12.23 -16.69 4.87
C LYS A 3545 10.83 -16.76 4.25
N ILE A 3546 9.92 -17.50 4.88
CA ILE A 3546 8.60 -17.70 4.29
C ILE A 3546 7.79 -16.40 4.30
N VAL A 3547 7.94 -15.61 5.36
CA VAL A 3547 7.17 -14.36 5.46
C VAL A 3547 7.49 -13.43 4.30
N SER A 3548 8.78 -13.31 3.96
CA SER A 3548 9.18 -12.42 2.87
C SER A 3548 8.64 -12.89 1.52
N SER A 3549 8.31 -14.17 1.39
CA SER A 3549 7.77 -14.70 0.14
C SER A 3549 6.26 -14.56 0.05
N ILE A 3550 5.60 -14.04 1.08
CA ILE A 3550 4.16 -13.81 1.03
C ILE A 3550 3.87 -12.71 0.01
N GLY A 3551 2.84 -12.92 -0.79
CA GLY A 3551 2.54 -12.07 -1.92
C GLY A 3551 2.97 -12.63 -3.25
N GLU A 3552 3.71 -13.73 -3.26
CA GLU A 3552 4.09 -14.41 -4.49
C GLU A 3552 3.33 -15.72 -4.58
N THR A 3553 2.73 -15.98 -5.74
CA THR A 3553 1.95 -17.19 -5.95
C THR A 3553 2.83 -18.43 -5.93
N CYS A 3575 -5.21 -30.61 -0.32
CA CYS A 3575 -5.27 -29.33 0.36
C CYS A 3575 -5.46 -28.22 -0.67
N LYS A 3576 -6.52 -27.44 -0.51
CA LYS A 3576 -6.88 -26.39 -1.45
C LYS A 3576 -6.27 -25.05 -1.07
N ILE A 3577 -5.10 -25.03 -0.46
CA ILE A 3577 -4.55 -23.86 0.20
C ILE A 3577 -3.24 -23.45 -0.43
N ASN A 3578 -2.81 -22.23 -0.13
CA ASN A 3578 -1.42 -21.83 -0.33
C ASN A 3578 -0.55 -22.48 0.73
N ARG A 3579 0.40 -23.29 0.29
CA ARG A 3579 1.19 -24.10 1.23
C ARG A 3579 2.16 -23.25 2.03
N LYS A 3580 2.47 -22.04 1.55
CA LYS A 3580 3.36 -21.17 2.30
C LYS A 3580 2.80 -20.83 3.67
N ILE A 3581 1.51 -20.51 3.73
CA ILE A 3581 0.90 -20.19 5.01
C ILE A 3581 0.71 -21.45 5.84
N ALA A 3582 0.65 -22.62 5.18
CA ALA A 3582 0.66 -23.87 5.92
C ALA A 3582 1.98 -24.06 6.67
N LEU A 3583 3.10 -23.85 5.97
CA LEU A 3583 4.39 -23.92 6.64
C LEU A 3583 4.49 -22.86 7.72
N LEU A 3584 4.02 -21.64 7.44
CA LEU A 3584 4.03 -20.60 8.46
C LEU A 3584 3.23 -21.01 9.69
N GLY A 3585 2.06 -21.61 9.48
CA GLY A 3585 1.26 -22.05 10.61
C GLY A 3585 1.95 -23.09 11.45
N VAL A 3586 2.51 -24.11 10.80
CA VAL A 3586 3.23 -25.13 11.55
C VAL A 3586 4.38 -24.51 12.34
N LEU A 3587 5.22 -23.72 11.65
CA LEU A 3587 6.41 -23.15 12.26
C LEU A 3587 6.04 -22.26 13.45
N TYR A 3588 5.04 -21.40 13.25
CA TYR A 3588 4.73 -20.35 14.22
C TYR A 3588 3.93 -20.90 15.39
N GLY A 3589 2.85 -21.64 15.10
CA GLY A 3589 1.95 -22.11 16.14
C GLY A 3589 2.41 -23.34 16.90
N GLU A 3590 3.25 -24.19 16.28
CA GLU A 3590 3.62 -25.42 16.97
C GLU A 3590 5.06 -25.43 17.45
N LYS A 3591 6.03 -25.21 16.56
CA LYS A 3591 7.42 -25.39 16.96
C LYS A 3591 7.99 -24.13 17.59
N CYS A 3592 7.68 -22.96 17.01
CA CYS A 3592 8.13 -21.71 17.61
C CYS A 3592 7.51 -21.50 18.98
N LYS A 3593 6.23 -21.86 19.13
CA LYS A 3593 5.60 -21.79 20.44
C LYS A 3593 6.31 -22.68 21.45
N ALA A 3594 6.64 -23.92 21.05
CA ALA A 3594 7.32 -24.83 21.97
C ALA A 3594 8.71 -24.31 22.33
N ALA A 3595 9.45 -23.82 21.34
CA ALA A 3595 10.79 -23.31 21.59
C ALA A 3595 10.76 -22.08 22.50
N PHE A 3596 9.82 -21.16 22.24
CA PHE A 3596 9.70 -19.97 23.07
C PHE A 3596 9.28 -20.34 24.48
N ASP A 3597 8.38 -21.31 24.62
CA ASP A 3597 7.96 -21.74 25.95
C ASP A 3597 9.12 -22.37 26.72
N SER A 3598 9.94 -23.18 26.03
CA SER A 3598 11.10 -23.76 26.70
C SER A 3598 12.11 -22.69 27.10
N VAL A 3599 12.35 -21.73 26.21
CA VAL A 3599 13.24 -20.61 26.54
C VAL A 3599 12.71 -19.87 27.76
N SER A 3600 11.41 -19.56 27.77
CA SER A 3600 10.82 -18.84 28.88
C SER A 3600 10.88 -19.64 30.17
N LYS A 3601 10.69 -20.96 30.08
CA LYS A 3601 10.76 -21.80 31.28
C LYS A 3601 12.16 -21.77 31.88
N SER A 3602 13.19 -21.90 31.03
CA SER A 3602 14.56 -21.74 31.51
C SER A 3602 14.76 -20.36 32.11
N VAL A 3603 14.17 -19.33 31.50
CA VAL A 3603 14.32 -17.97 31.99
C VAL A 3603 13.74 -17.83 33.40
N GLN A 3604 12.50 -18.30 33.60
CA GLN A 3604 11.87 -18.17 34.91
C GLN A 3604 12.59 -18.99 35.96
N THR A 3605 13.06 -20.19 35.60
CA THR A 3605 13.91 -20.95 36.52
C THR A 3605 15.13 -20.13 36.91
N LEU A 3606 15.73 -19.44 35.94
CA LEU A 3606 16.92 -18.65 36.22
C LEU A 3606 16.61 -17.49 37.16
N GLN A 3607 15.48 -16.79 36.95
CA GLN A 3607 15.12 -15.76 37.92
C GLN A 3607 14.87 -16.34 39.30
N GLY A 3608 14.24 -17.51 39.39
CA GLY A 3608 14.01 -18.10 40.70
C GLY A 3608 15.31 -18.37 41.44
N LEU A 3609 16.23 -19.08 40.79
CA LEU A 3609 17.49 -19.41 41.44
C LEU A 3609 18.31 -18.16 41.73
N ARG A 3610 18.33 -17.21 40.80
CA ARG A 3610 19.10 -15.98 41.04
C ARG A 3610 18.49 -15.16 42.18
N ARG A 3611 17.16 -15.10 42.27
CA ARG A 3611 16.52 -14.34 43.33
C ARG A 3611 16.84 -14.95 44.69
N VAL A 3612 16.73 -16.27 44.80
CA VAL A 3612 17.08 -16.89 46.09
C VAL A 3612 18.57 -16.74 46.38
N LEU A 3613 19.41 -16.75 45.34
CA LEU A 3613 20.85 -16.60 45.53
C LEU A 3613 21.20 -15.23 46.11
N MET A 3614 20.72 -14.15 45.48
CA MET A 3614 21.00 -12.82 46.02
C MET A 3614 20.28 -12.59 47.34
N SER A 3615 19.15 -13.27 47.57
CA SER A 3615 18.53 -13.20 48.88
C SER A 3615 19.47 -13.72 49.96
N TYR A 3616 20.06 -14.90 49.73
CA TYR A 3616 21.00 -15.44 50.71
C TYR A 3616 22.23 -14.57 50.82
N LEU A 3617 22.72 -14.03 49.69
CA LEU A 3617 23.90 -13.20 49.72
C LEU A 3617 23.67 -11.93 50.54
N HIS A 3618 22.52 -11.29 50.34
CA HIS A 3618 22.18 -10.10 51.12
C HIS A 3618 22.00 -10.42 52.59
N GLN A 3619 21.39 -11.57 52.89
CA GLN A 3619 21.26 -11.97 54.29
C GLN A 3619 22.62 -12.22 54.93
N LYS A 3620 23.56 -12.77 54.15
CA LYS A 3620 24.87 -13.11 54.69
C LYS A 3620 25.74 -11.86 54.88
N ASN A 3621 25.66 -10.91 53.94
CA ASN A 3621 26.54 -9.75 53.99
C ASN A 3621 25.97 -8.60 54.82
N SER A 3622 24.77 -8.74 55.35
CA SER A 3622 24.18 -7.70 56.18
C SER A 3622 24.28 -8.06 57.66
N LYS A 3635 13.61 -2.93 38.09
CA LYS A 3635 12.80 -3.22 36.91
C LYS A 3635 13.20 -2.32 35.73
N THR A 3636 13.93 -2.91 34.79
CA THR A 3636 14.36 -2.15 33.62
C THR A 3636 13.31 -2.20 32.52
N PRO A 3637 13.23 -1.17 31.68
CA PRO A 3637 12.28 -1.20 30.56
C PRO A 3637 12.61 -2.32 29.59
N ASN A 3638 11.56 -2.90 29.01
CA ASN A 3638 11.70 -4.01 28.09
C ASN A 3638 11.20 -3.64 26.71
N ASN A 3639 11.61 -4.43 25.72
CA ASN A 3639 11.21 -4.25 24.33
C ASN A 3639 10.10 -5.21 23.92
N CYS A 3640 9.34 -5.72 24.89
CA CYS A 3640 8.27 -6.67 24.60
C CYS A 3640 7.19 -5.98 23.77
N TYR A 3641 6.86 -6.58 22.63
CA TYR A 3641 5.84 -6.02 21.76
C TYR A 3641 4.47 -6.00 22.45
N GLY A 3642 4.13 -7.10 23.11
CA GLY A 3642 2.82 -7.18 23.75
C GLY A 3642 2.67 -6.22 24.92
N CYS A 3643 3.70 -6.09 25.75
CA CYS A 3643 3.64 -5.18 26.89
C CYS A 3643 3.49 -3.73 26.42
N ALA A 3644 4.26 -3.35 25.41
CA ALA A 3644 4.14 -2.00 24.86
C ALA A 3644 2.76 -1.79 24.26
N THR A 3645 2.25 -2.78 23.53
CA THR A 3645 0.92 -2.65 22.94
C THR A 3645 -0.15 -2.46 24.00
N THR A 3646 -0.08 -3.24 25.09
CA THR A 3646 -1.12 -3.13 26.12
C THR A 3646 -0.99 -1.81 26.88
N PHE A 3647 0.24 -1.34 27.11
CA PHE A 3647 0.41 -0.05 27.76
C PHE A 3647 -0.15 1.06 26.89
N VAL A 3648 0.11 0.99 25.58
CA VAL A 3648 -0.41 2.00 24.67
C VAL A 3648 -1.94 1.97 24.69
N THR A 3649 -2.51 0.77 24.62
CA THR A 3649 -3.97 0.64 24.61
C THR A 3649 -4.59 1.25 25.85
N GLN A 3650 -3.99 1.02 27.02
CA GLN A 3650 -4.53 1.62 28.24
C GLN A 3650 -4.31 3.12 28.27
N CYS A 3651 -3.16 3.58 27.74
CA CYS A 3651 -2.88 5.00 27.75
C CYS A 3651 -3.82 5.77 26.84
N LEU A 3652 -4.37 5.12 25.81
CA LEU A 3652 -5.40 5.80 25.01
C LEU A 3652 -6.63 6.15 25.84
N GLU A 3653 -7.10 5.23 26.68
CA GLU A 3653 -8.23 5.58 27.55
C GLU A 3653 -7.80 6.61 28.58
N ILE A 3654 -6.54 6.58 29.01
CA ILE A 3654 -6.05 7.63 29.90
C ILE A 3654 -6.15 9.00 29.22
N LEU A 3655 -5.68 9.10 27.98
CA LEU A 3655 -5.78 10.37 27.25
C LEU A 3655 -7.23 10.77 27.03
N GLN A 3656 -8.10 9.80 26.77
CA GLN A 3656 -9.52 10.11 26.64
C GLN A 3656 -10.07 10.70 27.93
N VAL A 3657 -9.57 10.23 29.08
CA VAL A 3657 -9.95 10.84 30.34
C VAL A 3657 -9.35 12.24 30.49
N LEU A 3658 -8.05 12.37 30.18
CA LEU A 3658 -7.37 13.64 30.39
C LEU A 3658 -7.84 14.71 29.40
N SER A 3659 -8.42 14.30 28.27
CA SER A 3659 -8.82 15.25 27.25
C SER A 3659 -9.94 16.17 27.72
N LYS A 3660 -10.78 15.72 28.66
CA LYS A 3660 -11.83 16.58 29.18
C LYS A 3660 -11.29 17.69 30.05
N HIS A 3661 -10.05 17.56 30.55
CA HIS A 3661 -9.40 18.65 31.26
C HIS A 3661 -8.87 19.65 30.25
N PRO A 3662 -9.23 20.94 30.36
CA PRO A 3662 -8.77 21.90 29.35
C PRO A 3662 -7.28 22.13 29.35
N ARG A 3663 -6.67 22.39 30.52
CA ARG A 3663 -5.25 22.69 30.58
C ARG A 3663 -4.42 21.54 30.01
N SER A 3664 -4.72 20.31 30.43
CA SER A 3664 -4.02 19.15 29.88
C SER A 3664 -4.26 19.02 28.39
N ARG A 3665 -5.48 19.35 27.93
CA ARG A 3665 -5.77 19.29 26.51
C ARG A 3665 -4.87 20.23 25.72
N LYS A 3666 -4.76 21.49 26.16
CA LYS A 3666 -3.89 22.44 25.45
C LYS A 3666 -2.43 22.00 25.50
N GLN A 3667 -1.98 21.52 26.66
CA GLN A 3667 -0.59 21.06 26.76
C GLN A 3667 -0.33 19.92 25.79
N LEU A 3668 -1.25 18.97 25.70
CA LEU A 3668 -1.03 17.80 24.87
C LEU A 3668 -1.10 18.14 23.38
N VAL A 3669 -2.02 19.03 22.97
CA VAL A 3669 -2.06 19.39 21.56
C VAL A 3669 -0.82 20.20 21.19
N ALA A 3670 -0.35 21.04 22.11
CA ALA A 3670 0.91 21.75 21.87
C ALA A 3670 2.07 20.78 21.74
N ALA A 3671 2.08 19.73 22.55
CA ALA A 3671 3.11 18.70 22.44
C ALA A 3671 3.00 17.88 21.16
N GLY A 3672 1.87 17.94 20.46
CA GLY A 3672 1.70 17.20 19.23
C GLY A 3672 1.03 15.86 19.38
N ILE A 3673 0.05 15.74 20.28
CA ILE A 3673 -0.59 14.45 20.51
C ILE A 3673 -1.46 14.03 19.32
N LEU A 3674 -2.08 14.99 18.63
CA LEU A 3674 -2.96 14.65 17.52
C LEU A 3674 -2.19 14.02 16.37
N SER A 3675 -1.03 14.59 16.01
CA SER A 3675 -0.23 14.02 14.94
C SER A 3675 0.27 12.63 15.31
N GLU A 3676 0.71 12.46 16.55
CA GLU A 3676 1.16 11.14 17.02
C GLU A 3676 0.04 10.11 16.89
N LEU A 3677 -1.15 10.45 17.41
CA LEU A 3677 -2.29 9.54 17.33
C LEU A 3677 -2.61 9.20 15.88
N PHE A 3678 -2.72 10.22 15.02
CA PHE A 3678 -3.11 9.99 13.63
C PHE A 3678 -2.08 9.14 12.91
N GLU A 3679 -0.79 9.37 13.17
CA GLU A 3679 0.23 8.63 12.43
C GLU A 3679 0.36 7.19 12.89
N ASN A 3680 0.30 6.91 14.19
CA ASN A 3680 0.59 5.57 14.69
C ASN A 3680 -0.65 4.86 15.24
N ASN A 3681 -1.41 5.49 16.14
CA ASN A 3681 -2.40 4.73 16.89
C ASN A 3681 -3.62 4.34 16.07
N ILE A 3682 -4.09 5.22 15.17
CA ILE A 3682 -5.29 4.90 14.42
C ILE A 3682 -5.04 3.81 13.37
N HIS A 3683 -3.78 3.51 13.05
CA HIS A 3683 -3.47 2.48 12.08
C HIS A 3683 -3.00 1.17 12.71
N GLN A 3684 -2.63 1.18 13.98
CA GLN A 3684 -2.02 0.04 14.64
C GLN A 3684 -2.76 -0.31 15.92
N GLY A 3685 -2.65 -1.57 16.31
CA GLY A 3685 -3.24 -2.03 17.55
C GLY A 3685 -4.56 -2.75 17.35
N PRO A 3686 -5.08 -3.33 18.43
CA PRO A 3686 -6.37 -4.03 18.34
C PRO A 3686 -7.52 -3.07 18.10
N LYS A 3687 -8.69 -3.66 17.84
CA LYS A 3687 -9.87 -2.86 17.51
C LYS A 3687 -10.29 -1.97 18.67
N THR A 3688 -10.25 -2.51 19.89
CA THR A 3688 -10.60 -1.69 21.06
C THR A 3688 -9.63 -0.51 21.20
N ALA A 3689 -8.35 -0.76 20.96
CA ALA A 3689 -7.37 0.32 20.99
C ALA A 3689 -7.66 1.36 19.92
N ARG A 3690 -8.00 0.91 18.71
CA ARG A 3690 -8.29 1.86 17.64
C ARG A 3690 -9.51 2.71 17.97
N ALA A 3691 -10.56 2.09 18.53
CA ALA A 3691 -11.75 2.84 18.91
C ALA A 3691 -11.43 3.86 20.02
N GLN A 3692 -10.68 3.42 21.04
CA GLN A 3692 -10.34 4.34 22.12
C GLN A 3692 -9.48 5.50 21.61
N ALA A 3693 -8.54 5.21 20.71
CA ALA A 3693 -7.68 6.26 20.16
C ALA A 3693 -8.50 7.25 19.34
N ARG A 3694 -9.42 6.75 18.51
CA ARG A 3694 -10.26 7.66 17.73
C ARG A 3694 -11.13 8.51 18.63
N ALA A 3695 -11.69 7.92 19.69
CA ALA A 3695 -12.50 8.70 20.62
C ALA A 3695 -11.67 9.76 21.32
N ALA A 3696 -10.45 9.41 21.74
CA ALA A 3696 -9.59 10.38 22.41
C ALA A 3696 -9.22 11.52 21.46
N LEU A 3697 -8.93 11.19 20.21
CA LEU A 3697 -8.63 12.24 19.22
C LEU A 3697 -9.83 13.15 19.02
N SER A 3698 -11.03 12.58 18.94
CA SER A 3698 -12.23 13.38 18.77
C SER A 3698 -12.45 14.31 19.96
N THR A 3699 -12.24 13.79 21.17
CA THR A 3699 -12.42 14.64 22.35
C THR A 3699 -11.36 15.73 22.43
N PHE A 3700 -10.13 15.43 22.02
CA PHE A 3700 -9.09 16.45 21.99
C PHE A 3700 -9.43 17.54 20.97
N SER A 3701 -9.94 17.15 19.80
CA SER A 3701 -10.28 18.12 18.77
C SER A 3701 -11.51 18.95 19.11
N GLU A 3702 -12.30 18.52 20.09
CA GLU A 3702 -13.53 19.24 20.44
C GLU A 3702 -13.20 20.53 21.17
N GLY A 3703 -13.76 21.63 20.68
CA GLY A 3703 -13.65 22.91 21.35
C GLY A 3703 -12.32 23.63 21.18
N ASP A 3704 -11.44 23.17 20.30
CA ASP A 3704 -10.13 23.77 20.11
C ASP A 3704 -9.96 24.09 18.62
N LEU A 3705 -9.41 25.26 18.32
CA LEU A 3705 -9.22 25.70 16.94
C LEU A 3705 -7.86 25.27 16.40
N SER A 3706 -7.78 25.11 15.08
CA SER A 3706 -6.61 24.76 14.28
C SER A 3706 -6.22 23.30 14.47
N ALA A 3707 -6.80 22.66 15.49
CA ALA A 3707 -6.69 21.21 15.59
C ALA A 3707 -7.46 20.54 14.46
N VAL A 3708 -8.69 20.99 14.23
CA VAL A 3708 -9.46 20.51 13.09
C VAL A 3708 -8.77 20.87 11.80
N ASN A 3709 -8.12 22.05 11.74
CA ASN A 3709 -7.39 22.43 10.53
C ASN A 3709 -6.29 21.43 10.21
N GLU A 3710 -5.44 21.12 11.18
CA GLU A 3710 -4.35 20.18 10.94
C GLU A 3710 -4.89 18.78 10.64
N LEU A 3711 -5.97 18.38 11.31
CA LEU A 3711 -6.51 17.04 11.08
C LEU A 3711 -7.04 16.90 9.66
N ASN A 3712 -7.81 17.90 9.20
CA ASN A 3712 -8.28 17.89 7.82
C ASN A 3712 -7.11 17.98 6.84
N ASN A 3713 -6.05 18.71 7.20
CA ASN A 3713 -4.90 18.77 6.31
C ASN A 3713 -4.28 17.38 6.10
N LEU A 3714 -4.02 16.64 7.18
CA LEU A 3714 -3.45 15.31 7.03
C LEU A 3714 -4.40 14.38 6.26
N VAL A 3715 -5.69 14.41 6.61
CA VAL A 3715 -6.66 13.52 5.97
C VAL A 3715 -6.72 13.82 4.47
N GLN A 3716 -6.84 15.11 4.12
CA GLN A 3716 -6.92 15.50 2.72
C GLN A 3716 -5.66 15.08 1.96
N LYS A 3717 -4.49 15.36 2.53
CA LYS A 3717 -3.26 15.02 1.83
C LYS A 3717 -3.18 13.52 1.54
N LYS A 3718 -3.40 12.69 2.56
CA LYS A 3718 -3.18 11.26 2.37
C LYS A 3718 -4.24 10.66 1.45
N ILE A 3719 -5.51 11.04 1.64
CA ILE A 3719 -6.57 10.51 0.80
C ILE A 3719 -6.41 10.98 -0.64
N MET A 3720 -6.00 12.23 -0.84
CA MET A 3720 -5.81 12.76 -2.18
C MET A 3720 -4.67 12.02 -2.88
N TYR A 3721 -3.58 11.75 -2.16
CA TYR A 3721 -2.52 10.94 -2.73
C TYR A 3721 -3.03 9.56 -3.13
N CYS A 3722 -3.74 8.89 -2.22
CA CYS A 3722 -4.28 7.57 -2.55
C CYS A 3722 -5.17 7.62 -3.77
N LEU A 3723 -5.87 8.74 -3.96
CA LEU A 3723 -6.66 8.93 -5.18
C LEU A 3723 -5.78 9.01 -6.41
N GLU A 3724 -4.69 9.79 -6.34
CA GLU A 3724 -3.86 9.98 -7.53
C GLU A 3724 -3.19 8.69 -7.98
N HIS A 3725 -2.73 7.85 -7.05
CA HIS A 3725 -2.02 6.63 -7.40
C HIS A 3725 -2.86 5.39 -7.11
N HIS A 3726 -4.18 5.46 -7.33
CA HIS A 3726 -5.08 4.39 -6.92
C HIS A 3726 -4.80 3.09 -7.66
N ARG A 3727 -4.23 3.16 -8.86
CA ARG A 3727 -4.04 1.96 -9.66
C ARG A 3727 -2.88 1.10 -9.15
N SER A 3728 -2.11 1.59 -8.17
CA SER A 3728 -0.89 0.92 -7.76
C SER A 3728 -0.96 0.34 -6.35
N MET A 3729 -2.02 0.60 -5.59
CA MET A 3729 -2.11 0.04 -4.25
C MET A 3729 -3.57 -0.14 -3.87
N ASP A 3730 -3.79 -0.65 -2.66
CA ASP A 3730 -5.12 -0.95 -2.15
C ASP A 3730 -5.73 0.32 -1.58
N ILE A 3731 -6.67 0.90 -2.33
CA ILE A 3731 -7.38 2.08 -1.85
C ILE A 3731 -8.24 1.71 -0.65
N ALA A 3732 -8.87 0.54 -0.68
CA ALA A 3732 -9.75 0.14 0.41
C ALA A 3732 -8.98 0.00 1.73
N LEU A 3733 -7.81 -0.64 1.69
CA LEU A 3733 -7.03 -0.81 2.93
C LEU A 3733 -6.35 0.49 3.34
N ALA A 3734 -5.89 1.29 2.38
CA ALA A 3734 -5.15 2.49 2.71
C ALA A 3734 -6.03 3.55 3.38
N THR A 3735 -7.28 3.68 2.94
CA THR A 3735 -8.11 4.80 3.35
C THR A 3735 -9.32 4.41 4.19
N ARG A 3736 -9.41 3.16 4.66
CA ARG A 3736 -10.58 2.76 5.45
C ARG A 3736 -10.61 3.50 6.79
N GLU A 3737 -9.49 3.47 7.52
CA GLU A 3737 -9.45 4.10 8.84
C GLU A 3737 -9.65 5.60 8.76
N GLU A 3738 -9.04 6.25 7.77
CA GLU A 3738 -9.19 7.70 7.65
C GLU A 3738 -10.58 8.09 7.18
N MET A 3739 -11.18 7.29 6.29
CA MET A 3739 -12.57 7.54 5.91
C MET A 3739 -13.49 7.42 7.11
N LEU A 3740 -13.27 6.39 7.94
CA LEU A 3740 -14.05 6.27 9.17
C LEU A 3740 -13.83 7.47 10.07
N LEU A 3741 -12.57 7.92 10.21
CA LEU A 3741 -12.27 9.06 11.07
C LEU A 3741 -12.98 10.31 10.58
N LEU A 3742 -12.99 10.54 9.27
CA LEU A 3742 -13.72 11.68 8.72
C LEU A 3742 -15.22 11.52 8.97
N SER A 3743 -15.73 10.29 8.91
CA SER A 3743 -17.15 10.07 9.18
C SER A 3743 -17.50 10.43 10.62
N GLU A 3744 -16.66 10.04 11.59
CA GLU A 3744 -16.97 10.32 12.98
C GLU A 3744 -16.77 11.80 13.32
N VAL A 3745 -15.73 12.42 12.78
CA VAL A 3745 -15.47 13.82 13.13
C VAL A 3745 -16.56 14.73 12.58
N CYS A 3746 -17.14 14.37 11.42
CA CYS A 3746 -18.23 15.16 10.86
C CYS A 3746 -19.49 15.11 11.71
N SER A 3747 -19.71 14.01 12.44
CA SER A 3747 -20.89 13.89 13.30
C SER A 3747 -20.83 14.83 14.50
N LEU A 3748 -19.66 15.36 14.82
CA LEU A 3748 -19.55 16.29 15.94
C LEU A 3748 -20.29 17.58 15.62
N THR A 3749 -21.06 18.06 16.59
CA THR A 3749 -21.91 19.23 16.42
C THR A 3749 -21.29 20.50 17.01
N ASP A 3750 -19.96 20.56 17.01
CA ASP A 3750 -19.29 21.81 17.36
C ASP A 3750 -19.45 22.80 16.20
N GLU A 3751 -18.78 23.94 16.34
CA GLU A 3751 -18.94 25.01 15.35
C GLU A 3751 -18.21 24.72 14.05
N PHE A 3752 -17.35 23.69 14.03
CA PHE A 3752 -16.48 23.43 12.90
C PHE A 3752 -16.98 22.32 11.98
N TRP A 3753 -18.29 22.14 11.91
CA TRP A 3753 -18.91 21.34 10.86
C TRP A 3753 -18.71 21.91 9.46
N GLU A 3754 -18.55 23.23 9.34
CA GLU A 3754 -18.45 23.82 8.00
C GLU A 3754 -17.17 23.39 7.31
N SER A 3755 -16.04 23.37 8.02
CA SER A 3755 -14.77 22.97 7.42
C SER A 3755 -14.81 21.51 6.98
N ARG A 3756 -15.40 20.64 7.80
CA ARG A 3756 -15.51 19.24 7.45
C ARG A 3756 -16.39 19.05 6.23
N LEU A 3757 -17.47 19.83 6.13
CA LEU A 3757 -18.30 19.77 4.94
C LEU A 3757 -17.51 20.21 3.71
N ARG A 3758 -16.69 21.25 3.86
CA ARG A 3758 -15.82 21.68 2.77
C ARG A 3758 -14.93 20.54 2.30
N LEU A 3759 -14.29 19.86 3.26
CA LEU A 3759 -13.39 18.76 2.93
C LEU A 3759 -14.14 17.63 2.23
N VAL A 3760 -15.35 17.31 2.71
CA VAL A 3760 -16.14 16.26 2.08
C VAL A 3760 -16.45 16.61 0.63
N PHE A 3761 -16.83 17.86 0.38
CA PHE A 3761 -17.13 18.28 -0.99
C PHE A 3761 -15.89 18.18 -1.87
N GLN A 3762 -14.74 18.65 -1.38
CA GLN A 3762 -13.53 18.57 -2.19
C GLN A 3762 -13.15 17.14 -2.51
N LEU A 3763 -13.25 16.25 -1.51
CA LEU A 3763 -12.92 14.85 -1.74
C LEU A 3763 -13.86 14.21 -2.75
N LEU A 3764 -15.17 14.50 -2.64
CA LEU A 3764 -16.13 13.94 -3.57
C LEU A 3764 -15.86 14.39 -5.00
N PHE A 3765 -15.62 15.70 -5.19
CA PHE A 3765 -15.37 16.19 -6.54
C PHE A 3765 -14.06 15.66 -7.11
N SER A 3766 -13.02 15.58 -6.27
CA SER A 3766 -11.75 15.04 -6.76
C SER A 3766 -11.89 13.57 -7.15
N SER A 3767 -12.60 12.79 -6.34
CA SER A 3767 -12.79 11.38 -6.65
C SER A 3767 -13.61 11.21 -7.92
N ILE A 3768 -14.64 12.05 -8.13
CA ILE A 3768 -15.39 12.00 -9.37
C ILE A 3768 -14.49 12.35 -10.55
N LYS A 3769 -13.65 13.37 -10.40
CA LYS A 3769 -12.81 13.82 -11.50
C LYS A 3769 -11.81 12.74 -11.90
N LEU A 3770 -11.16 12.09 -10.92
CA LEU A 3770 -10.08 11.16 -11.24
C LEU A 3770 -10.55 9.73 -11.46
N GLY A 3771 -11.45 9.22 -10.62
CA GLY A 3771 -11.78 7.80 -10.65
C GLY A 3771 -13.25 7.48 -10.68
N ALA A 3772 -14.04 8.29 -11.40
CA ALA A 3772 -15.48 8.05 -11.46
C ALA A 3772 -15.80 6.68 -12.04
N LYS A 3773 -15.08 6.26 -13.08
CA LYS A 3773 -15.31 4.96 -13.69
C LYS A 3773 -14.55 3.84 -13.01
N HIS A 3774 -13.72 4.15 -12.01
CA HIS A 3774 -13.00 3.11 -11.30
C HIS A 3774 -13.89 2.50 -10.22
N PRO A 3775 -13.91 1.16 -10.08
CA PRO A 3775 -14.81 0.56 -9.10
C PRO A 3775 -14.46 0.87 -7.65
N ALA A 3776 -13.19 0.65 -7.26
CA ALA A 3776 -12.82 0.80 -5.86
C ALA A 3776 -13.02 2.23 -5.37
N ILE A 3777 -12.64 3.21 -6.19
CA ILE A 3777 -12.82 4.62 -5.79
C ILE A 3777 -14.29 4.91 -5.57
N SER A 3778 -15.16 4.48 -6.50
CA SER A 3778 -16.58 4.76 -6.38
C SER A 3778 -17.16 4.09 -5.13
N GLU A 3779 -16.75 2.85 -4.85
CA GLU A 3779 -17.34 2.12 -3.75
C GLU A 3779 -16.81 2.59 -2.39
N HIS A 3780 -15.58 3.11 -2.33
CA HIS A 3780 -14.95 3.37 -1.04
C HIS A 3780 -14.73 4.85 -0.72
N ILE A 3781 -14.87 5.75 -1.69
CA ILE A 3781 -14.66 7.17 -1.43
C ILE A 3781 -15.88 7.97 -1.83
N ILE A 3782 -16.36 7.76 -3.06
CA ILE A 3782 -17.51 8.52 -3.54
C ILE A 3782 -18.75 8.20 -2.71
N LEU A 3783 -18.97 6.92 -2.44
CA LEU A 3783 -20.16 6.51 -1.69
C LEU A 3783 -20.16 7.05 -0.25
N PRO A 3784 -19.08 6.96 0.53
CA PRO A 3784 -19.11 7.59 1.86
C PRO A 3784 -19.32 9.09 1.82
N CYS A 3785 -18.76 9.78 0.83
CA CYS A 3785 -18.99 11.21 0.70
C CYS A 3785 -20.45 11.52 0.45
N LEU A 3786 -21.07 10.76 -0.46
CA LEU A 3786 -22.49 10.95 -0.73
C LEU A 3786 -23.33 10.64 0.51
N LYS A 3787 -22.95 9.60 1.26
CA LYS A 3787 -23.70 9.27 2.48
C LYS A 3787 -23.61 10.37 3.51
N ILE A 3788 -22.40 10.93 3.71
CA ILE A 3788 -22.23 12.01 4.68
C ILE A 3788 -23.02 13.24 4.26
N ILE A 3789 -22.98 13.57 2.96
CA ILE A 3789 -23.72 14.73 2.47
C ILE A 3789 -25.22 14.51 2.63
N SER A 3790 -25.69 13.29 2.34
CA SER A 3790 -27.12 12.99 2.50
C SER A 3790 -27.54 13.09 3.96
N VAL A 3791 -26.70 12.61 4.87
CA VAL A 3791 -27.00 12.73 6.30
C VAL A 3791 -27.08 14.20 6.70
N ALA A 3792 -26.17 15.01 6.16
CA ALA A 3792 -26.22 16.45 6.43
C ALA A 3792 -27.49 17.08 5.88
N CYS A 3793 -27.95 16.63 4.70
CA CYS A 3793 -29.10 17.23 4.06
C CYS A 3793 -30.43 16.77 4.65
N THR A 3794 -30.47 15.62 5.30
CA THR A 3794 -31.73 15.14 5.84
C THR A 3794 -32.11 15.97 7.07
N PRO A 3795 -33.35 16.45 7.13
CA PRO A 3795 -33.78 17.16 8.32
C PRO A 3795 -34.27 16.19 9.37
N PRO A 3796 -33.76 16.28 10.60
CA PRO A 3796 -34.23 15.40 11.66
C PRO A 3796 -35.71 15.65 11.96
N LYS A 3797 -36.48 14.57 11.92
CA LYS A 3797 -37.93 14.70 12.01
C LYS A 3797 -38.33 15.10 13.43
N PRO A 3798 -39.17 16.14 13.60
CA PRO A 3798 -39.65 16.56 14.92
C PRO A 3798 -40.56 15.52 15.57
N ASN A 3835 -45.84 34.18 7.83
CA ASN A 3835 -44.44 33.78 7.95
C ASN A 3835 -44.09 32.71 6.94
N LEU A 3836 -45.06 31.83 6.66
CA LEU A 3836 -44.84 30.77 5.67
C LEU A 3836 -44.63 31.36 4.27
N ASN A 3837 -45.41 32.39 3.93
CA ASN A 3837 -45.24 33.04 2.64
C ASN A 3837 -43.87 33.68 2.52
N VAL A 3838 -43.39 34.32 3.58
CA VAL A 3838 -42.07 34.93 3.57
C VAL A 3838 -40.99 33.86 3.42
N SER A 3839 -41.15 32.73 4.12
CA SER A 3839 -40.17 31.65 4.02
C SER A 3839 -40.12 31.08 2.60
N GLN A 3840 -41.28 30.93 1.96
CA GLN A 3840 -41.31 30.44 0.59
C GLN A 3840 -40.63 31.42 -0.36
N LYS A 3841 -40.90 32.71 -0.19
CA LYS A 3841 -40.32 33.71 -1.09
C LYS A 3841 -38.80 33.78 -0.93
N THR A 3842 -38.33 33.72 0.32
CA THR A 3842 -36.88 33.68 0.54
C THR A 3842 -36.24 32.42 -0.06
N ARG A 3843 -37.00 31.33 -0.15
CA ARG A 3843 -36.49 30.13 -0.81
C ARG A 3843 -36.27 30.35 -2.29
N ASP A 3844 -37.10 31.18 -2.94
CA ASP A 3844 -36.89 31.53 -4.33
C ASP A 3844 -35.58 32.27 -4.56
N ILE A 3845 -35.07 32.95 -3.54
CA ILE A 3845 -33.82 33.68 -3.65
C ILE A 3845 -32.67 32.73 -3.39
N GLN A 3846 -31.77 32.60 -4.37
CA GLN A 3846 -30.54 31.85 -4.15
C GLN A 3846 -29.60 32.71 -3.32
N LEU A 3847 -29.27 32.24 -2.12
CA LEU A 3847 -28.45 33.05 -1.21
C LEU A 3847 -26.97 32.77 -1.38
N VAL A 3848 -26.58 31.49 -1.32
CA VAL A 3848 -25.18 31.09 -1.41
C VAL A 3848 -25.06 30.02 -2.49
N SER A 3849 -24.12 30.20 -3.41
CA SER A 3849 -23.79 29.18 -4.38
C SER A 3849 -22.60 28.36 -3.91
N TYR A 3850 -22.39 27.22 -4.58
CA TYR A 3850 -21.27 26.35 -4.22
C TYR A 3850 -19.94 27.02 -4.55
N LEU A 3851 -19.87 27.75 -5.65
CA LEU A 3851 -18.63 28.43 -6.02
C LEU A 3851 -18.23 29.46 -4.97
N GLU A 3852 -19.21 30.23 -4.48
CA GLU A 3852 -18.93 31.19 -3.41
C GLU A 3852 -18.58 30.48 -2.11
N TRP A 3853 -19.26 29.38 -1.81
CA TRP A 3853 -19.03 28.68 -0.55
C TRP A 3853 -17.65 28.05 -0.49
N GLU A 3854 -17.18 27.49 -1.61
CA GLU A 3854 -15.87 26.86 -1.63
C GLU A 3854 -14.77 27.90 -1.45
N LYS A 3855 -15.01 29.13 -1.86
CA LYS A 3855 -14.01 30.20 -1.77
C LYS A 3855 -13.93 30.81 -0.38
N GLY A 3856 -14.85 30.51 0.53
CA GLY A 3856 -14.81 31.04 1.88
C GLY A 3856 -16.13 31.58 2.40
N ALA A 3857 -17.21 31.56 1.64
CA ALA A 3857 -18.50 32.00 2.17
C ALA A 3857 -18.94 31.08 3.30
N SER A 3858 -19.57 31.68 4.31
CA SER A 3858 -19.89 30.97 5.53
C SER A 3858 -21.40 30.82 5.70
N TYR A 3859 -21.78 29.88 6.57
CA TYR A 3859 -23.18 29.72 6.94
C TYR A 3859 -23.72 30.95 7.65
N LEU A 3860 -22.87 31.66 8.38
CA LEU A 3860 -23.29 32.91 8.98
C LEU A 3860 -23.68 33.92 7.91
N ASP A 3861 -22.93 33.96 6.81
CA ASP A 3861 -23.34 34.77 5.66
C ASP A 3861 -24.70 34.31 5.13
N PHE A 3862 -24.91 33.00 5.07
CA PHE A 3862 -26.19 32.48 4.57
C PHE A 3862 -27.35 32.95 5.45
N VAL A 3863 -27.22 32.82 6.76
CA VAL A 3863 -28.31 33.19 7.66
C VAL A 3863 -28.50 34.70 7.66
N ARG A 3864 -27.41 35.46 7.56
CA ARG A 3864 -27.54 36.91 7.49
C ARG A 3864 -28.28 37.34 6.24
N ARG A 3865 -27.94 36.75 5.08
CA ARG A 3865 -28.62 37.06 3.84
C ARG A 3865 -30.09 36.66 3.90
N GLN A 3866 -30.37 35.49 4.47
CA GLN A 3866 -31.76 35.05 4.59
C GLN A 3866 -32.56 35.99 5.49
N TYR A 3867 -31.96 36.43 6.60
CA TYR A 3867 -32.66 37.34 7.51
C TYR A 3867 -32.93 38.68 6.84
N LYS A 3868 -31.93 39.22 6.11
CA LYS A 3868 -32.14 40.49 5.43
C LYS A 3868 -33.21 40.36 4.35
N ALA A 3869 -33.19 39.26 3.59
CA ALA A 3869 -34.21 39.04 2.58
C ALA A 3869 -35.59 38.93 3.21
N SER A 3870 -35.70 38.20 4.33
CA SER A 3870 -36.99 38.04 5.00
C SER A 3870 -37.50 39.38 5.51
N GLN A 3871 -36.61 40.21 6.08
CA GLN A 3871 -37.03 41.52 6.55
C GLN A 3871 -37.49 42.40 5.39
N SER A 3872 -36.74 42.39 4.27
CA SER A 3872 -37.11 43.21 3.13
C SER A 3872 -38.44 42.76 2.53
N ILE A 3873 -38.69 41.45 2.48
CA ILE A 3873 -39.95 40.95 1.96
C ILE A 3873 -41.10 41.27 2.90
N ARG A 3874 -40.85 41.17 4.22
CA ARG A 3874 -41.88 41.54 5.19
C ARG A 3874 -42.26 43.01 5.06
N GLY A 3875 -41.27 43.88 4.89
CA GLY A 3875 -41.57 45.28 4.67
C GLY A 3875 -42.12 45.55 3.28
N ALA A 3876 -41.88 44.63 2.34
CA ALA A 3876 -42.40 44.79 0.99
C ALA A 3876 -43.92 44.72 0.98
N ARG A 3881 -40.77 51.62 0.57
CA ARG A 3881 -39.82 51.79 -0.52
C ARG A 3881 -38.42 51.34 -0.13
N THR A 3882 -38.01 51.64 1.10
CA THR A 3882 -36.66 51.31 1.55
C THR A 3882 -36.43 49.80 1.56
N HIS A 3883 -37.39 49.03 2.08
CA HIS A 3883 -37.22 47.59 2.12
C HIS A 3883 -37.26 46.98 0.71
N ARG A 3884 -38.06 47.55 -0.19
CA ARG A 3884 -38.04 47.11 -1.58
C ARG A 3884 -36.68 47.36 -2.22
N SER A 3885 -36.10 48.53 -1.98
CA SER A 3885 -34.79 48.83 -2.55
C SER A 3885 -33.72 47.91 -1.97
N ASP A 3886 -33.80 47.63 -0.66
CA ASP A 3886 -32.86 46.68 -0.06
C ASP A 3886 -33.02 45.29 -0.65
N PHE A 3887 -34.26 44.86 -0.89
CA PHE A 3887 -34.50 43.55 -1.50
C PHE A 3887 -33.90 43.47 -2.89
N LEU A 3888 -34.15 44.49 -3.72
CA LEU A 3888 -33.60 44.50 -5.07
C LEU A 3888 -32.07 44.53 -5.05
N ALA A 3889 -31.50 45.34 -4.15
CA ALA A 3889 -30.06 45.42 -4.02
C ALA A 3889 -29.48 44.08 -3.64
N LEU A 3890 -30.08 43.38 -2.68
CA LEU A 3890 -29.58 42.08 -2.26
C LEU A 3890 -29.65 41.08 -3.41
N LYS A 3891 -30.80 41.03 -4.09
CA LYS A 3891 -30.96 40.18 -5.27
C LYS A 3891 -29.80 40.36 -6.25
N TYR A 3892 -29.62 41.58 -6.74
CA TYR A 3892 -28.60 41.77 -7.77
C TYR A 3892 -27.18 41.64 -7.22
N THR A 3893 -26.91 42.08 -5.99
CA THR A 3893 -25.54 41.95 -5.49
C THR A 3893 -25.15 40.48 -5.40
N LEU A 3894 -26.04 39.63 -4.90
CA LEU A 3894 -25.71 38.20 -4.86
C LEU A 3894 -25.62 37.61 -6.26
N ARG A 3895 -26.49 38.02 -7.19
CA ARG A 3895 -26.38 37.54 -8.56
C ARG A 3895 -25.03 37.91 -9.17
N TRP A 3896 -24.58 39.14 -8.95
CA TRP A 3896 -23.32 39.59 -9.52
C TRP A 3896 -22.13 38.95 -8.82
N LYS A 3897 -22.24 38.66 -7.53
CA LYS A 3897 -21.22 37.86 -6.86
C LYS A 3897 -21.09 36.48 -7.50
N ARG A 3898 -22.23 35.85 -7.81
CA ARG A 3898 -22.19 34.56 -8.48
C ARG A 3898 -21.53 34.67 -9.85
N ARG A 3899 -21.90 35.69 -10.62
CA ARG A 3899 -21.30 35.86 -11.95
C ARG A 3899 -19.79 36.10 -11.84
N SER A 3900 -19.38 36.87 -10.84
CA SER A 3900 -17.96 37.15 -10.64
C SER A 3900 -17.20 35.89 -10.25
N SER A 3901 -17.76 35.09 -9.34
CA SER A 3901 -17.14 33.83 -8.99
C SER A 3901 -17.05 32.91 -10.20
N ARG A 3902 -18.03 33.02 -11.12
CA ARG A 3902 -17.95 32.25 -12.36
C ARG A 3902 -16.80 32.72 -13.24
N SER A 3915 -22.20 17.61 -15.08
CA SER A 3915 -21.79 16.36 -15.70
C SER A 3915 -21.67 15.22 -14.67
N TRP A 3916 -21.26 15.54 -13.45
CA TRP A 3916 -21.09 14.48 -12.44
C TRP A 3916 -22.42 13.80 -12.14
N VAL A 3917 -23.53 14.52 -12.24
CA VAL A 3917 -24.84 13.89 -12.10
C VAL A 3917 -25.02 12.80 -13.15
N THR A 3918 -24.67 13.11 -14.40
CA THR A 3918 -24.74 12.11 -15.45
C THR A 3918 -23.80 10.94 -15.17
N GLU A 3919 -22.58 11.23 -14.73
CA GLU A 3919 -21.59 10.18 -14.53
C GLU A 3919 -22.01 9.21 -13.45
N LEU A 3920 -22.56 9.71 -12.33
CA LEU A 3920 -22.83 8.83 -11.21
C LEU A 3920 -24.24 8.26 -11.24
N ILE A 3921 -25.20 8.98 -11.84
CA ILE A 3921 -26.58 8.48 -11.84
C ILE A 3921 -26.72 7.26 -12.75
N LEU A 3922 -25.89 7.16 -13.79
CA LEU A 3922 -25.89 6.02 -14.68
C LEU A 3922 -24.58 5.24 -14.64
N SER A 3923 -23.83 5.36 -13.54
CA SER A 3923 -22.58 4.61 -13.38
C SER A 3923 -22.88 3.12 -13.42
N ALA A 3924 -22.39 2.44 -14.45
CA ALA A 3924 -22.68 1.02 -14.65
C ALA A 3924 -21.96 0.17 -13.61
N CYS A 3925 -21.00 0.76 -12.88
CA CYS A 3925 -20.22 -0.01 -11.93
C CYS A 3925 -21.02 -0.40 -10.70
N SER A 3926 -21.76 0.53 -10.11
CA SER A 3926 -22.39 0.27 -8.82
C SER A 3926 -23.84 0.76 -8.85
N GLN A 3927 -24.74 -0.09 -8.36
CA GLN A 3927 -26.14 0.32 -8.20
C GLN A 3927 -26.32 1.19 -6.97
N SER A 3928 -25.43 1.07 -5.97
CA SER A 3928 -25.56 1.84 -4.74
C SER A 3928 -25.45 3.33 -5.00
N ILE A 3929 -24.51 3.74 -5.85
CA ILE A 3929 -24.33 5.16 -6.15
C ILE A 3929 -25.54 5.72 -6.88
N ARG A 3930 -26.06 4.94 -7.84
CA ARG A 3930 -27.25 5.37 -8.57
C ARG A 3930 -28.43 5.53 -7.62
N SER A 3931 -28.62 4.58 -6.71
CA SER A 3931 -29.71 4.68 -5.74
C SER A 3931 -29.50 5.87 -4.81
N GLU A 3932 -28.25 6.13 -4.40
CA GLU A 3932 -27.98 7.25 -3.50
C GLU A 3932 -28.31 8.58 -4.17
N MET A 3933 -27.92 8.76 -5.44
CA MET A 3933 -28.26 10.03 -6.07
C MET A 3933 -29.73 10.11 -6.43
N CYS A 3934 -30.39 8.96 -6.66
CA CYS A 3934 -31.84 9.00 -6.81
C CYS A 3934 -32.50 9.51 -5.53
N THR A 3935 -32.02 9.03 -4.38
CA THR A 3935 -32.54 9.53 -3.10
C THR A 3935 -32.24 11.01 -2.93
N LEU A 3936 -31.04 11.45 -3.30
CA LEU A 3936 -30.68 12.87 -3.18
C LEU A 3936 -31.56 13.73 -4.08
N ILE A 3937 -31.81 13.26 -5.31
CA ILE A 3937 -32.65 14.00 -6.24
C ILE A 3937 -34.07 14.11 -5.70
N SER A 3938 -34.59 13.00 -5.14
CA SER A 3938 -35.92 13.04 -4.54
C SER A 3938 -35.97 14.00 -3.37
N LEU A 3939 -34.95 13.99 -2.52
CA LEU A 3939 -34.92 14.89 -1.38
C LEU A 3939 -34.89 16.34 -1.82
N LEU A 3940 -34.10 16.65 -2.84
CA LEU A 3940 -34.04 18.02 -3.35
C LEU A 3940 -35.38 18.45 -3.96
N ALA A 3941 -35.97 17.59 -4.79
CA ALA A 3941 -37.22 17.95 -5.46
C ALA A 3941 -38.39 18.00 -4.49
N ALA A 3942 -38.29 17.33 -3.34
CA ALA A 3942 -39.42 17.27 -2.42
C ALA A 3942 -39.65 18.59 -1.71
N GLN A 3943 -38.74 19.55 -1.86
CA GLN A 3943 -38.84 20.79 -1.10
C GLN A 3943 -39.39 21.96 -1.91
N SER A 3944 -39.09 22.04 -3.21
CA SER A 3944 -39.47 23.20 -4.01
C SER A 3944 -40.05 22.73 -5.32
N SER A 3945 -41.24 23.25 -5.68
CA SER A 3945 -41.85 22.91 -6.96
C SER A 3945 -41.05 23.39 -8.16
N PRO A 3946 -40.62 24.66 -8.24
CA PRO A 3946 -39.81 25.05 -9.42
C PRO A 3946 -38.52 24.27 -9.54
N ARG A 3947 -37.83 24.01 -8.42
CA ARG A 3947 -36.64 23.17 -8.46
C ARG A 3947 -36.99 21.77 -8.91
N ARG A 3948 -38.17 21.28 -8.52
CA ARG A 3948 -38.64 19.98 -8.99
C ARG A 3948 -38.77 19.98 -10.51
N TYR A 3949 -39.33 21.06 -11.07
CA TYR A 3949 -39.51 21.12 -12.52
C TYR A 3949 -38.16 21.20 -13.24
N ARG A 3950 -37.21 21.96 -12.69
CA ARG A 3950 -35.87 21.98 -13.28
C ARG A 3950 -35.24 20.60 -13.23
N LEU A 3951 -35.45 19.87 -12.13
CA LEU A 3951 -34.92 18.51 -12.03
C LEU A 3951 -35.57 17.59 -13.05
N ILE A 3952 -36.86 17.75 -13.29
CA ILE A 3952 -37.53 16.94 -14.31
C ILE A 3952 -36.95 17.23 -15.68
N ASN A 3953 -36.71 18.51 -15.98
CA ASN A 3953 -36.11 18.87 -17.26
C ASN A 3953 -34.72 18.27 -17.39
N LEU A 3954 -33.92 18.33 -16.33
CA LEU A 3954 -32.58 17.74 -16.37
C LEU A 3954 -32.64 16.24 -16.59
N LEU A 3955 -33.56 15.56 -15.89
CA LEU A 3955 -33.69 14.11 -16.05
C LEU A 3955 -34.12 13.74 -17.46
N ILE A 3956 -35.08 14.48 -18.02
CA ILE A 3956 -35.52 14.19 -19.38
C ILE A 3956 -34.40 14.44 -20.38
N GLY A 3957 -33.57 15.45 -20.12
CA GLY A 3957 -32.42 15.68 -20.97
C GLY A 3957 -31.44 14.52 -20.99
N LEU A 3958 -31.45 13.71 -19.93
CA LEU A 3958 -30.57 12.55 -19.84
C LEU A 3958 -31.14 11.31 -20.50
N LEU A 3959 -32.34 11.39 -21.06
CA LEU A 3959 -32.97 10.22 -21.68
C LEU A 3959 -32.15 9.59 -22.80
N PRO A 3960 -31.57 10.34 -23.75
CA PRO A 3960 -30.77 9.68 -24.79
C PRO A 3960 -29.59 8.88 -24.25
N ALA A 3961 -29.01 9.29 -23.14
CA ALA A 3961 -27.86 8.57 -22.59
C ALA A 3961 -28.23 7.20 -22.05
N THR A 3962 -29.52 6.95 -21.82
CA THR A 3962 -29.91 5.64 -21.29
C THR A 3962 -29.78 4.54 -22.34
N LEU A 3963 -29.63 4.90 -23.62
CA LEU A 3963 -29.47 3.89 -24.65
C LEU A 3963 -28.22 3.07 -24.42
N ALA A 3964 -27.11 3.72 -24.08
CA ALA A 3964 -25.87 3.00 -23.80
C ALA A 3964 -25.88 2.34 -22.42
N ALA A 3965 -26.58 2.93 -21.45
CA ALA A 3965 -26.58 2.38 -20.10
C ALA A 3965 -27.25 1.01 -20.03
N GLY A 3966 -28.28 0.78 -20.83
CA GLY A 3966 -28.95 -0.52 -20.81
C GLY A 3966 -29.59 -0.79 -19.47
N GLU A 3967 -29.21 -1.93 -18.86
CA GLU A 3967 -29.76 -2.30 -17.57
C GLU A 3967 -29.38 -1.32 -16.47
N SER A 3968 -28.36 -0.49 -16.70
CA SER A 3968 -27.91 0.45 -15.67
C SER A 3968 -28.91 1.56 -15.40
N SER A 3969 -29.87 1.79 -16.29
CA SER A 3969 -30.81 2.89 -16.15
C SER A 3969 -32.09 2.52 -15.40
N ALA A 3970 -32.07 1.41 -14.66
CA ALA A 3970 -33.27 1.03 -13.91
C ALA A 3970 -33.60 2.05 -12.83
N GLU A 3971 -32.59 2.47 -12.06
CA GLU A 3971 -32.83 3.43 -10.98
C GLU A 3971 -33.28 4.78 -11.52
N TYR A 3972 -32.65 5.27 -12.59
CA TYR A 3972 -33.03 6.55 -13.17
C TYR A 3972 -34.47 6.50 -13.69
N PHE A 3973 -34.85 5.41 -14.35
CA PHE A 3973 -36.21 5.30 -14.88
C PHE A 3973 -37.23 5.21 -13.75
N GLU A 3974 -36.91 4.47 -12.68
CA GLU A 3974 -37.82 4.42 -11.55
C GLU A 3974 -37.99 5.80 -10.91
N LEU A 3975 -36.88 6.54 -10.78
CA LEU A 3975 -36.97 7.89 -10.26
C LEU A 3975 -37.83 8.77 -11.15
N LEU A 3976 -37.65 8.65 -12.48
CA LEU A 3976 -38.47 9.41 -13.41
C LEU A 3976 -39.94 9.08 -13.25
N PHE A 3977 -40.27 7.79 -13.15
CA PHE A 3977 -41.66 7.38 -13.01
C PHE A 3977 -42.26 7.92 -11.73
N LYS A 3978 -41.48 7.92 -10.64
CA LYS A 3978 -41.96 8.53 -9.41
C LYS A 3978 -42.15 10.03 -9.58
N MET A 3979 -41.29 10.68 -10.36
CA MET A 3979 -41.32 12.13 -10.49
C MET A 3979 -42.49 12.62 -11.34
N ILE A 3980 -42.82 11.89 -12.41
CA ILE A 3980 -43.88 12.30 -13.32
C ILE A 3980 -45.22 11.66 -12.97
N GLU A 3981 -45.39 11.21 -11.72
CA GLU A 3981 -46.62 10.57 -11.32
C GLU A 3981 -47.83 11.49 -11.48
N THR A 3982 -47.60 12.80 -11.49
CA THR A 3982 -48.69 13.76 -11.65
C THR A 3982 -48.99 13.98 -13.13
N GLN A 3983 -50.29 14.08 -13.44
CA GLN A 3983 -50.69 14.33 -14.82
C GLN A 3983 -50.19 15.69 -15.30
N ASP A 3984 -50.08 16.66 -14.38
CA ASP A 3984 -49.53 17.96 -14.74
C ASP A 3984 -48.10 17.82 -15.26
N ALA A 3985 -47.31 16.94 -14.65
CA ALA A 3985 -45.94 16.72 -15.13
C ALA A 3985 -45.95 16.13 -16.54
N LEU A 3986 -46.84 15.17 -16.80
CA LEU A 3986 -46.90 14.60 -18.14
C LEU A 3986 -47.25 15.65 -19.17
N LEU A 3987 -48.23 16.51 -18.86
CA LEU A 3987 -48.61 17.54 -19.82
C LEU A 3987 -47.49 18.56 -19.98
N PHE A 3988 -46.78 18.85 -18.89
CA PHE A 3988 -45.64 19.76 -18.95
C PHE A 3988 -44.58 19.25 -19.93
N LEU A 3989 -44.26 17.95 -19.83
CA LEU A 3989 -43.33 17.37 -20.79
C LEU A 3989 -43.90 17.37 -22.20
N THR A 3990 -45.21 17.13 -22.34
CA THR A 3990 -45.82 17.12 -23.67
C THR A 3990 -45.69 18.49 -24.34
N VAL A 3991 -45.87 19.57 -23.59
CA VAL A 3991 -45.70 20.91 -24.15
C VAL A 3991 -44.28 21.10 -24.64
N ARG A 3992 -43.29 20.57 -23.90
CA ARG A 3992 -41.89 20.70 -24.27
C ARG A 3992 -41.50 19.83 -25.46
N GLY A 3993 -42.46 19.16 -26.10
CA GLY A 3993 -42.14 18.32 -27.23
C GLY A 3993 -41.50 17.00 -26.87
N CYS A 3994 -41.67 16.54 -25.62
CA CYS A 3994 -41.03 15.30 -25.19
C CYS A 3994 -41.62 14.08 -25.88
N LEU A 3995 -42.86 14.15 -26.36
CA LEU A 3995 -43.45 13.02 -27.07
C LEU A 3995 -42.70 12.74 -28.37
N THR A 3996 -42.39 13.79 -29.12
CA THR A 3996 -41.60 13.62 -30.34
C THR A 3996 -40.21 13.09 -30.01
N THR A 3997 -39.63 13.55 -28.90
CA THR A 3997 -38.33 13.05 -28.46
C THR A 3997 -38.39 11.55 -28.17
N ILE A 3998 -39.46 11.12 -27.50
CA ILE A 3998 -39.66 9.69 -27.23
C ILE A 3998 -39.76 8.93 -28.54
N CYS A 3999 -40.51 9.48 -29.50
CA CYS A 3999 -40.67 8.81 -30.78
C CYS A 3999 -39.34 8.64 -31.51
N LYS A 4000 -38.53 9.71 -31.59
CA LYS A 4000 -37.27 9.60 -32.31
C LYS A 4000 -36.28 8.73 -31.56
N LEU A 4001 -36.34 8.75 -30.23
CA LEU A 4001 -35.47 7.85 -29.46
C LEU A 4001 -35.83 6.39 -29.69
N ILE A 4002 -37.13 6.09 -29.77
CA ILE A 4002 -37.56 4.73 -30.09
C ILE A 4002 -37.08 4.34 -31.48
N SER A 4003 -37.20 5.26 -32.43
CA SER A 4003 -36.71 4.99 -33.79
C SER A 4003 -35.21 4.73 -33.79
N GLN A 4004 -34.45 5.54 -33.05
CA GLN A 4004 -33.00 5.35 -32.99
C GLN A 4004 -32.65 4.01 -32.36
N GLU A 4005 -33.35 3.63 -31.28
CA GLU A 4005 -33.03 2.37 -30.61
C GLU A 4005 -33.39 1.17 -31.50
N VAL A 4006 -34.52 1.24 -32.20
CA VAL A 4006 -34.90 0.13 -33.06
C VAL A 4006 -33.95 0.03 -34.26
N GLY A 4007 -33.46 1.18 -34.74
CA GLY A 4007 -32.44 1.15 -35.77
C GLY A 4007 -31.13 0.56 -35.28
N ASN A 4008 -30.75 0.88 -34.04
CA ASN A 4008 -29.53 0.32 -33.47
C ASN A 4008 -29.65 -1.20 -33.30
N ILE A 4009 -30.82 -1.67 -32.85
CA ILE A 4009 -31.02 -3.10 -32.72
C ILE A 4009 -31.01 -3.77 -34.10
N GLU A 4010 -31.60 -3.10 -35.09
CA GLU A 4010 -31.59 -3.65 -36.46
C GLU A 4010 -30.18 -3.73 -37.01
N SER A 4011 -29.32 -2.77 -36.66
CA SER A 4011 -27.93 -2.84 -37.09
C SER A 4011 -27.21 -4.02 -36.43
N LEU A 4012 -27.57 -4.34 -35.19
CA LEU A 4012 -26.99 -5.48 -34.50
C LEU A 4012 -27.53 -6.81 -35.02
N GLU A 4013 -28.57 -6.77 -35.87
CA GLU A 4013 -29.09 -8.01 -36.45
C GLU A 4013 -28.05 -8.74 -37.28
N ARG A 4014 -27.25 -8.01 -38.06
CA ARG A 4014 -26.20 -8.64 -38.85
C ARG A 4014 -25.06 -9.19 -38.01
N SER A 4015 -24.94 -8.76 -36.76
CA SER A 4015 -23.93 -9.28 -35.85
C SER A 4015 -24.48 -10.48 -35.08
N LEU A 4016 -23.61 -11.46 -34.85
CA LEU A 4016 -24.01 -12.70 -34.21
C LEU A 4016 -24.01 -12.63 -32.69
N GLN A 4017 -23.49 -11.55 -32.11
CA GLN A 4017 -23.49 -11.40 -30.66
C GLN A 4017 -24.91 -11.35 -30.14
N ILE A 4018 -25.18 -12.15 -29.11
CA ILE A 4018 -26.51 -12.24 -28.51
C ILE A 4018 -26.41 -11.71 -27.09
N ASP A 4019 -27.04 -10.57 -26.84
CA ASP A 4019 -27.11 -10.00 -25.49
C ASP A 4019 -28.50 -10.23 -24.92
N ILE A 4020 -28.56 -10.92 -23.78
CA ILE A 4020 -29.85 -11.33 -23.23
C ILE A 4020 -30.70 -10.13 -22.84
N SER A 4021 -30.09 -9.08 -22.30
CA SER A 4021 -30.82 -7.92 -21.85
C SER A 4021 -31.19 -6.96 -22.97
N GLN A 4022 -31.16 -7.42 -24.22
CA GLN A 4022 -31.43 -6.53 -25.34
C GLN A 4022 -32.87 -6.03 -25.30
N GLY A 4023 -33.05 -4.74 -25.56
CA GLY A 4023 -34.35 -4.13 -25.58
C GLY A 4023 -34.88 -3.68 -24.24
N PHE A 4024 -34.06 -3.67 -23.19
CA PHE A 4024 -34.53 -3.18 -21.90
C PHE A 4024 -34.76 -1.67 -21.93
N THR A 4025 -33.80 -0.93 -22.49
CA THR A 4025 -33.99 0.51 -22.63
C THR A 4025 -35.16 0.81 -23.56
N LEU A 4026 -35.29 0.06 -24.65
CA LEU A 4026 -36.44 0.23 -25.53
C LEU A 4026 -37.73 -0.14 -24.81
N HIS A 4027 -37.67 -1.15 -23.93
CA HIS A 4027 -38.82 -1.50 -23.11
C HIS A 4027 -39.26 -0.35 -22.22
N LYS A 4028 -38.30 0.32 -21.58
CA LYS A 4028 -38.67 1.42 -20.70
C LYS A 4028 -39.14 2.63 -21.50
N LEU A 4029 -38.57 2.86 -22.69
CA LEU A 4029 -39.05 3.92 -23.56
C LEU A 4029 -40.51 3.67 -23.96
N LEU A 4030 -40.82 2.41 -24.31
CA LEU A 4030 -42.20 2.06 -24.64
C LEU A 4030 -43.12 2.25 -23.44
N GLU A 4031 -42.65 1.89 -22.24
CA GLU A 4031 -43.46 2.06 -21.05
C GLU A 4031 -43.75 3.53 -20.80
N LEU A 4032 -42.75 4.40 -20.98
CA LEU A 4032 -42.97 5.83 -20.81
C LEU A 4032 -43.93 6.36 -21.87
N LEU A 4033 -43.81 5.88 -23.10
CA LEU A 4033 -44.74 6.29 -24.15
C LEU A 4033 -46.16 5.87 -23.80
N GLY A 4034 -46.34 4.65 -23.30
CA GLY A 4034 -47.65 4.21 -22.89
C GLY A 4034 -48.21 5.02 -21.74
N LYS A 4035 -47.35 5.41 -20.80
CA LYS A 4035 -47.78 6.30 -19.73
C LYS A 4035 -48.25 7.63 -20.27
N PHE A 4036 -47.53 8.18 -21.25
CA PHE A 4036 -47.93 9.43 -21.87
C PHE A 4036 -49.28 9.29 -22.57
N LEU A 4037 -49.48 8.19 -23.28
CA LEU A 4037 -50.70 8.01 -24.08
C LEU A 4037 -51.96 7.84 -23.24
N GLU A 4038 -51.82 7.61 -21.93
CA GLU A 4038 -53.00 7.39 -21.10
C GLU A 4038 -53.89 8.63 -21.01
N VAL A 4039 -53.35 9.80 -21.31
CA VAL A 4039 -54.12 11.03 -21.23
C VAL A 4039 -54.80 11.28 -22.58
N PRO A 4040 -56.09 11.62 -22.60
CA PRO A 4040 -56.78 11.78 -23.89
C PRO A 4040 -56.22 12.88 -24.78
N ASN A 4041 -55.96 14.06 -24.22
CA ASN A 4041 -55.47 15.17 -25.03
C ASN A 4041 -54.07 14.89 -25.56
N ILE A 4042 -53.24 14.21 -24.75
CA ILE A 4042 -51.92 13.81 -25.23
C ILE A 4042 -52.04 12.85 -26.40
N ARG A 4043 -52.99 11.90 -26.33
CA ARG A 4043 -53.20 10.98 -27.44
C ARG A 4043 -53.71 11.73 -28.68
N SER A 4044 -54.53 12.76 -28.47
CA SER A 4044 -55.02 13.55 -29.59
C SER A 4044 -53.87 14.29 -30.26
N ARG A 4045 -52.96 14.88 -29.47
CA ARG A 4045 -51.79 15.53 -30.04
C ARG A 4045 -50.89 14.51 -30.74
N PHE A 4046 -50.76 13.32 -30.15
CA PHE A 4046 -49.98 12.25 -30.78
C PHE A 4046 -50.52 11.93 -32.17
N MET A 4047 -51.83 11.75 -32.28
CA MET A 4047 -52.42 11.41 -33.57
C MET A 4047 -52.34 12.58 -34.54
N ARG A 4048 -52.52 13.81 -34.04
CA ARG A 4048 -52.49 14.98 -34.92
C ARG A 4048 -51.11 15.19 -35.53
N ASP A 4049 -50.06 14.99 -34.74
CA ASP A 4049 -48.69 15.20 -35.19
C ASP A 4049 -48.21 14.12 -36.16
N ASN A 4050 -49.07 13.14 -36.48
CA ASN A 4050 -48.73 12.06 -37.41
C ASN A 4050 -47.49 11.29 -36.98
N LEU A 4051 -47.33 11.08 -35.68
CA LEU A 4051 -46.21 10.30 -35.17
C LEU A 4051 -46.48 8.81 -35.19
N LEU A 4052 -47.66 8.39 -35.65
CA LEU A 4052 -47.97 6.96 -35.71
C LEU A 4052 -47.07 6.23 -36.71
N SER A 4053 -46.46 6.95 -37.64
CA SER A 4053 -45.56 6.31 -38.58
C SER A 4053 -44.37 5.67 -37.88
N HIS A 4054 -43.86 6.30 -36.83
CA HIS A 4054 -42.70 5.77 -36.12
C HIS A 4054 -43.01 4.45 -35.44
N VAL A 4055 -44.16 4.35 -34.78
CA VAL A 4055 -44.48 3.13 -34.05
C VAL A 4055 -44.74 1.98 -35.02
N LEU A 4056 -45.36 2.27 -36.17
CA LEU A 4056 -45.59 1.22 -37.16
C LEU A 4056 -44.27 0.72 -37.75
N GLU A 4057 -43.35 1.65 -38.04
CA GLU A 4057 -42.04 1.27 -38.55
C GLU A 4057 -41.28 0.44 -37.53
N ALA A 4058 -41.33 0.83 -36.26
CA ALA A 4058 -40.70 0.05 -35.21
C ALA A 4058 -41.32 -1.34 -35.10
N LEU A 4059 -42.65 -1.42 -35.21
CA LEU A 4059 -43.32 -2.71 -35.19
C LEU A 4059 -42.80 -3.59 -36.32
N ILE A 4060 -42.67 -3.02 -37.51
CA ILE A 4060 -42.16 -3.77 -38.66
C ILE A 4060 -40.75 -4.27 -38.38
N VAL A 4061 -39.89 -3.39 -37.87
CA VAL A 4061 -38.48 -3.76 -37.71
C VAL A 4061 -38.32 -4.86 -36.66
N ILE A 4062 -38.98 -4.69 -35.50
CA ILE A 4062 -38.83 -5.68 -34.44
C ILE A 4062 -39.56 -6.99 -34.78
N ARG A 4063 -40.65 -6.93 -35.53
CA ARG A 4063 -41.23 -8.18 -36.00
C ARG A 4063 -40.32 -8.87 -37.01
N GLY A 4064 -39.50 -8.08 -37.73
CA GLY A 4064 -38.55 -8.66 -38.66
C GLY A 4064 -37.28 -9.19 -38.03
N LEU A 4065 -37.09 -8.97 -36.73
CA LEU A 4065 -35.88 -9.42 -36.06
C LEU A 4065 -35.88 -10.93 -35.87
N ILE A 4066 -34.70 -11.54 -36.02
CA ILE A 4066 -34.51 -12.97 -35.81
C ILE A 4066 -33.38 -13.24 -34.82
N VAL A 4067 -32.19 -12.71 -35.10
CA VAL A 4067 -31.03 -12.99 -34.25
C VAL A 4067 -31.18 -12.35 -32.87
N GLN A 4068 -31.60 -11.09 -32.85
CA GLN A 4068 -31.73 -10.34 -31.60
C GLN A 4068 -33.07 -10.57 -30.90
N LYS A 4069 -33.75 -11.67 -31.22
CA LYS A 4069 -35.07 -11.95 -30.66
C LYS A 4069 -34.98 -12.57 -29.27
N THR A 4070 -34.94 -11.72 -28.24
CA THR A 4070 -34.93 -12.21 -26.86
C THR A 4070 -36.31 -12.04 -26.23
N LYS A 4071 -36.39 -12.37 -24.94
CA LYS A 4071 -37.66 -12.27 -24.22
C LYS A 4071 -38.11 -10.82 -24.10
N LEU A 4072 -37.19 -9.91 -23.79
CA LEU A 4072 -37.53 -8.50 -23.71
C LEU A 4072 -38.00 -7.99 -25.07
N ILE A 4073 -37.36 -8.44 -26.15
CA ILE A 4073 -37.76 -8.07 -27.49
C ILE A 4073 -39.19 -8.54 -27.79
N ASN A 4074 -39.51 -9.78 -27.41
CA ASN A 4074 -40.86 -10.29 -27.63
C ASN A 4074 -41.88 -9.51 -26.81
N ASP A 4075 -41.55 -9.18 -25.57
CA ASP A 4075 -42.44 -8.38 -24.73
C ASP A 4075 -42.67 -7.01 -25.33
N CYS A 4076 -41.61 -6.39 -25.85
CA CYS A 4076 -41.75 -5.10 -26.51
C CYS A 4076 -42.64 -5.20 -27.73
N ASN A 4077 -42.48 -6.25 -28.54
CA ASN A 4077 -43.34 -6.45 -29.70
C ASN A 4077 -44.81 -6.59 -29.29
N ARG A 4078 -45.04 -7.34 -28.21
CA ARG A 4078 -46.39 -7.47 -27.67
C ARG A 4078 -46.94 -6.09 -27.31
N ARG A 4079 -46.14 -5.28 -26.61
CA ARG A 4079 -46.65 -3.98 -26.18
C ARG A 4079 -46.89 -3.07 -27.38
N LEU A 4080 -46.08 -3.17 -28.43
CA LEU A 4080 -46.36 -2.41 -29.64
C LEU A 4080 -47.70 -2.79 -30.23
N LYS A 4081 -47.98 -4.09 -30.37
CA LYS A 4081 -49.25 -4.44 -31.01
C LYS A 4081 -50.41 -4.03 -30.10
N ASP A 4082 -50.16 -4.03 -28.78
CA ASP A 4082 -51.16 -3.57 -27.82
C ASP A 4082 -51.48 -2.10 -28.02
N LEU A 4083 -50.44 -1.25 -28.09
CA LEU A 4083 -50.65 0.16 -28.40
C LEU A 4083 -51.39 0.32 -29.71
N LEU A 4084 -51.07 -0.52 -30.70
CA LEU A 4084 -51.70 -0.38 -32.01
C LEU A 4084 -53.21 -0.62 -31.92
N ASP A 4085 -53.63 -1.73 -31.30
CA ASP A 4085 -55.07 -1.99 -31.26
C ASP A 4085 -55.76 -1.00 -30.31
N GLY A 4086 -55.06 -0.58 -29.25
CA GLY A 4086 -55.64 0.41 -28.35
C GLY A 4086 -55.92 1.72 -29.06
N LEU A 4087 -54.99 2.18 -29.91
CA LEU A 4087 -55.24 3.36 -30.71
C LEU A 4087 -56.35 3.11 -31.74
N LEU A 4088 -56.35 1.93 -32.36
CA LEU A 4088 -57.31 1.66 -33.42
C LEU A 4088 -58.74 1.61 -32.90
N LEU A 4089 -58.93 1.14 -31.67
CA LEU A 4089 -60.28 0.96 -31.14
C LEU A 4089 -60.96 2.29 -30.83
N GLU A 4090 -60.20 3.37 -30.63
CA GLU A 4090 -60.78 4.61 -30.12
C GLU A 4090 -61.76 5.23 -31.12
N SER A 4091 -61.32 5.46 -32.35
CA SER A 4091 -62.10 6.29 -33.27
C SER A 4091 -61.79 5.92 -34.71
N SER A 4092 -62.69 6.35 -35.60
CA SER A 4092 -62.53 6.10 -37.02
C SER A 4092 -61.49 7.00 -37.67
N GLU A 4093 -61.34 8.23 -37.18
CA GLU A 4093 -60.32 9.12 -37.72
C GLU A 4093 -58.92 8.55 -37.50
N ASN A 4094 -58.69 7.92 -36.36
CA ASN A 4094 -57.42 7.24 -36.13
C ASN A 4094 -57.21 6.11 -37.12
N LYS A 4095 -58.28 5.35 -37.42
CA LYS A 4095 -58.17 4.28 -38.41
C LYS A 4095 -57.81 4.85 -39.78
N ARG A 4096 -58.45 5.96 -40.17
CA ARG A 4096 -58.15 6.58 -41.45
C ARG A 4096 -56.70 7.05 -41.51
N GLN A 4097 -56.21 7.67 -40.42
CA GLN A 4097 -54.83 8.14 -40.42
C GLN A 4097 -53.84 6.98 -40.43
N PHE A 4098 -54.18 5.88 -39.75
CA PHE A 4098 -53.32 4.70 -39.80
C PHE A 4098 -53.31 4.10 -41.19
N ILE A 4099 -54.44 4.14 -41.88
CA ILE A 4099 -54.50 3.70 -43.27
C ILE A 4099 -53.60 4.58 -44.15
N ARG A 4100 -53.64 5.90 -43.92
CA ARG A 4100 -52.77 6.80 -44.67
C ARG A 4100 -51.30 6.49 -44.41
N ALA A 4101 -50.96 6.23 -43.14
CA ALA A 4101 -49.58 5.89 -42.80
C ALA A 4101 -49.17 4.57 -43.46
N CYS A 4102 -50.06 3.59 -43.48
CA CYS A 4102 -49.77 2.33 -44.15
C CYS A 4102 -49.57 2.53 -45.65
N VAL A 4103 -50.36 3.42 -46.25
CA VAL A 4103 -50.22 3.69 -47.68
C VAL A 4103 -48.87 4.32 -47.98
N SER A 4104 -48.48 5.31 -47.17
CA SER A 4104 -47.17 5.94 -47.36
C SER A 4104 -46.04 4.94 -47.14
N GLY A 4105 -46.17 4.09 -46.11
CA GLY A 4105 -45.18 3.06 -45.88
C GLY A 4105 -45.10 2.07 -47.03
N LEU A 4106 -46.24 1.72 -47.60
CA LEU A 4106 -46.25 0.82 -48.74
C LEU A 4106 -45.53 1.46 -49.91
N GLN A 4107 -45.77 2.75 -50.16
CA GLN A 4107 -45.04 3.45 -51.21
C GLN A 4107 -43.53 3.39 -50.98
N THR A 4108 -43.08 3.80 -49.79
CA THR A 4108 -41.64 3.91 -49.58
C THR A 4108 -40.96 2.56 -49.54
N HIS A 4109 -41.64 1.53 -49.03
CA HIS A 4109 -41.04 0.21 -48.94
C HIS A 4109 -41.13 -0.57 -50.25
N ALA A 4110 -42.13 -0.27 -51.08
CA ALA A 4110 -42.22 -0.88 -52.39
C ALA A 4110 -41.21 -0.26 -53.35
N GLU A 4111 -40.94 1.04 -53.19
CA GLU A 4111 -39.83 1.64 -53.93
C GLU A 4111 -38.49 1.04 -53.48
N GLU A 4112 -38.46 0.47 -52.28
CA GLU A 4112 -37.28 -0.21 -51.75
C GLU A 4112 -37.36 -1.73 -51.92
N ASN A 4113 -38.33 -2.24 -52.69
CA ASN A 4113 -38.57 -3.67 -52.92
C ASN A 4113 -38.38 -4.49 -51.65
N LYS A 4114 -39.00 -4.05 -50.55
CA LYS A 4114 -38.96 -4.77 -49.28
C LYS A 4114 -40.23 -5.62 -49.15
N GLY A 4115 -40.11 -6.87 -49.58
CA GLY A 4115 -41.27 -7.73 -49.69
C GLY A 4115 -41.94 -8.03 -48.36
N ARG A 4116 -41.14 -8.37 -47.35
CA ARG A 4116 -41.70 -8.78 -46.07
C ARG A 4116 -42.39 -7.62 -45.36
N THR A 4117 -41.79 -6.42 -45.40
CA THR A 4117 -42.43 -5.26 -44.80
C THR A 4117 -43.77 -4.95 -45.48
N CYS A 4118 -43.79 -5.02 -46.81
CA CYS A 4118 -45.03 -4.82 -47.55
C CYS A 4118 -46.07 -5.87 -47.15
N LEU A 4119 -45.63 -7.12 -46.98
CA LEU A 4119 -46.53 -8.18 -46.55
C LEU A 4119 -47.12 -7.86 -45.18
N PHE A 4120 -46.28 -7.39 -44.26
CA PHE A 4120 -46.76 -7.06 -42.92
C PHE A 4120 -47.80 -5.95 -42.95
N ILE A 4121 -47.52 -4.87 -43.70
CA ILE A 4121 -48.47 -3.75 -43.71
C ILE A 4121 -49.75 -4.12 -44.44
N LEU A 4122 -49.64 -4.95 -45.48
CA LEU A 4122 -50.84 -5.46 -46.15
C LEU A 4122 -51.68 -6.29 -45.19
N GLU A 4123 -51.02 -7.12 -44.36
CA GLU A 4123 -51.75 -7.90 -43.37
C GLU A 4123 -52.43 -6.99 -42.35
N GLN A 4124 -51.75 -5.93 -41.93
CA GLN A 4124 -52.35 -4.98 -40.98
C GLN A 4124 -53.57 -4.31 -41.59
N LEU A 4125 -53.47 -3.87 -42.85
CA LEU A 4125 -54.59 -3.23 -43.52
C LEU A 4125 -55.76 -4.20 -43.67
N CYS A 4126 -55.45 -5.46 -44.01
CA CYS A 4126 -56.50 -6.48 -44.11
C CYS A 4126 -57.17 -6.71 -42.76
N ASN A 4127 -56.38 -6.72 -41.68
CA ASN A 4127 -56.95 -6.93 -40.36
C ASN A 4127 -57.86 -5.79 -39.95
N LEU A 4128 -57.48 -4.54 -40.25
CA LEU A 4128 -58.34 -3.42 -39.89
C LEU A 4128 -59.60 -3.39 -40.75
N ILE A 4129 -59.46 -3.58 -42.06
CA ILE A 4129 -60.63 -3.56 -42.95
C ILE A 4129 -61.56 -4.73 -42.62
N CYS A 4130 -60.99 -5.91 -42.42
CA CYS A 4130 -61.78 -7.09 -42.04
C CYS A 4130 -61.28 -7.66 -40.72
N THR B 34 -46.10 37.32 -31.13
CA THR B 34 -46.03 36.93 -32.52
C THR B 34 -47.12 35.91 -32.82
N ASP B 35 -47.40 35.72 -34.12
CA ASP B 35 -48.42 34.78 -34.54
C ASP B 35 -48.05 33.35 -34.14
N GLU B 36 -46.79 32.98 -34.32
CA GLU B 36 -46.34 31.67 -33.86
C GLU B 36 -46.46 31.56 -32.34
N GLN B 37 -46.17 32.66 -31.64
CA GLN B 37 -46.27 32.64 -30.18
C GLN B 37 -47.71 32.39 -29.74
N ILE B 38 -48.67 33.13 -30.28
CA ILE B 38 -50.06 32.93 -29.87
C ILE B 38 -50.54 31.56 -30.33
N SER B 39 -50.05 31.07 -31.46
CA SER B 39 -50.41 29.74 -31.91
C SER B 39 -49.96 28.68 -30.91
N GLU B 40 -48.71 28.77 -30.45
CA GLU B 40 -48.22 27.76 -29.50
C GLU B 40 -48.88 27.93 -28.14
N PHE B 41 -49.22 29.16 -27.76
CA PHE B 41 -49.94 29.37 -26.51
C PHE B 41 -51.32 28.74 -26.56
N LYS B 42 -52.02 28.87 -27.70
CA LYS B 42 -53.29 28.19 -27.86
C LYS B 42 -53.11 26.68 -27.85
N GLU B 43 -52.03 26.19 -28.46
CA GLU B 43 -51.76 24.76 -28.46
C GLU B 43 -51.57 24.24 -27.04
N ALA B 44 -50.86 24.98 -26.20
CA ALA B 44 -50.66 24.57 -24.81
C ALA B 44 -51.95 24.73 -24.01
N PHE B 45 -52.72 25.79 -24.30
CA PHE B 45 -53.95 26.03 -23.56
C PHE B 45 -54.96 24.92 -23.77
N SER B 46 -55.08 24.44 -25.01
CA SER B 46 -56.05 23.40 -25.31
C SER B 46 -55.78 22.11 -24.55
N LEU B 47 -54.52 21.76 -24.33
CA LEU B 47 -54.19 20.54 -23.60
C LEU B 47 -54.69 20.59 -22.16
N PHE B 48 -54.58 21.73 -21.49
CA PHE B 48 -55.17 21.88 -20.17
C PHE B 48 -56.68 22.02 -20.22
N ASP B 49 -57.23 22.36 -21.38
CA ASP B 49 -58.68 22.46 -21.54
C ASP B 49 -59.27 21.06 -21.66
N LYS B 50 -59.51 20.42 -20.51
CA LYS B 50 -59.93 19.02 -20.51
C LYS B 50 -61.31 18.84 -21.14
N ASP B 51 -62.28 19.67 -20.75
CA ASP B 51 -63.65 19.51 -21.20
C ASP B 51 -63.98 20.37 -22.42
N GLY B 52 -63.02 21.10 -22.96
CA GLY B 52 -63.23 21.83 -24.19
C GLY B 52 -64.10 23.06 -24.07
N ASP B 53 -64.17 23.68 -22.90
CA ASP B 53 -64.96 24.90 -22.74
C ASP B 53 -64.15 26.18 -22.99
N GLY B 54 -62.87 26.06 -23.33
CA GLY B 54 -62.05 27.23 -23.55
C GLY B 54 -61.54 27.89 -22.29
N CYS B 55 -61.72 27.27 -21.13
CA CYS B 55 -61.28 27.81 -19.86
C CYS B 55 -60.53 26.75 -19.07
N ILE B 56 -59.49 27.18 -18.35
CA ILE B 56 -58.72 26.29 -17.50
C ILE B 56 -58.92 26.71 -16.04
N THR B 57 -58.70 25.78 -15.14
CA THR B 57 -58.85 26.04 -13.72
C THR B 57 -57.74 26.95 -13.22
N THR B 58 -58.04 27.69 -12.15
CA THR B 58 -57.07 28.61 -11.58
C THR B 58 -55.90 27.87 -10.95
N LYS B 59 -56.06 26.58 -10.65
CA LYS B 59 -54.94 25.79 -10.16
C LYS B 59 -53.90 25.56 -11.25
N GLU B 60 -54.34 25.36 -12.49
CA GLU B 60 -53.45 24.88 -13.53
C GLU B 60 -52.65 25.99 -14.20
N LEU B 61 -52.87 27.26 -13.81
CA LEU B 61 -52.20 28.36 -14.48
C LEU B 61 -50.69 28.29 -14.29
N GLY B 62 -50.24 27.94 -13.08
CA GLY B 62 -48.82 27.78 -12.85
C GLY B 62 -48.21 26.71 -13.71
N THR B 63 -48.88 25.57 -13.84
CA THR B 63 -48.36 24.49 -14.66
C THR B 63 -48.29 24.87 -16.13
N VAL B 64 -49.35 25.48 -16.67
CA VAL B 64 -49.32 25.82 -18.10
C VAL B 64 -48.29 26.90 -18.37
N MET B 65 -48.16 27.85 -17.44
CA MET B 65 -47.22 28.94 -17.62
C MET B 65 -45.78 28.46 -17.51
N ARG B 66 -45.54 27.47 -16.63
CA ARG B 66 -44.22 26.87 -16.54
C ARG B 66 -43.91 26.02 -17.76
N SER B 67 -44.92 25.38 -18.34
CA SER B 67 -44.69 24.53 -19.50
C SER B 67 -44.22 25.33 -20.71
N LEU B 68 -44.39 26.65 -20.68
CA LEU B 68 -44.04 27.51 -21.80
C LEU B 68 -42.68 28.19 -21.62
N GLY B 69 -41.91 27.78 -20.62
CA GLY B 69 -40.57 28.30 -20.43
C GLY B 69 -40.40 29.28 -19.29
N GLN B 70 -41.48 29.83 -18.75
CA GLN B 70 -41.38 30.78 -17.65
C GLN B 70 -41.37 30.06 -16.31
N ASN B 71 -40.82 30.72 -15.29
CA ASN B 71 -40.73 30.17 -13.93
C ASN B 71 -41.19 31.22 -12.93
N PRO B 72 -42.49 31.50 -12.86
CA PRO B 72 -42.99 32.45 -11.86
C PRO B 72 -43.08 31.81 -10.48
N THR B 73 -42.81 32.60 -9.45
CA THR B 73 -42.92 32.13 -8.08
C THR B 73 -44.39 32.02 -7.67
N GLU B 74 -44.63 31.25 -6.60
CA GLU B 74 -45.99 31.04 -6.12
C GLU B 74 -46.65 32.35 -5.70
N ALA B 75 -45.87 33.29 -5.16
CA ALA B 75 -46.42 34.59 -4.83
C ALA B 75 -46.91 35.32 -6.10
N GLU B 76 -46.13 35.23 -7.17
CA GLU B 76 -46.58 35.78 -8.45
C GLU B 76 -47.81 35.05 -8.96
N LEU B 77 -47.86 33.73 -8.77
CA LEU B 77 -49.04 32.97 -9.17
C LEU B 77 -50.27 33.49 -8.45
N GLN B 78 -50.17 33.73 -7.14
CA GLN B 78 -51.32 34.24 -6.40
C GLN B 78 -51.65 35.67 -6.80
N ASP B 79 -50.63 36.46 -7.17
CA ASP B 79 -50.90 37.80 -7.67
C ASP B 79 -51.76 37.74 -8.92
N MET B 80 -51.37 36.89 -9.88
CA MET B 80 -52.22 36.62 -11.04
C MET B 80 -53.62 36.18 -10.62
N ILE B 81 -53.72 35.21 -9.71
CA ILE B 81 -55.02 34.60 -9.46
C ILE B 81 -55.99 35.64 -8.91
N ASN B 82 -55.52 36.52 -8.02
CA ASN B 82 -56.47 37.51 -7.52
C ASN B 82 -56.66 38.68 -8.49
N GLU B 83 -55.70 38.93 -9.39
CA GLU B 83 -55.97 40.03 -10.31
C GLU B 83 -56.94 39.64 -11.43
N VAL B 84 -56.86 38.43 -11.97
CA VAL B 84 -57.70 38.06 -13.11
C VAL B 84 -59.01 37.44 -12.65
N ASP B 85 -58.97 36.59 -11.62
CA ASP B 85 -60.18 35.94 -11.12
C ASP B 85 -60.94 36.88 -10.19
N ALA B 86 -61.38 38.02 -10.72
CA ALA B 86 -62.15 38.96 -9.91
C ALA B 86 -63.51 38.38 -9.52
N ASP B 87 -64.17 37.68 -10.44
CA ASP B 87 -65.48 37.10 -10.17
C ASP B 87 -65.41 35.83 -9.34
N GLY B 88 -64.22 35.25 -9.17
CA GLY B 88 -64.08 34.09 -8.33
C GLY B 88 -64.68 32.81 -8.86
N ASN B 89 -64.83 32.70 -10.18
CA ASN B 89 -65.39 31.49 -10.77
C ASN B 89 -64.39 30.33 -10.81
N GLY B 90 -63.11 30.58 -10.55
CA GLY B 90 -62.10 29.54 -10.59
C GLY B 90 -61.66 29.13 -11.97
N THR B 91 -62.07 29.87 -13.01
CA THR B 91 -61.70 29.55 -14.39
C THR B 91 -61.14 30.79 -15.07
N ILE B 92 -60.24 30.57 -16.02
CA ILE B 92 -59.64 31.63 -16.82
C ILE B 92 -59.77 31.25 -18.28
N ASP B 93 -60.34 32.14 -19.08
CA ASP B 93 -60.53 31.86 -20.49
C ASP B 93 -59.26 32.15 -21.29
N PHE B 94 -59.29 31.81 -22.56
CA PHE B 94 -58.12 32.02 -23.42
C PHE B 94 -57.72 33.48 -23.58
N PRO B 95 -58.63 34.43 -23.85
CA PRO B 95 -58.17 35.83 -24.00
C PRO B 95 -57.47 36.38 -22.76
N GLU B 96 -57.96 36.04 -21.56
CA GLU B 96 -57.23 36.41 -20.35
C GLU B 96 -55.91 35.66 -20.25
N PHE B 97 -55.90 34.40 -20.67
CA PHE B 97 -54.68 33.58 -20.54
C PHE B 97 -53.54 34.19 -21.33
N LEU B 98 -53.84 34.87 -22.44
CA LEU B 98 -52.81 35.62 -23.16
C LEU B 98 -52.32 36.80 -22.34
N ASN B 99 -53.19 37.38 -21.51
CA ASN B 99 -52.85 38.61 -20.79
C ASN B 99 -51.86 38.34 -19.66
N LEU B 100 -52.05 37.26 -18.90
CA LEU B 100 -51.18 37.03 -17.75
C LEU B 100 -49.72 36.87 -18.15
N MET B 101 -49.45 36.08 -19.19
CA MET B 101 -48.06 35.89 -19.59
C MET B 101 -47.53 37.12 -20.29
N ALA B 102 -48.42 37.87 -20.95
CA ALA B 102 -47.98 39.04 -21.73
C ALA B 102 -47.20 40.02 -20.86
N LYS B 103 -47.68 40.28 -19.65
CA LYS B 103 -46.93 41.11 -18.71
C LYS B 103 -45.79 40.32 -18.06
N LYS B 104 -45.85 38.99 -18.15
CA LYS B 104 -44.87 38.16 -17.46
C LYS B 104 -43.49 38.18 -18.14
N MET B 105 -43.43 38.03 -19.48
CA MET B 105 -42.12 38.17 -20.10
C MET B 105 -41.63 39.61 -20.01
N LYS B 106 -42.54 40.58 -19.89
CA LYS B 106 -42.15 41.97 -19.75
C LYS B 106 -41.60 42.21 -18.35
N ALA B 117 -32.76 49.32 -12.76
CA ALA B 117 -31.85 48.66 -11.85
C ALA B 117 -30.50 49.37 -11.81
N PHE B 118 -30.16 50.04 -12.91
CA PHE B 118 -28.87 50.72 -13.01
C PHE B 118 -28.76 51.85 -11.99
N ARG B 119 -29.89 52.46 -11.61
CA ARG B 119 -29.85 53.70 -10.86
C ARG B 119 -29.57 53.51 -9.37
N VAL B 120 -29.73 52.30 -8.83
CA VAL B 120 -29.43 52.12 -7.41
C VAL B 120 -27.91 52.15 -7.16
N PHE B 121 -27.12 51.57 -8.05
CA PHE B 121 -25.68 51.60 -7.89
C PHE B 121 -25.08 52.88 -8.47
N ASP B 122 -25.91 53.68 -9.14
CA ASP B 122 -25.47 54.97 -9.67
C ASP B 122 -26.19 56.06 -8.89
N PHE B 128 -22.51 55.91 -14.89
CA PHE B 128 -21.35 55.04 -14.70
C PHE B 128 -21.33 54.54 -13.26
N ILE B 129 -20.92 53.29 -13.08
CA ILE B 129 -20.80 52.68 -11.76
C ILE B 129 -19.33 52.40 -11.50
N SER B 130 -18.75 53.12 -10.54
CA SER B 130 -17.34 53.01 -10.22
C SER B 130 -17.10 51.93 -9.17
N ALA B 131 -15.82 51.72 -8.85
CA ALA B 131 -15.46 50.78 -7.80
C ALA B 131 -15.99 51.26 -6.45
N ALA B 132 -15.81 52.54 -6.13
CA ALA B 132 -16.24 53.07 -4.84
C ALA B 132 -17.75 52.98 -4.69
N GLU B 133 -18.50 53.31 -5.74
CA GLU B 133 -19.95 53.23 -5.68
C GLU B 133 -20.41 51.80 -5.39
N LEU B 134 -19.77 50.84 -6.05
CA LEU B 134 -20.07 49.43 -5.79
C LEU B 134 -19.69 49.07 -4.35
N ARG B 135 -18.65 49.72 -3.81
CA ARG B 135 -18.28 49.46 -2.43
C ARG B 135 -19.32 49.99 -1.45
N HIS B 136 -19.90 51.17 -1.71
CA HIS B 136 -20.97 51.60 -0.79
C HIS B 136 -22.21 50.75 -0.94
N VAL B 137 -22.60 50.37 -2.16
CA VAL B 137 -23.78 49.52 -2.31
C VAL B 137 -23.51 48.14 -1.72
N MET B 138 -22.23 47.78 -1.58
CA MET B 138 -21.84 46.56 -0.88
C MET B 138 -21.99 46.72 0.63
N THR B 139 -21.38 47.77 1.19
CA THR B 139 -21.38 47.95 2.64
C THR B 139 -22.79 48.18 3.17
N ASN B 140 -23.65 48.81 2.37
CA ASN B 140 -25.02 49.08 2.82
C ASN B 140 -25.78 47.79 3.09
N LEU B 141 -25.44 46.72 2.38
CA LEU B 141 -26.16 45.46 2.51
C LEU B 141 -25.53 44.50 3.52
N ASP B 147 -10.93 44.75 -1.33
CA ASP B 147 -10.66 45.66 -2.44
C ASP B 147 -10.20 44.91 -3.69
N GLU B 148 -9.37 43.88 -3.51
CA GLU B 148 -8.89 43.11 -4.66
C GLU B 148 -10.06 42.46 -5.39
N GLU B 149 -10.99 41.87 -4.63
CA GLU B 149 -12.17 41.29 -5.25
C GLU B 149 -12.99 42.34 -5.99
N VAL B 150 -13.12 43.54 -5.39
CA VAL B 150 -13.84 44.63 -6.07
C VAL B 150 -13.16 44.97 -7.40
N GLU B 151 -11.83 45.02 -7.40
CA GLU B 151 -11.09 45.29 -8.64
C GLU B 151 -11.38 44.20 -9.67
N GLU B 152 -11.42 42.94 -9.22
CA GLU B 152 -11.75 41.85 -10.13
C GLU B 152 -13.16 42.02 -10.69
N MET B 153 -14.10 42.46 -9.84
CA MET B 153 -15.48 42.69 -10.28
C MET B 153 -15.51 43.71 -11.41
N ILE B 154 -14.91 44.88 -11.17
CA ILE B 154 -14.98 45.94 -12.17
C ILE B 154 -14.23 45.52 -13.43
N ARG B 155 -13.10 44.83 -13.26
CA ARG B 155 -12.31 44.41 -14.42
C ARG B 155 -13.11 43.47 -15.30
N GLU B 156 -13.80 42.49 -14.72
CA GLU B 156 -14.60 41.60 -15.53
C GLU B 156 -15.83 42.30 -16.10
N ALA B 157 -16.36 43.30 -15.41
CA ALA B 157 -17.49 44.06 -15.92
C ALA B 157 -17.07 45.15 -16.89
N GLN B 164 -14.55 51.85 -15.25
CA GLN B 164 -15.90 52.12 -14.75
C GLN B 164 -16.91 51.43 -15.66
N ILE B 165 -18.08 51.13 -15.11
CA ILE B 165 -19.07 50.29 -15.79
C ILE B 165 -20.25 51.15 -16.20
N ASN B 166 -20.44 51.31 -17.52
CA ASN B 166 -21.58 52.05 -18.03
C ASN B 166 -22.80 51.15 -18.14
N TYR B 167 -23.85 51.68 -18.76
CA TYR B 167 -25.09 50.91 -18.92
C TYR B 167 -24.89 49.70 -19.82
N GLU B 168 -24.10 49.84 -20.88
CA GLU B 168 -24.03 48.80 -21.91
C GLU B 168 -23.28 47.57 -21.40
N GLU B 169 -22.13 47.76 -20.75
CA GLU B 169 -21.42 46.63 -20.16
C GLU B 169 -22.25 45.99 -19.07
N PHE B 170 -22.95 46.81 -18.30
CA PHE B 170 -23.83 46.37 -17.23
C PHE B 170 -24.92 45.44 -17.78
N VAL B 171 -25.51 45.83 -18.92
CA VAL B 171 -26.50 45.00 -19.60
C VAL B 171 -25.87 43.71 -20.11
N LYS B 172 -24.72 43.84 -20.78
CA LYS B 172 -24.07 42.67 -21.36
C LYS B 172 -23.67 41.69 -20.28
N ILE B 173 -23.56 42.16 -19.04
CA ILE B 173 -23.13 41.26 -17.98
C ILE B 173 -24.30 40.82 -17.10
N MET B 174 -25.48 41.44 -17.24
CA MET B 174 -26.62 40.70 -16.68
C MET B 174 -27.12 39.64 -17.65
N SER C 180 -34.56 21.71 21.99
CA SER C 180 -35.35 22.93 22.13
C SER C 180 -35.88 23.37 20.77
N LEU C 181 -36.88 24.26 20.80
CA LEU C 181 -37.44 24.80 19.57
C LEU C 181 -36.38 25.58 18.78
N LYS C 182 -35.54 26.34 19.48
CA LYS C 182 -34.48 27.07 18.81
C LYS C 182 -33.49 26.11 18.15
N ASP C 183 -33.13 25.02 18.84
CA ASP C 183 -32.25 24.04 18.24
C ASP C 183 -32.87 23.37 17.02
N ARG C 184 -34.16 23.03 17.10
CA ARG C 184 -34.83 22.42 15.96
C ARG C 184 -34.87 23.37 14.77
N GLU C 185 -35.16 24.65 15.03
CA GLU C 185 -35.15 25.63 13.95
C GLU C 185 -33.76 25.79 13.36
N GLU C 186 -32.72 25.75 14.21
CA GLU C 186 -31.35 25.84 13.70
C GLU C 186 -31.01 24.65 12.82
N ARG C 187 -31.47 23.44 13.20
CA ARG C 187 -31.28 22.29 12.33
C ARG C 187 -32.06 22.44 11.03
N ARG C 188 -33.25 23.04 11.09
CA ARG C 188 -33.97 23.34 9.86
C ARG C 188 -33.14 24.22 8.94
N HIS C 189 -32.58 25.31 9.48
CA HIS C 189 -31.79 26.22 8.67
C HIS C 189 -30.54 25.54 8.13
N LYS C 190 -29.88 24.71 8.95
CA LYS C 190 -28.68 24.02 8.49
C LYS C 190 -29.00 23.05 7.36
N SER C 191 -30.06 22.26 7.52
CA SER C 191 -30.45 21.33 6.46
C SER C 191 -30.83 22.07 5.19
N GLU C 192 -31.55 23.19 5.31
CA GLU C 192 -31.91 23.96 4.13
C GLU C 192 -30.68 24.56 3.46
N PHE C 193 -29.72 25.02 4.26
CA PHE C 193 -28.49 25.60 3.70
C PHE C 193 -27.70 24.56 2.93
N VAL C 194 -27.54 23.35 3.49
CA VAL C 194 -26.80 22.32 2.79
C VAL C 194 -27.57 21.81 1.57
N GLN C 195 -28.90 21.82 1.66
CA GLN C 195 -29.72 21.49 0.49
C GLN C 195 -29.51 22.50 -0.64
N ARG C 196 -29.47 23.78 -0.29
CA ARG C 196 -29.19 24.81 -1.30
C ARG C 196 -27.78 24.65 -1.85
N LEU C 197 -26.84 24.24 -1.01
CA LEU C 197 -25.49 23.96 -1.49
C LEU C 197 -25.50 22.85 -2.53
N LEU C 198 -26.23 21.77 -2.26
CA LEU C 198 -26.30 20.67 -3.22
C LEU C 198 -26.97 21.12 -4.53
N SER C 199 -28.08 21.85 -4.42
CA SER C 199 -28.77 22.29 -5.63
C SER C 199 -27.89 23.21 -6.45
N SER C 200 -27.13 24.10 -5.80
CA SER C 200 -26.21 24.96 -6.50
C SER C 200 -25.11 24.15 -7.16
N ALA C 201 -24.55 23.18 -6.44
CA ALA C 201 -23.49 22.36 -7.00
C ALA C 201 -23.98 21.55 -8.19
N ILE C 202 -25.27 21.24 -8.23
CA ILE C 202 -25.82 20.48 -9.35
C ILE C 202 -26.13 21.39 -10.53
N PHE C 203 -26.73 22.55 -10.26
CA PHE C 203 -27.30 23.38 -11.33
C PHE C 203 -26.43 24.57 -11.73
N ASP C 204 -25.26 24.76 -11.11
CA ASP C 204 -24.48 25.96 -11.39
C ASP C 204 -23.94 25.99 -12.81
N ARG D 3070 13.37 -30.80 -55.25
CA ARG D 3070 14.21 -29.92 -56.06
C ARG D 3070 13.54 -28.54 -56.24
N PRO D 3071 13.92 -27.59 -55.37
CA PRO D 3071 13.32 -26.25 -55.47
C PRO D 3071 13.56 -25.56 -56.79
N ARG D 3072 14.74 -25.74 -57.40
CA ARG D 3072 15.10 -24.99 -58.59
C ARG D 3072 14.24 -25.38 -59.79
N ASN D 3073 14.00 -26.68 -59.97
CA ASN D 3073 13.19 -27.12 -61.10
C ASN D 3073 11.75 -26.64 -60.94
N TRP D 3074 11.23 -26.68 -59.72
CA TRP D 3074 9.90 -26.13 -59.47
C TRP D 3074 9.87 -24.64 -59.76
N GLN D 3075 10.96 -23.93 -59.44
CA GLN D 3075 11.04 -22.50 -59.74
C GLN D 3075 11.04 -22.22 -61.24
N LYS D 3076 11.80 -22.98 -62.03
CA LYS D 3076 11.73 -22.77 -63.48
C LYS D 3076 10.37 -23.13 -64.03
N TYR D 3077 9.74 -24.19 -63.49
CA TYR D 3077 8.41 -24.56 -63.94
C TYR D 3077 7.41 -23.45 -63.64
N CYS D 3078 7.52 -22.82 -62.47
CA CYS D 3078 6.66 -21.69 -62.16
C CYS D 3078 6.94 -20.51 -63.09
N LEU D 3079 8.22 -20.28 -63.40
CA LEU D 3079 8.56 -19.16 -64.29
C LEU D 3079 7.96 -19.35 -65.68
N ARG D 3080 8.05 -20.57 -66.23
CA ARG D 3080 7.52 -20.81 -67.55
C ARG D 3080 6.01 -21.02 -67.56
N HIS D 3081 5.41 -21.22 -66.38
CA HIS D 3081 3.98 -21.43 -66.26
C HIS D 3081 3.39 -20.55 -65.17
N GLY D 3082 3.68 -19.25 -65.22
CA GLY D 3082 3.20 -18.33 -64.20
C GLY D 3082 1.69 -18.32 -64.05
N ASP D 3083 0.97 -18.69 -65.12
CA ASP D 3083 -0.49 -18.77 -65.04
C ASP D 3083 -0.95 -19.86 -64.08
N PHE D 3084 -0.11 -20.86 -63.80
CA PHE D 3084 -0.49 -21.90 -62.85
C PHE D 3084 -0.55 -21.36 -61.43
N LEU D 3085 0.41 -20.51 -61.05
CA LEU D 3085 0.44 -20.00 -59.68
C LEU D 3085 -0.70 -19.04 -59.41
N SER D 3086 -1.13 -18.29 -60.44
CA SER D 3086 -2.30 -17.44 -60.27
C SER D 3086 -3.55 -18.27 -60.05
N PHE D 3087 -3.67 -19.40 -60.74
CA PHE D 3087 -4.78 -20.31 -60.51
C PHE D 3087 -4.78 -20.84 -59.08
N LEU D 3088 -3.61 -21.24 -58.58
CA LEU D 3088 -3.50 -21.73 -57.22
C LEU D 3088 -3.85 -20.66 -56.21
N LEU D 3089 -3.39 -19.42 -56.45
CA LEU D 3089 -3.68 -18.32 -55.55
C LEU D 3089 -5.17 -18.00 -55.54
N ASN D 3090 -5.81 -18.05 -56.72
CA ASN D 3090 -7.25 -17.85 -56.79
C ASN D 3090 -8.01 -18.94 -56.03
N GLY D 3091 -7.57 -20.20 -56.18
CA GLY D 3091 -8.31 -21.29 -55.58
C GLY D 3091 -8.09 -21.46 -54.10
N VAL D 3092 -6.92 -21.05 -53.59
CA VAL D 3092 -6.57 -21.36 -52.20
C VAL D 3092 -7.54 -20.74 -51.21
N PHE D 3093 -8.22 -19.66 -51.59
CA PHE D 3093 -9.22 -19.07 -50.72
C PHE D 3093 -10.40 -19.99 -50.47
N HIS D 3094 -10.60 -21.00 -51.33
CA HIS D 3094 -11.73 -21.91 -51.22
C HIS D 3094 -11.33 -23.35 -50.89
N PHE D 3095 -10.03 -23.64 -50.82
CA PHE D 3095 -9.57 -24.99 -50.52
C PHE D 3095 -9.75 -25.32 -49.05
N ALA D 3096 -9.85 -26.63 -48.76
CA ALA D 3096 -9.88 -27.09 -47.38
C ALA D 3096 -8.45 -27.22 -46.83
N GLU D 3097 -8.37 -27.24 -45.50
CA GLU D 3097 -7.13 -26.90 -44.79
C GLU D 3097 -5.92 -27.70 -45.27
N GLU D 3098 -6.11 -28.99 -45.57
CA GLU D 3098 -4.98 -29.81 -45.98
C GLU D 3098 -4.46 -29.43 -47.36
N SER D 3099 -5.38 -29.25 -48.33
CA SER D 3099 -4.96 -28.76 -49.64
C SER D 3099 -4.47 -27.32 -49.53
N VAL D 3100 -4.96 -26.56 -48.55
CA VAL D 3100 -4.41 -25.24 -48.28
C VAL D 3100 -2.93 -25.36 -47.88
N ILE D 3101 -2.61 -26.33 -47.02
CA ILE D 3101 -1.24 -26.52 -46.60
C ILE D 3101 -0.37 -26.92 -47.77
N GLN D 3102 -0.86 -27.83 -48.61
CA GLN D 3102 -0.07 -28.23 -49.78
C GLN D 3102 0.15 -27.05 -50.73
N THR D 3103 -0.88 -26.20 -50.91
CA THR D 3103 -0.76 -25.05 -51.78
C THR D 3103 0.25 -24.04 -51.24
N LEU D 3104 0.20 -23.77 -49.93
CA LEU D 3104 1.13 -22.79 -49.36
C LEU D 3104 2.56 -23.34 -49.35
N LYS D 3105 2.70 -24.66 -49.19
CA LYS D 3105 4.03 -25.27 -49.31
C LYS D 3105 4.57 -25.12 -50.73
N LEU D 3106 3.72 -25.36 -51.74
CA LEU D 3106 4.15 -25.16 -53.11
C LEU D 3106 4.53 -23.71 -53.37
N LEU D 3107 3.76 -22.77 -52.82
CA LEU D 3107 4.07 -21.35 -52.99
C LEU D 3107 5.40 -21.01 -52.34
N ASN D 3108 5.65 -21.53 -51.13
CA ASN D 3108 6.91 -21.29 -50.45
C ASN D 3108 8.08 -21.85 -51.26
N LEU D 3109 7.93 -23.05 -51.81
CA LEU D 3109 8.99 -23.63 -52.62
C LEU D 3109 9.17 -22.86 -53.93
N ALA D 3110 8.11 -22.21 -54.42
CA ALA D 3110 8.24 -21.39 -55.62
C ALA D 3110 9.15 -20.20 -55.37
N PHE D 3111 9.10 -19.63 -54.17
CA PHE D 3111 9.94 -18.51 -53.79
C PHE D 3111 11.10 -18.94 -52.90
N TYR D 3112 11.70 -20.09 -53.18
CA TYR D 3112 12.83 -20.60 -52.42
C TYR D 3112 14.01 -19.63 -52.42
N VAL D 3162 17.39 -18.79 -57.59
CA VAL D 3162 16.72 -18.25 -58.78
C VAL D 3162 15.90 -17.03 -58.41
N ASP D 3163 15.88 -16.05 -59.30
CA ASP D 3163 15.04 -14.87 -59.10
C ASP D 3163 13.60 -15.12 -59.57
N MET D 3164 12.64 -14.84 -58.69
CA MET D 3164 11.23 -14.90 -59.04
C MET D 3164 10.64 -13.52 -59.27
N GLU D 3165 11.43 -12.60 -59.84
CA GLU D 3165 11.02 -11.20 -59.95
C GLU D 3165 9.71 -11.06 -60.71
N GLY D 3166 9.58 -11.78 -61.84
CA GLY D 3166 8.37 -11.70 -62.64
C GLY D 3166 7.20 -12.46 -62.06
N VAL D 3167 7.46 -13.45 -61.20
CA VAL D 3167 6.38 -14.27 -60.66
C VAL D 3167 5.63 -13.58 -59.51
N VAL D 3168 6.27 -12.63 -58.83
CA VAL D 3168 5.65 -12.01 -57.66
C VAL D 3168 4.39 -11.24 -58.03
N ASP D 3169 4.37 -10.64 -59.23
CA ASP D 3169 3.28 -9.73 -59.60
C ASP D 3169 1.92 -10.41 -59.69
N ILE D 3170 1.84 -11.72 -59.46
CA ILE D 3170 0.56 -12.40 -59.46
C ILE D 3170 -0.35 -11.88 -58.35
N PHE D 3171 0.21 -11.69 -57.15
CA PHE D 3171 -0.60 -11.28 -56.00
C PHE D 3171 -1.17 -9.87 -56.16
N SER D 3172 -0.54 -9.01 -56.94
CA SER D 3172 -1.00 -7.64 -57.11
C SER D 3172 -2.18 -7.53 -58.06
N ALA D 3173 -2.76 -8.65 -58.49
CA ALA D 3173 -3.92 -8.59 -59.37
C ALA D 3173 -5.11 -7.97 -58.65
N ASN D 3174 -6.00 -7.36 -59.44
CA ASN D 3174 -7.19 -6.68 -58.93
C ASN D 3174 -6.81 -5.57 -57.95
N CYS D 3175 -5.75 -4.84 -58.30
CA CYS D 3175 -5.26 -3.69 -57.53
C CYS D 3175 -4.94 -4.07 -56.09
N GLY D 3176 -4.36 -5.24 -55.87
CA GLY D 3176 -3.99 -5.67 -54.55
C GLY D 3176 -5.12 -6.21 -53.69
N ASP D 3177 -6.32 -6.33 -54.25
CA ASP D 3177 -7.43 -6.91 -53.50
C ASP D 3177 -7.14 -8.37 -53.15
N LEU D 3178 -6.56 -9.12 -54.08
CA LEU D 3178 -6.25 -10.52 -53.84
C LEU D 3178 -5.23 -10.68 -52.73
N LEU D 3179 -4.20 -9.81 -52.72
CA LEU D 3179 -3.19 -9.85 -51.67
C LEU D 3179 -3.79 -9.52 -50.31
N ARG D 3180 -4.67 -8.52 -50.25
CA ARG D 3180 -5.31 -8.19 -48.98
C ARG D 3180 -6.21 -9.32 -48.50
N GLN D 3181 -6.91 -9.98 -49.42
CA GLN D 3181 -7.72 -11.14 -49.05
C GLN D 3181 -6.84 -12.24 -48.51
N PHE D 3182 -5.69 -12.49 -49.15
CA PHE D 3182 -4.74 -13.46 -48.64
C PHE D 3182 -4.33 -13.12 -47.21
N ILE D 3183 -3.93 -11.86 -46.98
CA ILE D 3183 -3.49 -11.45 -45.66
C ILE D 3183 -4.59 -11.67 -44.63
N ASP D 3184 -5.79 -11.16 -44.92
CA ASP D 3184 -6.89 -11.21 -43.96
C ASP D 3184 -7.28 -12.64 -43.65
N PHE D 3185 -7.42 -13.47 -44.68
CA PHE D 3185 -7.87 -14.84 -44.48
C PHE D 3185 -6.79 -15.67 -43.79
N PHE D 3186 -5.52 -15.32 -43.99
CA PHE D 3186 -4.45 -16.26 -43.70
C PHE D 3186 -3.67 -15.92 -42.44
N LEU D 3187 -3.15 -14.69 -42.35
CA LEU D 3187 -2.26 -14.33 -41.24
C LEU D 3187 -3.04 -13.95 -39.99
N LEU D 3188 -4.35 -13.69 -40.14
CA LEU D 3188 -5.18 -13.26 -39.02
C LEU D 3188 -6.37 -14.19 -38.77
N GLU D 3189 -7.21 -14.42 -39.78
CA GLU D 3189 -8.50 -15.07 -39.55
C GLU D 3189 -8.40 -16.55 -39.24
N TRP D 3190 -7.57 -17.29 -39.96
CA TRP D 3190 -7.53 -18.75 -39.79
C TRP D 3190 -7.03 -19.08 -38.39
N ASN D 3191 -7.80 -19.92 -37.68
CA ASN D 3191 -7.49 -20.28 -36.29
C ASN D 3191 -6.54 -21.46 -36.19
N SER D 3192 -5.38 -21.39 -36.85
CA SER D 3192 -4.38 -22.44 -36.77
C SER D 3192 -3.00 -21.78 -36.76
N SER D 3193 -2.19 -22.12 -35.75
CA SER D 3193 -0.86 -21.53 -35.65
C SER D 3193 0.02 -21.91 -36.83
N SER D 3194 -0.05 -23.16 -37.26
CA SER D 3194 0.83 -23.63 -38.35
C SER D 3194 0.52 -22.91 -39.65
N VAL D 3195 -0.76 -22.73 -39.98
CA VAL D 3195 -1.10 -22.06 -41.23
C VAL D 3195 -0.70 -20.59 -41.18
N ARG D 3196 -0.80 -19.98 -40.00
CA ARG D 3196 -0.39 -18.57 -39.88
C ARG D 3196 1.12 -18.43 -40.02
N THR D 3197 1.88 -19.34 -39.42
CA THR D 3197 3.33 -19.31 -39.58
C THR D 3197 3.73 -19.54 -41.04
N GLU D 3198 3.07 -20.48 -41.71
CA GLU D 3198 3.38 -20.75 -43.10
C GLU D 3198 3.02 -19.57 -43.99
N ALA D 3199 1.90 -18.90 -43.71
CA ALA D 3199 1.55 -17.70 -44.44
C ALA D 3199 2.58 -16.61 -44.20
N LYS D 3200 3.09 -16.51 -42.97
CA LYS D 3200 4.13 -15.53 -42.67
C LYS D 3200 5.39 -15.82 -43.48
N SER D 3201 5.76 -17.10 -43.58
CA SER D 3201 6.93 -17.46 -44.38
C SER D 3201 6.71 -17.16 -45.86
N VAL D 3202 5.49 -17.40 -46.35
CA VAL D 3202 5.16 -17.09 -47.74
C VAL D 3202 5.29 -15.59 -47.99
N ILE D 3203 4.78 -14.78 -47.05
CA ILE D 3203 4.85 -13.34 -47.21
C ILE D 3203 6.30 -12.85 -47.15
N TYR D 3204 7.10 -13.48 -46.28
CA TYR D 3204 8.52 -13.13 -46.23
C TYR D 3204 9.24 -13.47 -47.53
N GLY D 3205 8.90 -14.61 -48.13
CA GLY D 3205 9.47 -14.94 -49.43
C GLY D 3205 9.02 -13.97 -50.51
N LEU D 3206 7.76 -13.55 -50.46
CA LEU D 3206 7.27 -12.52 -51.37
C LEU D 3206 8.07 -11.23 -51.21
N TRP D 3207 8.33 -10.84 -49.96
CA TRP D 3207 9.09 -9.63 -49.68
C TRP D 3207 10.52 -9.75 -50.18
N HIS D 3208 11.11 -10.93 -50.06
CA HIS D 3208 12.50 -11.12 -50.48
C HIS D 3208 12.63 -11.14 -52.00
N HIS D 3209 11.73 -11.86 -52.69
CA HIS D 3209 11.82 -12.00 -54.14
C HIS D 3209 11.06 -10.93 -54.90
N GLY D 3210 10.34 -10.04 -54.21
CA GLY D 3210 9.45 -9.14 -54.90
C GLY D 3210 10.16 -7.95 -55.51
N ARG D 3211 9.50 -7.31 -56.47
CA ARG D 3211 9.94 -6.03 -56.99
C ARG D 3211 9.77 -4.97 -55.91
N HIS D 3212 10.47 -3.86 -56.04
CA HIS D 3212 10.42 -2.80 -55.02
C HIS D 3212 9.00 -2.29 -54.84
N SER D 3213 8.32 -2.01 -55.96
CA SER D 3213 6.92 -1.60 -55.89
C SER D 3213 6.08 -2.67 -55.23
N PHE D 3214 6.34 -3.95 -55.54
CA PHE D 3214 5.61 -5.02 -54.90
C PHE D 3214 5.95 -5.12 -53.42
N LYS D 3215 7.20 -4.82 -53.05
CA LYS D 3215 7.52 -4.79 -51.62
C LYS D 3215 6.69 -3.74 -50.90
N GLU D 3216 6.58 -2.55 -51.49
CA GLU D 3216 5.74 -1.51 -50.89
C GLU D 3216 4.28 -1.97 -50.81
N SER D 3217 3.77 -2.56 -51.90
CA SER D 3217 2.37 -2.98 -51.93
C SER D 3217 2.08 -4.06 -50.89
N LEU D 3218 2.98 -5.05 -50.77
CA LEU D 3218 2.75 -6.15 -49.85
C LEU D 3218 2.84 -5.69 -48.41
N LEU D 3219 3.82 -4.82 -48.09
CA LEU D 3219 3.91 -4.37 -46.71
C LEU D 3219 2.78 -3.39 -46.40
N ALA D 3220 2.29 -2.67 -47.41
CA ALA D 3220 1.11 -1.83 -47.22
C ALA D 3220 -0.13 -2.69 -46.94
N ALA D 3221 -0.26 -3.82 -47.63
CA ALA D 3221 -1.28 -4.79 -47.27
C ALA D 3221 -1.09 -5.26 -45.83
N LEU D 3222 0.16 -5.37 -45.39
CA LEU D 3222 0.41 -5.81 -44.02
C LEU D 3222 -0.04 -4.77 -42.98
N LEU D 3223 0.37 -3.51 -43.14
CA LEU D 3223 0.13 -2.56 -42.07
C LEU D 3223 -1.32 -2.07 -42.05
N GLN D 3224 -2.08 -2.39 -43.09
CA GLN D 3224 -3.47 -1.96 -43.16
C GLN D 3224 -4.35 -2.67 -42.14
N LYS D 3225 -3.84 -3.72 -41.50
CA LYS D 3225 -4.63 -4.48 -40.55
C LYS D 3225 -4.35 -4.08 -39.11
N VAL D 3226 -3.70 -2.94 -38.88
CA VAL D 3226 -3.37 -2.52 -37.52
C VAL D 3226 -4.64 -2.28 -36.71
N ARG D 3227 -5.63 -1.62 -37.32
CA ARG D 3227 -6.87 -1.33 -36.61
C ARG D 3227 -7.67 -2.60 -36.31
N TYR D 3228 -7.48 -3.67 -37.08
CA TYR D 3228 -8.18 -4.92 -36.84
C TYR D 3228 -7.37 -5.91 -36.00
N LEU D 3229 -6.09 -5.61 -35.74
CA LEU D 3229 -5.28 -6.49 -34.91
C LEU D 3229 -5.87 -6.86 -33.55
N PRO D 3230 -6.38 -5.92 -32.74
CA PRO D 3230 -6.80 -6.31 -31.37
C PRO D 3230 -7.92 -7.32 -31.33
N ALA D 3231 -8.70 -7.44 -32.40
CA ALA D 3231 -9.89 -8.30 -32.39
C ALA D 3231 -9.57 -9.77 -32.60
N TYR D 3232 -8.30 -10.11 -32.90
CA TYR D 3232 -7.95 -11.46 -33.31
C TYR D 3232 -7.25 -12.27 -32.23
N GLY D 3233 -7.09 -11.72 -31.02
CA GLY D 3233 -6.55 -12.49 -29.92
C GLY D 3233 -5.09 -12.86 -30.11
N GLN D 3234 -4.76 -14.11 -29.76
CA GLN D 3234 -3.38 -14.58 -29.80
C GLN D 3234 -2.89 -14.89 -31.20
N ASN D 3235 -3.77 -14.85 -32.21
CA ASN D 3235 -3.38 -15.17 -33.57
C ASN D 3235 -2.46 -14.13 -34.19
N ILE D 3236 -2.30 -12.96 -33.56
CA ILE D 3236 -1.50 -11.89 -34.12
C ILE D 3236 0.00 -12.07 -33.90
N VAL D 3237 0.42 -13.14 -33.22
CA VAL D 3237 1.83 -13.30 -32.88
C VAL D 3237 2.68 -13.44 -34.15
N GLU D 3238 2.30 -14.35 -35.04
CA GLU D 3238 3.08 -14.58 -36.24
C GLU D 3238 3.10 -13.34 -37.14
N TYR D 3239 1.97 -12.66 -37.28
CA TYR D 3239 1.92 -11.44 -38.05
C TYR D 3239 2.89 -10.41 -37.49
N THR D 3240 2.92 -10.24 -36.17
CA THR D 3240 3.76 -9.20 -35.58
C THR D 3240 5.23 -9.56 -35.66
N GLU D 3241 5.57 -10.85 -35.53
CA GLU D 3241 6.96 -11.24 -35.74
C GLU D 3241 7.39 -10.98 -37.19
N LEU D 3242 6.51 -11.27 -38.15
CA LEU D 3242 6.82 -10.97 -39.54
C LEU D 3242 7.01 -9.47 -39.74
N VAL D 3243 6.13 -8.66 -39.15
CA VAL D 3243 6.23 -7.22 -39.30
C VAL D 3243 7.53 -6.70 -38.70
N SER D 3244 7.90 -7.21 -37.52
CA SER D 3244 9.14 -6.80 -36.89
C SER D 3244 10.35 -7.19 -37.73
N LEU D 3245 10.33 -8.39 -38.32
CA LEU D 3245 11.45 -8.81 -39.15
C LEU D 3245 11.55 -7.98 -40.42
N LEU D 3246 10.40 -7.61 -41.00
CA LEU D 3246 10.41 -6.83 -42.23
C LEU D 3246 10.81 -5.37 -42.00
N LEU D 3247 10.30 -4.74 -40.94
CA LEU D 3247 10.63 -3.34 -40.68
C LEU D 3247 12.03 -3.17 -40.10
N ASP D 3248 12.66 -4.25 -39.66
CA ASP D 3248 14.00 -4.16 -39.11
C ASP D 3248 14.98 -3.68 -40.16
N LYS D 3249 15.82 -2.71 -39.78
CA LYS D 3249 16.81 -2.17 -40.72
C LYS D 3249 18.02 -3.08 -40.77
N ALA D 3250 18.34 -3.58 -41.95
CA ALA D 3250 19.49 -4.46 -42.13
C ALA D 3250 20.65 -3.72 -42.78
N SER D 3255 23.18 -2.59 -51.00
CA SER D 3255 22.06 -3.06 -51.82
C SER D 3255 20.74 -2.96 -51.05
N LYS D 3256 20.84 -2.89 -49.73
CA LYS D 3256 19.66 -2.83 -48.86
C LYS D 3256 19.19 -1.41 -48.60
N GLN D 3257 19.89 -0.39 -49.12
CA GLN D 3257 19.49 0.99 -48.87
C GLN D 3257 18.13 1.29 -49.50
N ALA D 3258 17.89 0.78 -50.70
CA ALA D 3258 16.61 1.01 -51.36
C ALA D 3258 15.46 0.38 -50.58
N ILE D 3259 15.67 -0.81 -50.03
CA ILE D 3259 14.63 -1.47 -49.24
C ILE D 3259 14.27 -0.65 -48.02
N ASN D 3260 15.27 -0.10 -47.33
CA ASN D 3260 14.99 0.80 -46.22
C ASN D 3260 14.23 2.04 -46.71
N GLU D 3261 14.51 2.48 -47.93
CA GLU D 3261 13.77 3.60 -48.50
C GLU D 3261 12.29 3.26 -48.69
N LEU D 3262 12.00 2.05 -49.18
CA LEU D 3262 10.61 1.62 -49.29
C LEU D 3262 9.96 1.53 -47.92
N VAL D 3263 10.68 1.00 -46.93
CA VAL D 3263 10.13 0.89 -45.58
C VAL D 3263 9.78 2.27 -45.03
N ASP D 3264 10.69 3.24 -45.22
CA ASP D 3264 10.43 4.60 -44.75
C ASP D 3264 9.25 5.23 -45.49
N ARG D 3265 9.17 5.03 -46.80
CA ARG D 3265 8.06 5.62 -47.57
C ARG D 3265 6.72 5.05 -47.14
N CYS D 3266 6.66 3.74 -46.91
CA CYS D 3266 5.37 3.11 -46.59
C CYS D 3266 4.91 3.46 -45.18
N LEU D 3267 5.84 3.50 -44.21
CA LEU D 3267 5.46 3.83 -42.85
C LEU D 3267 5.02 5.29 -42.76
N ASN D 3268 3.92 5.52 -42.05
CA ASN D 3268 3.35 6.85 -41.91
C ASN D 3268 3.01 7.08 -40.45
N PRO D 3269 2.98 8.33 -40.00
CA PRO D 3269 2.70 8.59 -38.57
C PRO D 3269 1.36 8.05 -38.10
N ASP D 3270 0.41 7.87 -39.02
CA ASP D 3270 -0.90 7.34 -38.63
C ASP D 3270 -0.77 5.96 -38.00
N VAL D 3271 0.11 5.12 -38.53
CA VAL D 3271 0.25 3.75 -38.00
C VAL D 3271 0.70 3.80 -36.55
N ILE D 3272 1.70 4.63 -36.25
CA ILE D 3272 2.18 4.75 -34.87
C ILE D 3272 1.09 5.36 -33.99
N ARG D 3273 0.33 6.31 -34.52
CA ARG D 3273 -0.74 6.91 -33.72
C ARG D 3273 -1.79 5.87 -33.35
N CYS D 3274 -2.19 5.02 -34.30
CA CYS D 3274 -3.12 3.95 -33.98
C CYS D 3274 -2.51 2.96 -33.00
N PHE D 3275 -1.23 2.62 -33.15
CA PHE D 3275 -0.58 1.74 -32.18
C PHE D 3275 -0.72 2.30 -30.78
N PHE D 3276 -0.35 3.58 -30.60
CA PHE D 3276 -0.42 4.20 -29.29
C PHE D 3276 -1.84 4.25 -28.78
N GLU D 3277 -2.81 4.56 -29.66
CA GLU D 3277 -4.19 4.70 -29.22
C GLU D 3277 -4.77 3.38 -28.76
N THR D 3278 -4.54 2.30 -29.52
CA THR D 3278 -5.05 0.99 -29.08
C THR D 3278 -4.35 0.53 -27.82
N LEU D 3279 -3.05 0.78 -27.68
CA LEU D 3279 -2.37 0.43 -26.45
C LEU D 3279 -2.98 1.16 -25.26
N HIS D 3280 -3.23 2.46 -25.41
CA HIS D 3280 -3.84 3.23 -24.33
C HIS D 3280 -5.24 2.72 -24.02
N SER D 3281 -6.02 2.41 -25.05
CA SER D 3281 -7.38 1.94 -24.82
C SER D 3281 -7.40 0.61 -24.08
N GLN D 3282 -6.53 -0.33 -24.47
CA GLN D 3282 -6.49 -1.62 -23.79
C GLN D 3282 -5.97 -1.49 -22.36
N ASN D 3283 -4.97 -0.63 -22.14
CA ASN D 3283 -4.49 -0.42 -20.78
C ASN D 3283 -5.56 0.22 -19.90
N GLU D 3284 -6.32 1.17 -20.47
CA GLU D 3284 -7.44 1.76 -19.74
C GLU D 3284 -8.50 0.71 -19.42
N LEU D 3285 -8.77 -0.19 -20.37
CA LEU D 3285 -9.73 -1.26 -20.12
C LEU D 3285 -9.27 -2.15 -18.98
N ILE D 3286 -7.97 -2.48 -18.96
CA ILE D 3286 -7.44 -3.34 -17.91
C ILE D 3286 -7.51 -2.62 -16.55
N ALA D 3287 -7.10 -1.36 -16.52
CA ALA D 3287 -7.02 -0.64 -15.26
C ALA D 3287 -8.42 -0.36 -14.70
N ASN D 3288 -9.36 0.05 -15.54
CA ASN D 3288 -10.70 0.41 -15.12
C ASN D 3288 -11.61 -0.80 -14.98
N HIS D 3289 -11.07 -2.00 -15.12
CA HIS D 3289 -11.87 -3.21 -15.04
C HIS D 3289 -12.40 -3.40 -13.62
N PRO D 3290 -13.68 -3.70 -13.45
CA PRO D 3290 -14.20 -3.91 -12.08
C PRO D 3290 -13.54 -5.06 -11.35
N ASN D 3291 -13.00 -6.04 -12.08
CA ASN D 3291 -12.40 -7.22 -11.47
C ASN D 3291 -10.89 -7.13 -11.36
N SER D 3292 -10.30 -5.96 -11.65
CA SER D 3292 -8.85 -5.83 -11.57
C SER D 3292 -8.34 -6.08 -10.15
N ARG D 3293 -9.01 -5.47 -9.16
CA ARG D 3293 -8.61 -5.68 -7.77
C ARG D 3293 -8.85 -7.12 -7.34
N ILE D 3294 -9.95 -7.72 -7.78
CA ILE D 3294 -10.23 -9.11 -7.43
C ILE D 3294 -9.16 -10.03 -8.01
N TYR D 3295 -8.78 -9.79 -9.26
CA TYR D 3295 -7.73 -10.59 -9.88
C TYR D 3295 -6.39 -10.39 -9.18
N SER D 3296 -6.06 -9.14 -8.83
CA SER D 3296 -4.78 -8.89 -8.18
C SER D 3296 -4.72 -9.54 -6.80
N THR D 3297 -5.81 -9.50 -6.05
CA THR D 3297 -5.82 -10.13 -4.73
C THR D 3297 -5.82 -11.65 -4.84
N LEU D 3298 -6.64 -12.20 -5.73
CA LEU D 3298 -6.77 -13.65 -5.85
C LEU D 3298 -5.48 -14.27 -6.39
N GLY D 3299 -4.72 -13.52 -7.19
CA GLY D 3299 -3.52 -14.07 -7.78
C GLY D 3299 -2.47 -14.44 -6.75
N ASN D 3300 -2.34 -13.65 -5.69
CA ASN D 3300 -1.31 -13.89 -4.67
C ASN D 3300 -1.75 -14.88 -3.60
N LEU D 3301 -3.00 -15.32 -3.62
CA LEU D 3301 -3.52 -16.20 -2.58
C LEU D 3301 -3.82 -17.61 -3.06
N VAL D 3302 -4.41 -17.75 -4.25
CA VAL D 3302 -4.92 -19.02 -4.74
C VAL D 3302 -4.13 -19.41 -5.98
N GLU D 3303 -4.32 -20.65 -6.43
CA GLU D 3303 -3.73 -21.13 -7.68
C GLU D 3303 -4.45 -20.42 -8.82
N PHE D 3304 -3.89 -19.32 -9.29
CA PHE D 3304 -4.54 -18.43 -10.25
C PHE D 3304 -4.11 -18.84 -11.65
N ASP D 3305 -5.04 -19.40 -12.42
CA ASP D 3305 -4.77 -19.81 -13.79
C ASP D 3305 -5.90 -19.42 -14.75
N GLY D 3306 -6.56 -18.31 -14.52
CA GLY D 3306 -7.58 -17.85 -15.45
C GLY D 3306 -8.35 -16.68 -14.89
N TYR D 3307 -9.14 -16.07 -15.77
CA TYR D 3307 -10.01 -14.95 -15.43
C TYR D 3307 -11.44 -15.34 -15.75
N TYR D 3308 -12.14 -15.91 -14.78
CA TYR D 3308 -13.50 -16.39 -14.99
C TYR D 3308 -14.57 -15.39 -14.59
N LEU D 3309 -14.19 -14.20 -14.11
CA LEU D 3309 -15.16 -13.19 -13.71
C LEU D 3309 -15.48 -12.22 -14.82
N GLU D 3310 -14.96 -12.44 -16.02
CA GLU D 3310 -15.24 -11.56 -17.14
C GLU D 3310 -16.71 -11.67 -17.55
N SER D 3311 -17.33 -10.53 -17.81
CA SER D 3311 -18.75 -10.50 -18.19
C SER D 3311 -18.91 -10.77 -19.68
N LYS D 3328 -12.36 -41.73 -25.54
CA LYS D 3328 -12.92 -43.08 -25.61
C LYS D 3328 -14.36 -43.06 -26.13
N LEU D 3329 -14.84 -44.25 -26.49
CA LEU D 3329 -16.21 -44.39 -27.01
C LEU D 3329 -17.25 -44.07 -25.96
N GLU D 3330 -17.06 -44.53 -24.73
CA GLU D 3330 -18.07 -44.34 -23.69
C GLU D 3330 -18.27 -42.87 -23.36
N SER D 3331 -17.20 -42.09 -23.29
CA SER D 3331 -17.32 -40.68 -22.95
C SER D 3331 -17.94 -39.87 -24.09
N LEU D 3332 -17.82 -40.32 -25.33
CA LEU D 3332 -18.40 -39.62 -26.46
C LEU D 3332 -19.85 -40.01 -26.72
N LYS D 3333 -20.25 -41.21 -26.32
CA LYS D 3333 -21.58 -41.70 -26.64
C LYS D 3333 -22.65 -41.06 -25.77
N SER D 3334 -23.82 -40.85 -26.34
CA SER D 3334 -25.03 -40.44 -25.62
C SER D 3334 -26.16 -41.44 -25.79
N GLU D 3335 -26.25 -42.06 -26.96
CA GLU D 3335 -27.23 -43.11 -27.24
C GLU D 3335 -26.56 -44.13 -28.14
N THR D 3336 -26.83 -45.41 -27.87
CA THR D 3336 -26.21 -46.48 -28.65
C THR D 3336 -27.25 -47.56 -28.93
N LYS D 3337 -27.23 -48.07 -30.17
CA LYS D 3337 -28.08 -49.18 -30.58
C LYS D 3337 -27.23 -50.25 -31.25
N PHE D 3338 -27.66 -51.49 -31.13
CA PHE D 3338 -26.92 -52.63 -31.64
C PHE D 3338 -27.83 -53.54 -32.46
N THR D 3339 -27.22 -54.28 -33.38
CA THR D 3339 -27.87 -55.33 -34.15
C THR D 3339 -26.95 -56.54 -34.20
N ASP D 3340 -27.26 -57.48 -35.10
CA ASP D 3340 -26.48 -58.69 -35.22
C ASP D 3340 -25.02 -58.40 -35.59
N ASN D 3341 -24.79 -57.40 -36.43
CA ASN D 3341 -23.43 -57.12 -36.88
C ASN D 3341 -23.11 -55.63 -36.98
N ARG D 3342 -24.00 -54.75 -36.55
CA ARG D 3342 -23.79 -53.32 -36.67
C ARG D 3342 -23.96 -52.63 -35.33
N ILE D 3343 -23.20 -51.56 -35.12
CA ILE D 3343 -23.27 -50.74 -33.91
C ILE D 3343 -23.49 -49.31 -34.34
N ILE D 3344 -24.65 -48.76 -33.99
CA ILE D 3344 -25.04 -47.39 -34.33
C ILE D 3344 -24.88 -46.55 -33.09
N VAL D 3345 -24.09 -45.48 -33.18
CA VAL D 3345 -23.74 -44.66 -32.04
C VAL D 3345 -24.12 -43.21 -32.33
N LYS D 3346 -24.84 -42.59 -31.40
CA LYS D 3346 -25.10 -41.16 -31.43
C LYS D 3346 -24.25 -40.47 -30.37
N CYS D 3347 -23.47 -39.48 -30.80
CA CYS D 3347 -22.60 -38.77 -29.87
C CYS D 3347 -23.34 -37.64 -29.17
N THR D 3348 -22.73 -37.12 -28.10
CA THR D 3348 -23.27 -35.95 -27.41
C THR D 3348 -23.19 -34.69 -28.26
N GLY D 3349 -22.41 -34.71 -29.33
CA GLY D 3349 -22.31 -33.55 -30.20
C GLY D 3349 -21.51 -33.89 -31.43
N SER D 3350 -21.22 -32.85 -32.22
CA SER D 3350 -20.42 -33.03 -33.43
C SER D 3350 -18.94 -33.14 -33.07
N TYR D 3351 -18.28 -34.14 -33.65
CA TYR D 3351 -16.87 -34.38 -33.39
C TYR D 3351 -16.16 -34.67 -34.71
N THR D 3352 -15.04 -33.99 -34.94
CA THR D 3352 -14.22 -34.20 -36.12
C THR D 3352 -13.13 -35.22 -35.80
N ILE D 3353 -13.27 -36.43 -36.34
CA ILE D 3353 -12.42 -37.57 -36.01
C ILE D 3353 -11.40 -37.74 -37.11
N GLN D 3354 -10.11 -37.76 -36.74
CA GLN D 3354 -9.06 -37.98 -37.71
C GLN D 3354 -8.69 -39.45 -37.86
N SER D 3355 -8.85 -40.24 -36.80
CA SER D 3355 -8.58 -41.66 -36.90
C SER D 3355 -9.33 -42.41 -35.80
N VAL D 3356 -9.59 -43.69 -36.07
CA VAL D 3356 -10.28 -44.60 -35.16
C VAL D 3356 -9.42 -45.85 -34.97
N THR D 3357 -9.11 -46.17 -33.72
CA THR D 3357 -8.32 -47.34 -33.37
C THR D 3357 -9.16 -48.26 -32.50
N MET D 3358 -9.16 -49.55 -32.84
CA MET D 3358 -9.95 -50.55 -32.13
C MET D 3358 -9.03 -51.56 -31.46
N VAL D 3369 -12.99 -60.92 -36.88
CA VAL D 3369 -13.54 -59.98 -37.85
C VAL D 3369 -12.63 -59.93 -39.07
N LYS D 3370 -13.23 -60.04 -40.26
CA LYS D 3370 -12.50 -60.04 -41.52
C LYS D 3370 -12.57 -58.70 -42.24
N VAL D 3371 -13.78 -58.17 -42.46
CA VAL D 3371 -13.96 -56.89 -43.14
C VAL D 3371 -14.68 -55.95 -42.18
N LEU D 3372 -14.14 -54.74 -42.04
CA LEU D 3372 -14.68 -53.74 -41.12
C LEU D 3372 -14.98 -52.48 -41.90
N ASN D 3373 -16.25 -52.08 -41.91
CA ASN D 3373 -16.69 -50.89 -42.64
C ASN D 3373 -17.14 -49.81 -41.66
N LEU D 3374 -16.72 -48.58 -41.94
CA LEU D 3374 -17.03 -47.44 -41.09
C LEU D 3374 -17.90 -46.46 -41.86
N TYR D 3375 -18.98 -45.99 -41.22
CA TYR D 3375 -19.89 -45.02 -41.80
C TYR D 3375 -20.08 -43.86 -40.82
N TYR D 3376 -20.41 -42.69 -41.36
CA TYR D 3376 -20.53 -41.49 -40.55
C TYR D 3376 -21.51 -40.52 -41.18
N ASN D 3377 -22.11 -39.69 -40.33
CA ASN D 3377 -22.93 -38.57 -40.78
C ASN D 3377 -22.96 -37.53 -39.67
N ASN D 3378 -23.11 -36.27 -40.08
CA ASN D 3378 -23.16 -35.15 -39.15
C ASN D 3378 -24.54 -34.48 -39.13
N ARG D 3379 -25.59 -35.24 -39.42
CA ARG D 3379 -26.94 -34.71 -39.36
C ARG D 3379 -27.46 -34.80 -37.92
N PRO D 3380 -27.81 -33.69 -37.29
CA PRO D 3380 -28.36 -33.76 -35.92
C PRO D 3380 -29.66 -34.54 -35.90
N VAL D 3381 -29.78 -35.45 -34.94
CA VAL D 3381 -30.91 -36.37 -34.89
C VAL D 3381 -31.41 -36.45 -33.44
N SER D 3382 -32.73 -36.60 -33.30
CA SER D 3382 -33.32 -36.69 -31.96
C SER D 3382 -33.08 -38.06 -31.35
N ASP D 3383 -33.19 -39.13 -32.14
CA ASP D 3383 -33.00 -40.48 -31.65
C ASP D 3383 -32.45 -41.35 -32.77
N LEU D 3384 -31.88 -42.50 -32.38
CA LEU D 3384 -31.21 -43.38 -33.32
C LEU D 3384 -32.18 -44.17 -34.20
N SER D 3385 -33.48 -44.14 -33.90
CA SER D 3385 -34.43 -44.90 -34.71
C SER D 3385 -34.50 -44.39 -36.13
N GLU D 3386 -34.48 -43.06 -36.31
CA GLU D 3386 -34.59 -42.49 -37.65
C GLU D 3386 -33.36 -42.78 -38.50
N LEU D 3387 -32.23 -43.06 -37.88
CA LEU D 3387 -31.03 -43.42 -38.61
C LEU D 3387 -30.82 -44.91 -38.73
N LYS D 3388 -31.52 -45.72 -37.93
CA LYS D 3388 -31.32 -47.16 -37.96
C LYS D 3388 -31.81 -47.75 -39.28
N ASN D 3389 -32.94 -47.27 -39.79
CA ASN D 3389 -33.58 -47.86 -40.95
C ASN D 3389 -33.33 -47.10 -42.25
N ASN D 3390 -32.75 -45.90 -42.18
CA ASN D 3390 -32.47 -45.11 -43.39
C ASN D 3390 -30.96 -45.16 -43.66
N TRP D 3391 -30.58 -46.12 -44.50
CA TRP D 3391 -29.17 -46.28 -44.86
C TRP D 3391 -28.66 -45.16 -45.75
N SER D 3392 -29.55 -44.49 -46.49
CA SER D 3392 -29.13 -43.44 -47.41
C SER D 3392 -28.49 -42.26 -46.68
N LEU D 3393 -28.73 -42.13 -45.38
CA LEU D 3393 -28.17 -41.02 -44.60
C LEU D 3393 -26.76 -41.30 -44.10
N TRP D 3394 -26.21 -42.48 -44.37
CA TRP D 3394 -24.87 -42.84 -43.92
C TRP D 3394 -23.86 -42.70 -45.06
N LYS D 3395 -22.73 -42.06 -44.76
CA LYS D 3395 -21.66 -41.87 -45.71
C LYS D 3395 -20.50 -42.82 -45.37
N ARG D 3396 -20.02 -43.54 -46.38
CA ARG D 3396 -18.95 -44.51 -46.17
C ARG D 3396 -17.62 -43.77 -46.09
N ALA D 3397 -16.96 -43.86 -44.94
CA ALA D 3397 -15.68 -43.19 -44.75
C ALA D 3397 -14.52 -44.04 -45.25
N LYS D 3398 -14.37 -45.25 -44.71
CA LYS D 3398 -13.26 -46.12 -45.10
C LYS D 3398 -13.67 -47.57 -44.91
N SER D 3399 -13.07 -48.43 -45.73
CA SER D 3399 -13.22 -49.88 -45.61
C SER D 3399 -11.86 -50.48 -45.28
N CYS D 3400 -11.82 -51.32 -44.25
CA CYS D 3400 -10.59 -51.90 -43.75
C CYS D 3400 -10.66 -53.41 -43.80
N HIS D 3401 -9.55 -54.04 -44.19
CA HIS D 3401 -9.44 -55.49 -44.26
C HIS D 3401 -8.55 -55.98 -43.13
N LEU D 3402 -9.03 -56.97 -42.38
CA LEU D 3402 -8.35 -57.48 -41.21
C LEU D 3402 -7.83 -58.90 -41.45
N SER D 3403 -6.65 -59.18 -40.92
CA SER D 3403 -6.11 -60.53 -40.93
C SER D 3403 -6.79 -61.37 -39.86
N PHE D 3404 -6.51 -62.68 -39.89
CA PHE D 3404 -7.11 -63.59 -38.94
C PHE D 3404 -6.62 -63.30 -37.54
N ASN D 3405 -7.57 -63.20 -36.59
CA ASN D 3405 -7.28 -62.94 -35.19
C ASN D 3405 -6.48 -61.66 -34.99
N GLN D 3406 -6.79 -60.62 -35.76
CA GLN D 3406 -6.13 -59.34 -35.60
C GLN D 3406 -6.81 -58.57 -34.46
N THR D 3407 -6.07 -58.31 -33.38
CA THR D 3407 -6.62 -57.69 -32.20
C THR D 3407 -6.57 -56.17 -32.23
N GLU D 3408 -5.76 -55.58 -33.09
CA GLU D 3408 -5.61 -54.13 -33.16
C GLU D 3408 -5.71 -53.68 -34.60
N LEU D 3409 -6.44 -52.59 -34.83
CA LEU D 3409 -6.59 -52.00 -36.16
C LEU D 3409 -6.65 -50.50 -36.01
N LYS D 3410 -5.68 -49.81 -36.62
CA LYS D 3410 -5.63 -48.35 -36.62
C LYS D 3410 -6.11 -47.86 -37.98
N VAL D 3411 -7.20 -47.10 -37.98
CA VAL D 3411 -7.81 -46.58 -39.20
C VAL D 3411 -7.60 -45.07 -39.20
N GLU D 3412 -6.78 -44.59 -40.13
CA GLU D 3412 -6.51 -43.17 -40.26
C GLU D 3412 -7.24 -42.62 -41.47
N PHE D 3413 -7.80 -41.42 -41.31
CA PHE D 3413 -8.54 -40.77 -42.38
C PHE D 3413 -7.68 -39.69 -43.01
N PRO D 3414 -7.42 -39.76 -44.32
CA PRO D 3414 -6.63 -38.70 -44.97
C PRO D 3414 -7.24 -37.33 -44.81
N ILE D 3415 -8.57 -37.23 -44.81
CA ILE D 3415 -9.28 -35.99 -44.53
C ILE D 3415 -10.17 -36.24 -43.31
N PRO D 3416 -10.08 -35.42 -42.26
CA PRO D 3416 -10.88 -35.67 -41.06
C PRO D 3416 -12.37 -35.66 -41.37
N ILE D 3417 -13.11 -36.54 -40.71
CA ILE D 3417 -14.55 -36.64 -40.92
C ILE D 3417 -15.27 -36.04 -39.71
N THR D 3418 -16.18 -35.10 -40.00
CA THR D 3418 -17.00 -34.48 -38.97
C THR D 3418 -18.34 -35.21 -38.93
N ALA D 3419 -18.67 -35.79 -37.77
CA ALA D 3419 -19.86 -36.61 -37.64
C ALA D 3419 -20.44 -36.51 -36.25
N CYS D 3420 -21.76 -36.31 -36.18
CA CYS D 3420 -22.51 -36.41 -34.94
C CYS D 3420 -23.01 -37.82 -34.67
N ASN D 3421 -23.03 -38.68 -35.69
CA ASN D 3421 -23.46 -40.06 -35.58
C ASN D 3421 -22.58 -40.92 -36.47
N PHE D 3422 -22.05 -42.00 -35.91
CA PHE D 3422 -21.21 -42.91 -36.67
C PHE D 3422 -21.69 -44.34 -36.47
N MET D 3423 -21.48 -45.16 -37.49
CA MET D 3423 -22.01 -46.51 -37.57
C MET D 3423 -20.90 -47.45 -37.99
N ILE D 3424 -20.59 -48.43 -37.15
CA ILE D 3424 -19.49 -49.36 -37.37
C ILE D 3424 -20.08 -50.74 -37.62
N GLU D 3425 -19.71 -51.33 -38.75
CA GLU D 3425 -20.26 -52.61 -39.19
C GLU D 3425 -19.14 -53.63 -39.32
N LEU D 3426 -19.37 -54.83 -38.79
CA LEU D 3426 -18.49 -55.98 -39.02
C LEU D 3426 -19.06 -56.78 -40.19
N ASP D 3427 -18.62 -56.40 -41.40
CA ASP D 3427 -19.25 -56.91 -42.61
C ASP D 3427 -19.11 -58.42 -42.74
N SER D 3428 -17.93 -58.96 -42.46
CA SER D 3428 -17.70 -60.39 -42.62
C SER D 3428 -16.74 -60.87 -41.54
N PHE D 3429 -16.71 -62.19 -41.36
CA PHE D 3429 -15.85 -62.79 -40.35
C PHE D 3429 -15.04 -63.95 -40.95
N ARG D 3493 -14.33 -58.67 -26.45
CA ARG D 3493 -14.78 -57.35 -26.01
C ARG D 3493 -14.11 -56.29 -26.88
N PHE D 3494 -14.93 -55.46 -27.52
CA PHE D 3494 -14.41 -54.44 -28.43
C PHE D 3494 -14.33 -53.10 -27.71
N GLU D 3495 -13.16 -52.48 -27.74
CA GLU D 3495 -12.96 -51.14 -27.20
C GLU D 3495 -12.57 -50.21 -28.33
N PHE D 3496 -13.42 -49.23 -28.61
CA PHE D 3496 -13.20 -48.27 -29.68
C PHE D 3496 -12.77 -46.95 -29.07
N ASN D 3497 -11.59 -46.48 -29.47
CA ASN D 3497 -11.01 -45.26 -28.91
C ASN D 3497 -10.69 -44.33 -30.09
N PHE D 3498 -11.15 -43.09 -30.00
CA PHE D 3498 -11.07 -42.14 -31.10
C PHE D 3498 -10.27 -40.91 -30.68
N MET D 3499 -9.34 -40.48 -31.53
CA MET D 3499 -8.64 -39.22 -31.35
C MET D 3499 -9.32 -38.16 -32.22
N ALA D 3500 -9.78 -37.09 -31.57
CA ALA D 3500 -10.65 -36.10 -32.20
C ALA D 3500 -10.79 -34.88 -31.30
N LYS D 3501 -11.47 -33.86 -31.82
CA LYS D 3501 -11.82 -32.68 -31.05
C LYS D 3501 -13.32 -32.42 -31.15
N PRO D 3502 -13.90 -31.77 -30.15
CA PRO D 3502 -15.27 -31.27 -30.30
C PRO D 3502 -15.35 -30.23 -31.41
N SER D 3503 -16.32 -30.41 -32.30
CA SER D 3503 -16.47 -29.55 -33.46
C SER D 3503 -17.86 -28.91 -33.47
N PHE D 3504 -17.88 -27.63 -33.80
CA PHE D 3504 -19.13 -26.91 -34.00
C PHE D 3504 -19.38 -26.59 -35.47
N ILE D 3505 -18.64 -27.22 -36.37
CA ILE D 3505 -18.94 -27.15 -37.81
C ILE D 3505 -19.97 -28.23 -38.12
N PHE D 3506 -21.24 -27.87 -38.07
CA PHE D 3506 -22.34 -28.81 -38.28
C PHE D 3506 -22.61 -28.94 -39.78
N ASP D 3507 -23.32 -30.02 -40.13
CA ASP D 3507 -23.63 -30.27 -41.54
C ASP D 3507 -24.39 -29.10 -42.14
N ASN D 3508 -23.98 -28.73 -43.36
CA ASN D 3508 -24.70 -27.69 -44.08
C ASN D 3508 -26.11 -28.17 -44.39
N MET D 3509 -27.08 -27.59 -43.69
CA MET D 3509 -28.47 -27.98 -43.86
C MET D 3509 -28.98 -27.67 -45.26
N GLU D 3510 -29.90 -28.50 -45.74
CA GLU D 3510 -30.36 -28.47 -47.12
C GLU D 3510 -31.83 -28.12 -47.29
N ASN D 3511 -32.62 -28.14 -46.21
CA ASN D 3511 -34.05 -27.88 -46.31
C ASN D 3511 -34.49 -27.00 -45.14
N ASP D 3512 -35.76 -26.60 -45.17
CA ASP D 3512 -36.30 -25.69 -44.16
C ASP D 3512 -36.58 -26.37 -42.83
N GLU D 3513 -36.92 -27.67 -42.85
CA GLU D 3513 -37.07 -28.41 -41.61
C GLU D 3513 -35.79 -28.35 -40.78
N ASP D 3514 -34.64 -28.42 -41.45
CA ASP D 3514 -33.37 -28.35 -40.74
C ASP D 3514 -33.17 -26.99 -40.08
N MET D 3515 -33.57 -25.90 -40.76
CA MET D 3515 -33.45 -24.59 -40.14
C MET D 3515 -34.43 -24.45 -38.98
N LYS D 3516 -35.58 -25.10 -39.07
CA LYS D 3516 -36.52 -25.12 -37.94
C LYS D 3516 -35.89 -25.81 -36.73
N LYS D 3517 -35.28 -26.97 -36.94
CA LYS D 3517 -34.60 -27.66 -35.85
C LYS D 3517 -33.44 -26.83 -35.32
N GLY D 3518 -32.73 -26.14 -36.21
CA GLY D 3518 -31.64 -25.27 -35.78
C GLY D 3518 -32.12 -24.14 -34.90
N LEU D 3519 -33.25 -23.53 -35.26
CA LEU D 3519 -33.81 -22.45 -34.44
C LEU D 3519 -34.27 -22.98 -33.08
N ALA D 3520 -34.87 -24.17 -33.07
CA ALA D 3520 -35.22 -24.79 -31.78
C ALA D 3520 -33.98 -25.03 -30.93
N ALA D 3521 -32.89 -25.49 -31.56
CA ALA D 3521 -31.63 -25.66 -30.86
C ALA D 3521 -31.09 -24.33 -30.34
N ILE D 3522 -31.25 -23.26 -31.13
CA ILE D 3522 -30.89 -21.93 -30.66
C ILE D 3522 -31.62 -21.60 -29.38
N GLU D 3523 -32.93 -21.80 -29.35
CA GLU D 3523 -33.71 -21.43 -28.17
C GLU D 3523 -33.30 -22.27 -26.96
N SER D 3524 -33.16 -23.59 -27.16
CA SER D 3524 -32.81 -24.46 -26.04
C SER D 3524 -31.43 -24.14 -25.49
N GLU D 3525 -30.45 -23.95 -26.38
CA GLU D 3525 -29.10 -23.65 -25.93
C GLU D 3525 -29.00 -22.26 -25.31
N SER D 3526 -29.81 -21.31 -25.79
CA SER D 3526 -29.86 -19.99 -25.16
C SER D 3526 -30.38 -20.10 -23.73
N GLU D 3527 -31.44 -20.88 -23.52
CA GLU D 3527 -31.94 -21.08 -22.17
C GLU D 3527 -30.90 -21.76 -21.29
N ASN D 3528 -30.22 -22.78 -21.83
CA ASN D 3528 -29.18 -23.46 -21.06
C ASN D 3528 -28.06 -22.49 -20.69
N ALA D 3529 -27.66 -21.64 -21.64
CA ALA D 3529 -26.61 -20.66 -21.38
C ALA D 3529 -27.04 -19.65 -20.33
N HIS D 3530 -28.31 -19.22 -20.36
CA HIS D 3530 -28.80 -18.31 -19.34
C HIS D 3530 -28.76 -18.97 -17.97
N LYS D 3531 -29.16 -20.24 -17.87
CA LYS D 3531 -29.11 -20.93 -16.59
C LYS D 3531 -27.67 -21.05 -16.09
N ARG D 3532 -26.74 -21.39 -16.98
CA ARG D 3532 -25.35 -21.54 -16.57
C ARG D 3532 -24.73 -20.21 -16.17
N TYR D 3533 -25.09 -19.13 -16.87
CA TYR D 3533 -24.61 -17.80 -16.50
C TYR D 3533 -25.18 -17.40 -15.14
N GLN D 3534 -26.44 -17.75 -14.87
CA GLN D 3534 -27.03 -17.46 -13.58
C GLN D 3534 -26.30 -18.20 -12.46
N GLN D 3535 -25.97 -19.48 -12.68
CA GLN D 3535 -25.24 -20.22 -11.66
C GLN D 3535 -23.82 -19.65 -11.49
N LEU D 3536 -23.22 -19.20 -12.59
CA LEU D 3536 -21.89 -18.58 -12.50
C LEU D 3536 -21.94 -17.31 -11.66
N LEU D 3537 -22.97 -16.48 -11.86
CA LEU D 3537 -23.11 -15.28 -11.03
C LEU D 3537 -23.38 -15.64 -9.57
N GLY D 3538 -24.24 -16.63 -9.34
CA GLY D 3538 -24.56 -17.03 -7.98
C GLY D 3538 -23.37 -17.58 -7.24
N PHE D 3539 -22.40 -18.15 -7.97
CA PHE D 3539 -21.15 -18.53 -7.34
C PHE D 3539 -20.15 -17.39 -7.29
N LYS D 3540 -20.31 -16.39 -8.17
CA LYS D 3540 -19.46 -15.21 -8.13
C LYS D 3540 -19.68 -14.41 -6.85
N LYS D 3541 -20.93 -14.31 -6.40
CA LYS D 3541 -21.22 -13.50 -5.22
C LYS D 3541 -20.43 -13.91 -3.99
N PRO D 3542 -20.44 -15.19 -3.56
CA PRO D 3542 -19.62 -15.55 -2.39
C PRO D 3542 -18.13 -15.39 -2.62
N LEU D 3543 -17.65 -15.58 -3.85
CA LEU D 3543 -16.25 -15.33 -4.15
C LEU D 3543 -15.88 -13.88 -3.90
N LEU D 3544 -16.74 -12.95 -4.34
CA LEU D 3544 -16.53 -11.55 -4.05
C LEU D 3544 -16.58 -11.28 -2.55
N LYS D 3545 -17.47 -11.99 -1.85
CA LYS D 3545 -17.57 -11.83 -0.40
C LYS D 3545 -16.26 -12.21 0.29
N ILE D 3546 -15.70 -13.37 -0.05
CA ILE D 3546 -14.50 -13.85 0.65
C ILE D 3546 -13.29 -12.98 0.30
N VAL D 3547 -13.21 -12.53 -0.95
CA VAL D 3547 -12.06 -11.73 -1.37
C VAL D 3547 -11.97 -10.44 -0.57
N SER D 3548 -13.10 -9.78 -0.35
CA SER D 3548 -13.10 -8.54 0.42
C SER D 3548 -12.69 -8.74 1.87
N SER D 3549 -12.83 -9.95 2.40
CA SER D 3549 -12.44 -10.25 3.77
C SER D 3549 -10.98 -10.62 3.90
N ILE D 3550 -10.24 -10.70 2.80
CA ILE D 3550 -8.81 -10.99 2.85
C ILE D 3550 -8.10 -9.82 3.51
N GLY D 3551 -7.15 -10.13 4.40
CA GLY D 3551 -6.51 -9.14 5.24
C GLY D 3551 -7.03 -9.10 6.66
N GLU D 3552 -8.12 -9.82 6.95
CA GLU D 3552 -8.66 -9.92 8.29
C GLU D 3552 -8.40 -11.32 8.83
N THR D 3553 -7.87 -11.42 10.04
CA THR D 3553 -7.54 -12.71 10.63
C THR D 3553 -8.80 -13.51 10.94
N CYS D 3575 -5.92 -28.81 9.64
CA CYS D 3575 -5.45 -27.90 8.61
C CYS D 3575 -4.83 -26.68 9.27
N LYS D 3576 -3.56 -26.42 8.95
CA LYS D 3576 -2.80 -25.33 9.55
C LYS D 3576 -2.91 -24.04 8.76
N ILE D 3577 -4.05 -23.79 8.11
CA ILE D 3577 -4.17 -22.75 7.10
C ILE D 3577 -5.22 -21.74 7.50
N ASN D 3578 -5.20 -20.58 6.84
CA ASN D 3578 -6.35 -19.68 6.83
C ASN D 3578 -7.45 -20.27 5.97
N ARG D 3579 -8.60 -20.52 6.58
CA ARG D 3579 -9.67 -21.24 5.88
C ARG D 3579 -10.32 -20.37 4.80
N LYS D 3580 -10.16 -19.05 4.89
CA LYS D 3580 -10.74 -18.18 3.87
C LYS D 3580 -10.16 -18.48 2.49
N ILE D 3581 -8.85 -18.67 2.40
CA ILE D 3581 -8.23 -18.98 1.12
C ILE D 3581 -8.55 -20.42 0.72
N ALA D 3582 -8.87 -21.28 1.70
CA ALA D 3582 -9.36 -22.61 1.37
C ALA D 3582 -10.70 -22.53 0.63
N LEU D 3583 -11.63 -21.74 1.17
CA LEU D 3583 -12.90 -21.53 0.49
C LEU D 3583 -12.68 -20.88 -0.87
N LEU D 3584 -11.80 -19.89 -0.94
CA LEU D 3584 -11.48 -19.26 -2.22
C LEU D 3584 -10.97 -20.27 -3.22
N GLY D 3585 -10.07 -21.16 -2.78
CA GLY D 3585 -9.54 -22.16 -3.68
C GLY D 3585 -10.60 -23.09 -4.22
N VAL D 3586 -11.45 -23.61 -3.33
CA VAL D 3586 -12.53 -24.48 -3.78
C VAL D 3586 -13.41 -23.75 -4.78
N LEU D 3587 -13.88 -22.56 -4.40
CA LEU D 3587 -14.83 -21.81 -5.22
C LEU D 3587 -14.23 -21.51 -6.59
N TYR D 3588 -12.98 -21.03 -6.60
CA TYR D 3588 -12.39 -20.50 -7.82
C TYR D 3588 -11.89 -21.62 -8.73
N GLY D 3589 -11.13 -22.57 -8.18
CA GLY D 3589 -10.51 -23.61 -8.99
C GLY D 3589 -11.42 -24.75 -9.36
N GLU D 3590 -12.46 -25.04 -8.57
CA GLU D 3590 -13.28 -26.20 -8.88
C GLU D 3590 -14.66 -25.84 -9.41
N LYS D 3591 -15.44 -25.04 -8.69
CA LYS D 3591 -16.82 -24.84 -9.09
C LYS D 3591 -16.95 -23.70 -10.09
N CYS D 3592 -16.21 -22.61 -9.88
CA CYS D 3592 -16.22 -21.51 -10.83
C CYS D 3592 -15.63 -21.94 -12.17
N LYS D 3593 -14.59 -22.76 -12.14
CA LYS D 3593 -14.04 -23.31 -13.37
C LYS D 3593 -15.09 -24.14 -14.12
N ALA D 3594 -15.79 -25.01 -13.38
CA ALA D 3594 -16.81 -25.85 -14.03
C ALA D 3594 -17.94 -25.01 -14.61
N ALA D 3595 -18.40 -24.01 -13.85
CA ALA D 3595 -19.49 -23.16 -14.32
C ALA D 3595 -19.07 -22.36 -15.53
N PHE D 3596 -17.86 -21.79 -15.51
CA PHE D 3596 -17.37 -21.02 -16.64
C PHE D 3596 -17.18 -21.92 -17.86
N ASP D 3597 -16.69 -23.14 -17.66
CA ASP D 3597 -16.53 -24.07 -18.78
C ASP D 3597 -17.88 -24.45 -19.38
N SER D 3598 -18.89 -24.67 -18.54
CA SER D 3598 -20.23 -24.97 -19.07
C SER D 3598 -20.81 -23.78 -19.82
N VAL D 3599 -20.64 -22.57 -19.28
CA VAL D 3599 -21.09 -21.37 -19.97
C VAL D 3599 -20.41 -21.26 -21.32
N SER D 3600 -19.09 -21.44 -21.35
CA SER D 3600 -18.34 -21.34 -22.59
C SER D 3600 -18.76 -22.41 -23.58
N LYS D 3601 -19.04 -23.63 -23.09
CA LYS D 3601 -19.47 -24.70 -23.98
C LYS D 3601 -20.80 -24.35 -24.65
N SER D 3602 -21.75 -23.86 -23.87
CA SER D 3602 -23.00 -23.38 -24.44
C SER D 3602 -22.74 -22.26 -25.45
N VAL D 3603 -21.79 -21.38 -25.13
CA VAL D 3603 -21.47 -20.26 -26.00
C VAL D 3603 -20.96 -20.75 -27.36
N GLN D 3604 -19.98 -21.67 -27.34
CA GLN D 3604 -19.42 -22.17 -28.60
C GLN D 3604 -20.45 -22.96 -29.39
N THR D 3605 -21.29 -23.73 -28.72
CA THR D 3605 -22.39 -24.38 -29.42
C THR D 3605 -23.26 -23.35 -30.10
N LEU D 3606 -23.53 -22.23 -29.41
CA LEU D 3606 -24.38 -21.20 -29.97
C LEU D 3606 -23.73 -20.55 -31.20
N GLN D 3607 -22.42 -20.26 -31.14
CA GLN D 3607 -21.76 -19.76 -32.35
C GLN D 3607 -21.82 -20.78 -33.49
N GLY D 3608 -21.65 -22.07 -33.19
CA GLY D 3608 -21.72 -23.06 -34.25
C GLY D 3608 -23.06 -23.06 -34.95
N LEU D 3609 -24.13 -23.17 -34.17
CA LEU D 3609 -25.47 -23.21 -34.76
C LEU D 3609 -25.81 -21.90 -35.46
N ARG D 3610 -25.44 -20.76 -34.86
CA ARG D 3610 -25.73 -19.48 -35.49
C ARG D 3610 -24.94 -19.31 -36.78
N ARG D 3611 -23.68 -19.74 -36.81
CA ARG D 3611 -22.88 -19.61 -38.01
C ARG D 3611 -23.47 -20.43 -39.14
N VAL D 3612 -23.84 -21.68 -38.86
CA VAL D 3612 -24.45 -22.50 -39.91
C VAL D 3612 -25.80 -21.92 -40.32
N LEU D 3613 -26.53 -21.32 -39.38
CA LEU D 3613 -27.84 -20.74 -39.69
C LEU D 3613 -27.71 -19.57 -40.66
N MET D 3614 -26.85 -18.60 -40.35
CA MET D 3614 -26.66 -17.48 -41.27
C MET D 3614 -25.99 -17.91 -42.56
N SER D 3615 -25.19 -18.99 -42.51
CA SER D 3615 -24.65 -19.54 -43.76
C SER D 3615 -25.77 -19.98 -44.68
N TYR D 3616 -26.73 -20.75 -44.16
CA TYR D 3616 -27.85 -21.19 -44.97
C TYR D 3616 -28.71 -20.01 -45.41
N LEU D 3617 -28.90 -19.03 -44.51
CA LEU D 3617 -29.72 -17.87 -44.86
C LEU D 3617 -29.10 -17.08 -45.99
N HIS D 3618 -27.78 -16.86 -45.93
CA HIS D 3618 -27.09 -16.14 -47.01
C HIS D 3618 -27.12 -16.93 -48.30
N GLN D 3619 -26.97 -18.26 -48.22
CA GLN D 3619 -27.06 -19.08 -49.43
C GLN D 3619 -28.46 -19.01 -50.03
N LYS D 3620 -29.49 -18.93 -49.19
CA LYS D 3620 -30.86 -18.93 -49.68
C LYS D 3620 -31.25 -17.57 -50.27
N ASN D 3621 -30.78 -16.48 -49.65
CA ASN D 3621 -31.20 -15.15 -50.10
C ASN D 3621 -30.31 -14.57 -51.19
N SER D 3622 -29.26 -15.29 -51.58
CA SER D 3622 -28.38 -14.81 -52.66
C SER D 3622 -28.69 -15.54 -53.96
N LYS D 3635 -15.84 -8.97 -36.22
CA LYS D 3635 -15.11 -9.15 -34.97
C LYS D 3635 -15.11 -7.88 -34.14
N THR D 3636 -15.94 -7.85 -33.10
CA THR D 3636 -16.02 -6.69 -32.23
C THR D 3636 -14.99 -6.78 -31.12
N PRO D 3637 -14.50 -5.64 -30.62
CA PRO D 3637 -13.56 -5.66 -29.49
C PRO D 3637 -14.21 -6.26 -28.25
N ASN D 3638 -13.41 -6.97 -27.47
CA ASN D 3638 -13.88 -7.65 -26.27
C ASN D 3638 -13.21 -7.07 -25.03
N ASN D 3639 -13.82 -7.34 -23.88
CA ASN D 3639 -13.30 -6.92 -22.59
C ASN D 3639 -12.58 -8.03 -21.85
N CYS D 3640 -12.10 -9.04 -22.58
CA CYS D 3640 -11.42 -10.17 -21.97
C CYS D 3640 -10.13 -9.70 -21.32
N TYR D 3641 -9.97 -10.01 -20.02
CA TYR D 3641 -8.76 -9.62 -19.31
C TYR D 3641 -7.52 -10.28 -19.90
N GLY D 3642 -7.62 -11.59 -20.19
CA GLY D 3642 -6.46 -12.30 -20.70
C GLY D 3642 -6.05 -11.85 -22.08
N CYS D 3643 -7.02 -11.61 -22.97
CA CYS D 3643 -6.70 -11.16 -24.32
C CYS D 3643 -6.02 -9.79 -24.30
N ALA D 3644 -6.55 -8.88 -23.48
CA ALA D 3644 -5.94 -7.57 -23.36
C ALA D 3644 -4.53 -7.69 -22.77
N THR D 3645 -4.36 -8.54 -21.77
CA THR D 3645 -3.04 -8.71 -21.16
C THR D 3645 -2.03 -9.24 -22.17
N THR D 3646 -2.43 -10.23 -22.98
CA THR D 3646 -1.49 -10.80 -23.94
C THR D 3646 -1.18 -9.81 -25.06
N PHE D 3647 -2.18 -9.03 -25.49
CA PHE D 3647 -1.92 -8.01 -26.49
C PHE D 3647 -0.96 -6.96 -25.97
N VAL D 3648 -1.15 -6.54 -24.71
CA VAL D 3648 -0.25 -5.58 -24.11
C VAL D 3648 1.16 -6.13 -24.03
N THR D 3649 1.27 -7.39 -23.59
CA THR D 3649 2.59 -8.02 -23.45
C THR D 3649 3.32 -8.06 -24.79
N GLN D 3650 2.61 -8.39 -25.86
CA GLN D 3650 3.26 -8.42 -27.17
C GLN D 3650 3.58 -7.01 -27.65
N CYS D 3651 2.70 -6.05 -27.36
CA CYS D 3651 2.94 -4.68 -27.81
C CYS D 3651 4.14 -4.07 -27.11
N LEU D 3652 4.49 -4.55 -25.90
CA LEU D 3652 5.72 -4.06 -25.29
C LEU D 3652 6.95 -4.43 -26.10
N GLU D 3653 7.02 -5.67 -26.61
CA GLU D 3653 8.15 -6.01 -27.48
C GLU D 3653 8.06 -5.25 -28.80
N ILE D 3654 6.84 -4.96 -29.26
CA ILE D 3654 6.70 -4.10 -30.45
C ILE D 3654 7.31 -2.73 -30.20
N LEU D 3655 6.99 -2.11 -29.07
CA LEU D 3655 7.57 -0.81 -28.75
C LEU D 3655 9.07 -0.89 -28.59
N GLN D 3656 9.56 -1.98 -27.99
CA GLN D 3656 11.00 -2.18 -27.88
C GLN D 3656 11.65 -2.23 -29.26
N VAL D 3657 10.96 -2.80 -30.24
CA VAL D 3657 11.47 -2.77 -31.61
C VAL D 3657 11.38 -1.37 -32.19
N LEU D 3658 10.24 -0.71 -32.01
CA LEU D 3658 10.05 0.61 -32.62
C LEU D 3658 10.91 1.69 -31.97
N SER D 3659 11.37 1.45 -30.74
CA SER D 3659 12.14 2.46 -30.03
C SER D 3659 13.48 2.73 -30.68
N LYS D 3660 14.05 1.76 -31.39
CA LYS D 3660 15.31 1.99 -32.09
C LYS D 3660 15.14 2.93 -33.29
N HIS D 3661 13.92 3.10 -33.78
CA HIS D 3661 13.65 4.08 -34.83
C HIS D 3661 13.57 5.45 -34.20
N PRO D 3662 14.36 6.44 -34.65
CA PRO D 3662 14.33 7.75 -33.99
C PRO D 3662 13.01 8.49 -34.14
N ARG D 3663 12.47 8.58 -35.37
CA ARG D 3663 11.24 9.33 -35.60
C ARG D 3663 10.09 8.78 -34.76
N SER D 3664 9.92 7.45 -34.78
CA SER D 3664 8.90 6.83 -33.95
C SER D 3664 9.15 7.07 -32.48
N ARG D 3665 10.42 7.07 -32.07
CA ARG D 3665 10.76 7.33 -30.68
C ARG D 3665 10.28 8.73 -30.26
N LYS D 3666 10.61 9.74 -31.05
CA LYS D 3666 10.18 11.10 -30.71
C LYS D 3666 8.66 11.21 -30.71
N GLN D 3667 7.99 10.61 -31.70
CA GLN D 3667 6.54 10.67 -31.74
C GLN D 3667 5.93 10.03 -30.49
N LEU D 3668 6.48 8.89 -30.07
CA LEU D 3668 5.90 8.17 -28.94
C LEU D 3668 6.16 8.90 -27.62
N VAL D 3669 7.36 9.48 -27.44
CA VAL D 3669 7.61 10.20 -26.20
C VAL D 3669 6.75 11.46 -26.15
N ALA D 3670 6.56 12.12 -27.30
CA ALA D 3670 5.65 13.26 -27.35
C ALA D 3670 4.23 12.84 -27.01
N ALA D 3671 3.80 11.67 -27.47
CA ALA D 3671 2.48 11.16 -27.11
C ALA D 3671 2.36 10.77 -25.65
N GLY D 3672 3.48 10.63 -24.94
CA GLY D 3672 3.44 10.28 -23.53
C GLY D 3672 3.59 8.80 -23.24
N ILE D 3673 4.41 8.09 -24.01
CA ILE D 3673 4.54 6.64 -23.81
C ILE D 3673 5.26 6.31 -22.52
N LEU D 3674 6.22 7.15 -22.11
CA LEU D 3674 6.99 6.87 -20.90
C LEU D 3674 6.11 6.91 -19.66
N SER D 3675 5.26 7.94 -19.55
CA SER D 3675 4.36 8.04 -18.40
C SER D 3675 3.38 6.87 -18.36
N GLU D 3676 2.84 6.50 -19.52
CA GLU D 3676 1.93 5.36 -19.60
C GLU D 3676 2.62 4.09 -19.12
N LEU D 3677 3.81 3.81 -19.65
CA LEU D 3677 4.56 2.64 -19.23
C LEU D 3677 4.83 2.64 -17.74
N PHE D 3678 5.34 3.76 -17.21
CA PHE D 3678 5.70 3.83 -15.80
C PHE D 3678 4.47 3.66 -14.91
N GLU D 3679 3.34 4.24 -15.30
CA GLU D 3679 2.17 4.16 -14.44
C GLU D 3679 1.51 2.79 -14.45
N ASN D 3680 1.40 2.14 -15.61
CA ASN D 3680 0.63 0.90 -15.70
C ASN D 3680 1.51 -0.32 -15.95
N ASN D 3681 2.38 -0.30 -16.96
CA ASN D 3681 2.99 -1.56 -17.40
C ASN D 3681 4.05 -2.07 -16.42
N ILE D 3682 4.84 -1.20 -15.79
CA ILE D 3682 5.90 -1.69 -14.91
C ILE D 3682 5.33 -2.26 -13.62
N HIS D 3683 4.07 -1.98 -13.29
CA HIS D 3683 3.46 -2.50 -12.07
C HIS D 3683 2.53 -3.68 -12.31
N GLN D 3684 2.12 -3.92 -13.56
CA GLN D 3684 1.10 -4.91 -13.87
C GLN D 3684 1.61 -5.85 -14.95
N GLY D 3685 1.04 -7.06 -14.97
CA GLY D 3685 1.35 -8.05 -15.97
C GLY D 3685 2.35 -9.08 -15.50
N PRO D 3686 2.57 -10.11 -16.33
CA PRO D 3686 3.53 -11.16 -15.96
C PRO D 3686 4.95 -10.64 -15.96
N LYS D 3687 5.86 -11.50 -15.47
CA LYS D 3687 7.26 -11.11 -15.32
C LYS D 3687 7.90 -10.81 -16.66
N THR D 3688 7.62 -11.63 -17.68
CA THR D 3688 8.15 -11.38 -19.01
C THR D 3688 7.67 -10.03 -19.54
N ALA D 3689 6.38 -9.73 -19.32
CA ALA D 3689 5.85 -8.44 -19.72
C ALA D 3689 6.55 -7.30 -18.99
N ARG D 3690 6.78 -7.45 -17.68
CA ARG D 3690 7.45 -6.41 -16.93
C ARG D 3690 8.86 -6.17 -17.44
N ALA D 3691 9.59 -7.26 -17.72
CA ALA D 3691 10.94 -7.12 -18.24
C ALA D 3691 10.95 -6.44 -19.61
N GLN D 3692 10.04 -6.86 -20.50
CA GLN D 3692 9.97 -6.24 -21.82
C GLN D 3692 9.62 -4.76 -21.73
N ALA D 3693 8.68 -4.42 -20.83
CA ALA D 3693 8.29 -3.03 -20.66
C ALA D 3693 9.44 -2.19 -20.13
N ARG D 3694 10.17 -2.70 -19.15
CA ARG D 3694 11.31 -1.98 -18.62
C ARG D 3694 12.39 -1.79 -19.68
N ALA D 3695 12.65 -2.83 -20.48
CA ALA D 3695 13.63 -2.70 -21.56
C ALA D 3695 13.19 -1.67 -22.59
N ALA D 3696 11.90 -1.67 -22.95
CA ALA D 3696 11.40 -0.70 -23.92
C ALA D 3696 11.51 0.71 -23.38
N LEU D 3697 11.19 0.90 -22.10
CA LEU D 3697 11.34 2.22 -21.49
C LEU D 3697 12.79 2.66 -21.51
N SER D 3698 13.72 1.75 -21.18
CA SER D 3698 15.13 2.09 -21.19
C SER D 3698 15.59 2.49 -22.59
N THR D 3699 15.15 1.75 -23.61
CA THR D 3699 15.56 2.09 -24.97
C THR D 3699 14.95 3.40 -25.43
N PHE D 3700 13.71 3.70 -25.02
CA PHE D 3700 13.11 4.98 -25.35
C PHE D 3700 13.86 6.13 -24.68
N SER D 3701 14.27 5.94 -23.43
CA SER D 3701 14.99 7.00 -22.71
C SER D 3701 16.41 7.19 -23.20
N GLU D 3702 16.95 6.25 -23.97
CA GLU D 3702 18.32 6.34 -24.45
C GLU D 3702 18.43 7.39 -25.55
N GLY D 3703 19.37 8.32 -25.37
CA GLY D 3703 19.68 9.30 -26.39
C GLY D 3703 18.71 10.45 -26.52
N ASP D 3704 17.78 10.61 -25.59
CA ASP D 3704 16.76 11.67 -25.65
C ASP D 3704 16.80 12.44 -24.35
N LEU D 3705 16.71 13.77 -24.45
CA LEU D 3705 16.77 14.63 -23.27
C LEU D 3705 15.38 14.90 -22.70
N SER D 3706 15.32 15.17 -21.39
CA SER D 3706 14.15 15.51 -20.59
C SER D 3706 13.26 14.30 -20.36
N ALA D 3707 13.52 13.22 -21.11
CA ALA D 3707 12.89 11.95 -20.78
C ALA D 3707 13.44 11.41 -19.47
N VAL D 3708 14.76 11.44 -19.32
CA VAL D 3708 15.38 11.09 -18.05
C VAL D 3708 14.92 12.03 -16.95
N ASN D 3709 14.74 13.31 -17.29
CA ASN D 3709 14.27 14.27 -16.29
C ASN D 3709 12.91 13.88 -15.75
N GLU D 3710 11.94 13.61 -16.63
CA GLU D 3710 10.61 13.23 -16.17
C GLU D 3710 10.63 11.89 -15.44
N LEU D 3711 11.46 10.95 -15.91
CA LEU D 3711 11.51 9.64 -15.26
C LEU D 3711 12.03 9.76 -13.84
N ASN D 3712 13.13 10.50 -13.66
CA ASN D 3712 13.63 10.73 -12.30
C ASN D 3712 12.64 11.52 -11.47
N ASN D 3713 11.88 12.43 -12.08
CA ASN D 3713 10.87 13.16 -11.31
C ASN D 3713 9.83 12.20 -10.74
N LEU D 3714 9.25 11.33 -11.57
CA LEU D 3714 8.26 10.38 -11.05
C LEU D 3714 8.87 9.46 -9.99
N VAL D 3715 10.06 8.92 -10.27
CA VAL D 3715 10.68 7.98 -9.34
C VAL D 3715 10.93 8.66 -8.00
N GLN D 3716 11.51 9.87 -8.03
CA GLN D 3716 11.81 10.59 -6.81
C GLN D 3716 10.53 10.89 -6.04
N LYS D 3717 9.50 11.39 -6.72
CA LYS D 3717 8.26 11.74 -6.03
C LYS D 3717 7.68 10.53 -5.32
N LYS D 3718 7.54 9.40 -6.03
CA LYS D 3718 6.83 8.27 -5.43
C LYS D 3718 7.66 7.63 -4.32
N ILE D 3719 8.97 7.46 -4.54
CA ILE D 3719 9.82 6.86 -3.51
C ILE D 3719 9.91 7.77 -2.29
N MET D 3720 9.99 9.08 -2.51
CA MET D 3720 10.07 10.01 -1.39
C MET D 3720 8.78 9.97 -0.57
N TYR D 3721 7.63 9.89 -1.24
CA TYR D 3721 6.38 9.72 -0.51
C TYR D 3721 6.40 8.44 0.31
N CYS D 3722 6.77 7.32 -0.32
CA CYS D 3722 6.82 6.05 0.41
C CYS D 3722 7.75 6.15 1.61
N LEU D 3723 8.80 6.96 1.51
CA LEU D 3723 9.68 7.20 2.64
C LEU D 3723 8.95 7.95 3.75
N GLU D 3724 8.21 9.00 3.39
CA GLU D 3724 7.56 9.82 4.42
C GLU D 3724 6.51 9.05 5.20
N HIS D 3725 5.73 8.19 4.53
CA HIS D 3725 4.66 7.45 5.20
C HIS D 3725 4.98 5.97 5.34
N HIS D 3726 6.25 5.64 5.59
CA HIS D 3726 6.69 4.25 5.56
C HIS D 3726 6.02 3.41 6.64
N ARG D 3727 5.57 4.04 7.73
CA ARG D 3727 5.01 3.26 8.84
C ARG D 3727 3.60 2.77 8.55
N SER D 3728 3.01 3.18 7.43
CA SER D 3728 1.61 2.90 7.15
C SER D 3728 1.38 1.94 5.99
N MET D 3729 2.42 1.57 5.25
CA MET D 3729 2.24 0.64 4.14
C MET D 3729 3.52 -0.14 3.91
N ASP D 3730 3.46 -1.04 2.93
CA ASP D 3730 4.58 -1.92 2.60
C ASP D 3730 5.57 -1.18 1.72
N ILE D 3731 6.68 -0.77 2.31
CA ILE D 3731 7.74 -0.12 1.55
C ILE D 3731 8.35 -1.11 0.55
N ALA D 3732 8.53 -2.36 0.97
CA ALA D 3732 9.14 -3.34 0.08
C ALA D 3732 8.30 -3.58 -1.17
N LEU D 3733 6.99 -3.73 -1.02
CA LEU D 3733 6.14 -3.97 -2.17
C LEU D 3733 5.93 -2.70 -2.99
N ALA D 3734 5.85 -1.54 -2.34
CA ALA D 3734 5.55 -0.31 -3.06
C ALA D 3734 6.71 0.12 -3.95
N THR D 3735 7.95 -0.08 -3.51
CA THR D 3735 9.11 0.50 -4.18
C THR D 3735 10.04 -0.53 -4.80
N ARG D 3736 9.67 -1.80 -4.88
CA ARG D 3736 10.57 -2.80 -5.44
C ARG D 3736 10.78 -2.56 -6.94
N GLU D 3737 9.69 -2.40 -7.68
CA GLU D 3737 9.80 -2.23 -9.13
C GLU D 3737 10.53 -0.94 -9.49
N GLU D 3738 10.25 0.16 -8.77
CA GLU D 3738 10.89 1.43 -9.08
C GLU D 3738 12.36 1.42 -8.66
N MET D 3739 12.69 0.76 -7.55
CA MET D 3739 14.09 0.60 -7.19
C MET D 3739 14.84 -0.19 -8.24
N LEU D 3740 14.23 -1.27 -8.75
CA LEU D 3740 14.84 -2.01 -9.84
C LEU D 3740 15.01 -1.13 -11.07
N LEU D 3741 13.99 -0.34 -11.39
CA LEU D 3741 14.06 0.54 -12.57
C LEU D 3741 15.21 1.54 -12.43
N LEU D 3742 15.36 2.12 -11.25
CA LEU D 3742 16.48 3.03 -11.02
C LEU D 3742 17.81 2.29 -11.13
N SER D 3743 17.86 1.04 -10.68
CA SER D 3743 19.09 0.26 -10.81
C SER D 3743 19.46 0.04 -12.27
N GLU D 3744 18.48 -0.30 -13.11
CA GLU D 3744 18.79 -0.58 -14.52
C GLU D 3744 19.12 0.70 -15.28
N VAL D 3745 18.39 1.79 -15.01
CA VAL D 3745 18.62 3.01 -15.77
C VAL D 3745 19.99 3.59 -15.44
N CYS D 3746 20.47 3.42 -14.20
CA CYS D 3746 21.80 3.89 -13.84
C CYS D 3746 22.90 3.15 -14.57
N SER D 3747 22.69 1.88 -14.92
CA SER D 3747 23.69 1.11 -15.65
C SER D 3747 23.90 1.61 -17.07
N LEU D 3748 22.99 2.39 -17.60
CA LEU D 3748 23.15 2.93 -18.95
C LEU D 3748 24.32 3.90 -18.99
N THR D 3749 25.15 3.78 -20.02
CA THR D 3749 26.37 4.56 -20.15
C THR D 3749 26.19 5.73 -21.11
N ASP D 3750 24.97 6.25 -21.21
CA ASP D 3750 24.78 7.50 -21.95
C ASP D 3750 25.33 8.66 -21.13
N GLU D 3751 25.11 9.87 -21.64
CA GLU D 3751 25.70 11.05 -21.00
C GLU D 3751 24.97 11.45 -19.72
N PHE D 3752 23.82 10.84 -19.44
CA PHE D 3752 22.97 11.25 -18.33
C PHE D 3752 23.10 10.36 -17.10
N TRP D 3753 24.26 9.76 -16.91
CA TRP D 3753 24.61 9.13 -15.64
C TRP D 3753 24.71 10.13 -14.48
N GLU D 3754 25.03 11.40 -14.77
CA GLU D 3754 25.22 12.35 -13.68
C GLU D 3754 23.91 12.62 -12.95
N SER D 3755 22.81 12.80 -13.69
CA SER D 3755 21.52 13.06 -13.06
C SER D 3755 21.07 11.89 -12.21
N ARG D 3756 21.26 10.67 -12.72
CA ARG D 3756 20.88 9.48 -11.96
C ARG D 3756 21.72 9.36 -10.69
N LEU D 3757 22.99 9.71 -10.77
CA LEU D 3757 23.82 9.72 -9.56
C LEU D 3757 23.31 10.75 -8.56
N ARG D 3758 22.90 11.92 -9.05
CA ARG D 3758 22.30 12.93 -8.19
C ARG D 3758 21.09 12.37 -7.47
N LEU D 3759 20.20 11.71 -8.21
CA LEU D 3759 18.99 11.15 -7.61
C LEU D 3759 19.33 10.09 -6.58
N VAL D 3760 20.32 9.24 -6.87
CA VAL D 3760 20.71 8.21 -5.91
C VAL D 3760 21.21 8.84 -4.62
N PHE D 3761 22.03 9.90 -4.74
CA PHE D 3761 22.52 10.56 -3.54
C PHE D 3761 21.38 11.17 -2.72
N GLN D 3762 20.45 11.85 -3.40
CA GLN D 3762 19.34 12.45 -2.67
C GLN D 3762 18.50 11.39 -1.96
N LEU D 3763 18.21 10.29 -2.65
CA LEU D 3763 17.42 9.23 -2.03
C LEU D 3763 18.14 8.63 -0.82
N LEU D 3764 19.46 8.40 -0.94
CA LEU D 3764 20.20 7.82 0.17
C LEU D 3764 20.19 8.75 1.37
N PHE D 3765 20.44 10.04 1.15
CA PHE D 3765 20.47 10.97 2.28
C PHE D 3765 19.08 11.14 2.91
N SER D 3766 18.03 11.18 2.08
CA SER D 3766 16.68 11.29 2.64
C SER D 3766 16.31 10.06 3.44
N SER D 3767 16.66 8.87 2.94
CA SER D 3767 16.35 7.65 3.67
C SER D 3767 17.13 7.58 4.98
N ILE D 3768 18.39 8.02 4.98
CA ILE D 3768 19.15 8.08 6.23
C ILE D 3768 18.49 9.05 7.20
N LYS D 3769 18.06 10.22 6.70
CA LYS D 3769 17.49 11.23 7.56
C LYS D 3769 16.19 10.75 8.21
N LEU D 3770 15.32 10.12 7.43
CA LEU D 3770 14.01 9.77 7.95
C LEU D 3770 13.94 8.39 8.62
N GLY D 3771 14.55 7.37 8.02
CA GLY D 3771 14.36 6.01 8.49
C GLY D 3771 15.63 5.22 8.69
N ALA D 3772 16.69 5.87 9.18
CA ALA D 3772 17.95 5.17 9.39
C ALA D 3772 17.80 4.01 10.37
N LYS D 3773 17.04 4.20 11.44
CA LYS D 3773 16.83 3.15 12.42
C LYS D 3773 15.68 2.21 12.06
N HIS D 3774 14.97 2.48 10.98
CA HIS D 3774 13.88 1.61 10.55
C HIS D 3774 14.44 0.43 9.77
N PRO D 3775 13.98 -0.80 10.02
CA PRO D 3775 14.56 -1.94 9.31
C PRO D 3775 14.25 -1.98 7.83
N ALA D 3776 12.98 -1.83 7.45
CA ALA D 3776 12.60 -1.98 6.04
C ALA D 3776 13.26 -0.94 5.17
N ILE D 3777 13.30 0.31 5.64
CA ILE D 3777 13.94 1.38 4.85
C ILE D 3777 15.42 1.06 4.64
N SER D 3778 16.11 0.65 5.70
CA SER D 3778 17.54 0.35 5.57
C SER D 3778 17.77 -0.81 4.63
N GLU D 3779 16.93 -1.85 4.70
CA GLU D 3779 17.17 -3.04 3.89
C GLU D 3779 16.77 -2.84 2.43
N HIS D 3780 15.80 -1.96 2.14
CA HIS D 3780 15.22 -1.89 0.81
C HIS D 3780 15.52 -0.59 0.06
N ILE D 3781 16.03 0.45 0.72
CA ILE D 3781 16.32 1.71 0.04
C ILE D 3781 17.77 2.10 0.25
N ILE D 3782 18.21 2.10 1.52
CA ILE D 3782 19.57 2.52 1.82
C ILE D 3782 20.57 1.55 1.18
N LEU D 3783 20.32 0.25 1.31
CA LEU D 3783 21.24 -0.75 0.79
C LEU D 3783 21.36 -0.69 -0.74
N PRO D 3784 20.27 -0.62 -1.52
CA PRO D 3784 20.45 -0.47 -2.98
C PRO D 3784 21.17 0.80 -3.37
N CYS D 3785 20.94 1.90 -2.66
CA CYS D 3785 21.67 3.13 -2.95
C CYS D 3785 23.17 2.95 -2.72
N LEU D 3786 23.52 2.33 -1.59
CA LEU D 3786 24.92 2.08 -1.32
C LEU D 3786 25.54 1.14 -2.35
N LYS D 3787 24.78 0.13 -2.78
CA LYS D 3787 25.29 -0.78 -3.80
C LYS D 3787 25.53 -0.07 -5.13
N ILE D 3788 24.60 0.79 -5.54
CA ILE D 3788 24.75 1.52 -6.80
C ILE D 3788 25.96 2.44 -6.71
N ILE D 3789 26.10 3.15 -5.58
CA ILE D 3789 27.23 4.06 -5.42
C ILE D 3789 28.55 3.29 -5.41
N SER D 3790 28.58 2.12 -4.76
CA SER D 3790 29.79 1.31 -4.74
C SER D 3790 30.15 0.82 -6.13
N VAL D 3791 29.13 0.41 -6.91
CA VAL D 3791 29.39 -0.01 -8.29
C VAL D 3791 29.94 1.15 -9.10
N ALA D 3792 29.42 2.35 -8.88
CA ALA D 3792 29.96 3.53 -9.55
C ALA D 3792 31.40 3.80 -9.15
N CYS D 3793 31.73 3.59 -7.87
CA CYS D 3793 33.06 3.90 -7.36
C CYS D 3793 34.11 2.86 -7.72
N THR D 3794 33.69 1.62 -8.01
CA THR D 3794 34.67 0.59 -8.30
C THR D 3794 35.26 0.83 -9.69
N PRO D 3795 36.58 0.81 -9.83
CA PRO D 3795 37.18 0.93 -11.15
C PRO D 3795 37.22 -0.41 -11.84
N PRO D 3796 36.71 -0.51 -13.07
CA PRO D 3796 36.79 -1.79 -13.79
C PRO D 3796 38.23 -2.17 -14.07
N LYS D 3797 38.58 -3.39 -13.67
CA LYS D 3797 39.97 -3.82 -13.71
C LYS D 3797 40.41 -4.03 -15.16
N PRO D 3798 41.55 -3.45 -15.59
CA PRO D 3798 42.08 -3.63 -16.94
C PRO D 3798 42.52 -5.06 -17.21
N ASN D 3835 54.47 11.91 -15.05
CA ASN D 3835 53.02 12.03 -15.12
C ASN D 3835 52.37 11.48 -13.86
N LEU D 3836 52.98 10.45 -13.28
CA LEU D 3836 52.46 9.88 -12.04
C LEU D 3836 52.55 10.89 -10.90
N ASN D 3837 53.65 11.63 -10.82
CA ASN D 3837 53.80 12.65 -9.80
C ASN D 3837 52.75 13.75 -9.94
N VAL D 3838 52.47 14.16 -11.18
CA VAL D 3838 51.45 15.18 -11.42
C VAL D 3838 50.07 14.65 -11.02
N SER D 3839 49.79 13.39 -11.34
CA SER D 3839 48.50 12.80 -10.98
C SER D 3839 48.33 12.73 -9.47
N GLN D 3840 49.40 12.38 -8.74
CA GLN D 3840 49.31 12.34 -7.29
C GLN D 3840 49.09 13.73 -6.71
N LYS D 3841 49.78 14.74 -7.25
CA LYS D 3841 49.64 16.10 -6.71
C LYS D 3841 48.25 16.64 -6.98
N THR D 3842 47.70 16.39 -8.17
CA THR D 3842 46.33 16.79 -8.44
C THR D 3842 45.32 16.08 -7.54
N ARG D 3843 45.64 14.86 -7.09
CA ARG D 3843 44.79 14.17 -6.13
C ARG D 3843 44.74 14.89 -4.79
N ASP D 3844 45.84 15.53 -4.38
CA ASP D 3844 45.84 16.32 -3.16
C ASP D 3844 44.90 17.51 -3.24
N ILE D 3845 44.60 17.99 -4.44
CA ILE D 3845 43.70 19.12 -4.62
C ILE D 3845 42.27 18.60 -4.65
N GLN D 3846 41.44 19.10 -3.73
CA GLN D 3846 40.02 18.81 -3.78
C GLN D 3846 39.40 19.66 -4.88
N LEU D 3847 38.86 19.01 -5.92
CA LEU D 3847 38.34 19.74 -7.06
C LEU D 3847 36.86 20.06 -6.90
N VAL D 3848 36.05 19.04 -6.60
CA VAL D 3848 34.60 19.21 -6.46
C VAL D 3848 34.16 18.61 -5.14
N SER D 3849 33.40 19.38 -4.37
CA SER D 3849 32.79 18.88 -3.15
C SER D 3849 31.36 18.43 -3.42
N TYR D 3850 30.80 17.71 -2.45
CA TYR D 3850 29.43 17.22 -2.60
C TYR D 3850 28.43 18.37 -2.57
N LEU D 3851 28.69 19.38 -1.73
CA LEU D 3851 27.79 20.52 -1.66
C LEU D 3851 27.74 21.27 -2.98
N GLU D 3852 28.89 21.47 -3.62
CA GLU D 3852 28.91 22.10 -4.94
C GLU D 3852 28.25 21.21 -5.99
N TRP D 3853 28.49 19.89 -5.92
CA TRP D 3853 27.95 18.98 -6.92
C TRP D 3853 26.44 18.90 -6.86
N GLU D 3854 25.87 18.90 -5.66
CA GLU D 3854 24.42 18.81 -5.52
C GLU D 3854 23.74 20.06 -6.07
N LYS D 3855 24.44 21.21 -6.02
CA LYS D 3855 23.87 22.46 -6.49
C LYS D 3855 23.94 22.63 -8.00
N GLY D 3856 24.63 21.77 -8.72
CA GLY D 3856 24.72 21.87 -10.17
C GLY D 3856 26.10 21.71 -10.75
N ALA D 3857 27.16 21.54 -9.96
CA ALA D 3857 28.48 21.32 -10.52
C ALA D 3857 28.52 20.01 -11.31
N SER D 3858 29.26 20.02 -12.41
CA SER D 3858 29.23 18.92 -13.36
C SER D 3858 30.58 18.20 -13.38
N TYR D 3859 30.55 16.98 -13.92
CA TYR D 3859 31.78 16.22 -14.14
C TYR D 3859 32.68 16.91 -15.15
N LEU D 3860 32.09 17.63 -16.11
CA LEU D 3860 32.90 18.42 -17.02
C LEU D 3860 33.68 19.49 -16.28
N ASP D 3861 33.06 20.12 -15.28
CA ASP D 3861 33.79 21.04 -14.41
C ASP D 3861 34.92 20.31 -13.68
N PHE D 3862 34.67 19.08 -13.23
CA PHE D 3862 35.70 18.32 -12.54
C PHE D 3862 36.90 18.07 -13.44
N VAL D 3863 36.65 17.60 -14.67
CA VAL D 3863 37.76 17.28 -15.57
C VAL D 3863 38.47 18.55 -16.02
N ARG D 3864 37.73 19.64 -16.20
CA ARG D 3864 38.36 20.91 -16.55
C ARG D 3864 39.29 21.40 -15.44
N ARG D 3865 38.81 21.33 -14.19
CA ARG D 3865 39.63 21.74 -13.05
C ARG D 3865 40.85 20.85 -12.91
N GLN D 3866 40.68 19.54 -13.09
CA GLN D 3866 41.81 18.63 -13.00
C GLN D 3866 42.83 18.90 -14.09
N TYR D 3867 42.37 19.18 -15.31
CA TYR D 3867 43.29 19.48 -16.41
C TYR D 3867 44.05 20.77 -16.16
N LYS D 3868 43.35 21.81 -15.68
CA LYS D 3868 44.03 23.06 -15.39
C LYS D 3868 45.05 22.90 -14.26
N ALA D 3869 44.69 22.14 -13.22
CA ALA D 3869 45.62 21.89 -12.13
C ALA D 3869 46.84 21.11 -12.62
N SER D 3870 46.61 20.10 -13.46
CA SER D 3870 47.72 19.31 -13.98
C SER D 3870 48.64 20.16 -14.84
N GLN D 3871 48.08 21.04 -15.68
CA GLN D 3871 48.91 21.92 -16.48
C GLN D 3871 49.71 22.89 -15.62
N SER D 3872 49.07 23.46 -14.60
CA SER D 3872 49.76 24.40 -13.73
C SER D 3872 50.88 23.72 -12.95
N ILE D 3873 50.66 22.48 -12.51
CA ILE D 3873 51.69 21.75 -11.78
C ILE D 3873 52.82 21.35 -12.72
N ARG D 3874 52.49 20.96 -13.95
CA ARG D 3874 53.52 20.63 -14.94
C ARG D 3874 54.40 21.83 -15.23
N GLY D 3875 53.79 23.01 -15.37
CA GLY D 3875 54.59 24.21 -15.56
C GLY D 3875 55.27 24.67 -14.28
N ALA D 3876 54.76 24.22 -13.12
CA ALA D 3876 55.39 24.57 -11.86
C ALA D 3876 56.79 23.98 -11.73
N ARG D 3881 56.30 31.33 -13.55
CA ARG D 3881 55.54 32.15 -12.62
C ARG D 3881 54.04 32.13 -12.95
N THR D 3882 53.70 32.17 -14.24
CA THR D 3882 52.30 32.22 -14.64
C THR D 3882 51.56 30.96 -14.21
N HIS D 3883 52.15 29.79 -14.42
CA HIS D 3883 51.47 28.55 -14.05
C HIS D 3883 51.37 28.42 -12.53
N ARG D 3884 52.38 28.91 -11.79
CA ARG D 3884 52.28 28.93 -10.34
C ARG D 3884 51.13 29.82 -9.88
N SER D 3885 50.99 31.01 -10.49
CA SER D 3885 49.90 31.89 -10.11
C SER D 3885 48.55 31.28 -10.45
N ASP D 3886 48.45 30.61 -11.60
CA ASP D 3886 47.20 29.94 -11.94
C ASP D 3886 46.89 28.81 -10.96
N PHE D 3887 47.91 28.06 -10.54
CA PHE D 3887 47.71 27.00 -9.56
C PHE D 3887 47.19 27.56 -8.24
N LEU D 3888 47.83 28.62 -7.74
CA LEU D 3888 47.40 29.22 -6.48
C LEU D 3888 45.98 29.77 -6.59
N ALA D 3889 45.69 30.43 -7.73
CA ALA D 3889 44.36 30.97 -7.95
C ALA D 3889 43.32 29.87 -7.95
N LEU D 3890 43.60 28.76 -8.63
CA LEU D 3890 42.64 27.66 -8.67
C LEU D 3890 42.41 27.09 -7.27
N LYS D 3891 43.50 26.85 -6.54
CA LYS D 3891 43.41 26.38 -5.16
C LYS D 3891 42.45 27.23 -4.34
N TYR D 3892 42.75 28.53 -4.24
CA TYR D 3892 41.92 29.36 -3.37
C TYR D 3892 40.52 29.59 -3.94
N THR D 3893 40.35 29.70 -5.26
CA THR D 3893 39.00 29.93 -5.76
C THR D 3893 38.11 28.74 -5.45
N LEU D 3894 38.62 27.52 -5.62
CA LEU D 3894 37.80 26.36 -5.25
C LEU D 3894 37.58 26.28 -3.75
N ARG D 3895 38.59 26.61 -2.95
CA ARG D 3895 38.39 26.63 -1.50
C ARG D 3895 37.30 27.60 -1.10
N TRP D 3896 37.30 28.79 -1.70
CA TRP D 3896 36.32 29.81 -1.36
C TRP D 3896 34.93 29.45 -1.89
N LYS D 3897 34.87 28.77 -3.05
CA LYS D 3897 33.59 28.23 -3.50
C LYS D 3897 33.02 27.24 -2.49
N ARG D 3898 33.88 26.38 -1.94
CA ARG D 3898 33.42 25.44 -0.92
C ARG D 3898 32.92 26.17 0.32
N ARG D 3899 33.66 27.17 0.78
CA ARG D 3899 33.24 27.93 1.95
C ARG D 3899 31.91 28.64 1.69
N SER D 3900 31.74 29.18 0.48
CA SER D 3900 30.51 29.86 0.14
C SER D 3900 29.33 28.90 0.09
N SER D 3901 29.52 27.73 -0.51
CA SER D 3901 28.47 26.71 -0.50
C SER D 3901 28.13 26.29 0.93
N ARG D 3902 29.13 26.32 1.82
CA ARG D 3902 28.86 26.03 3.23
C ARG D 3902 28.00 27.11 3.87
N SER D 3915 27.80 12.35 10.38
CA SER D 3915 27.01 11.56 11.32
C SER D 3915 26.45 10.30 10.68
N TRP D 3916 26.11 10.34 9.39
CA TRP D 3916 25.52 9.17 8.74
C TRP D 3916 26.50 8.00 8.72
N VAL D 3917 27.79 8.29 8.67
CA VAL D 3917 28.80 7.22 8.79
C VAL D 3917 28.64 6.51 10.12
N THR D 3918 28.48 7.27 11.20
CA THR D 3918 28.25 6.68 12.51
C THR D 3918 26.95 5.88 12.54
N GLU D 3919 25.89 6.45 11.95
CA GLU D 3919 24.58 5.81 12.02
C GLU D 3919 24.56 4.47 11.30
N LEU D 3920 25.20 4.40 10.13
CA LEU D 3920 25.08 3.18 9.33
C LEU D 3920 26.20 2.19 9.61
N ILE D 3921 27.38 2.66 10.02
CA ILE D 3921 28.48 1.73 10.23
C ILE D 3921 28.24 0.88 11.47
N LEU D 3922 27.49 1.39 12.45
CA LEU D 3922 27.14 0.63 13.64
C LEU D 3922 25.64 0.39 13.74
N SER D 3923 24.91 0.45 12.63
CA SER D 3923 23.47 0.17 12.64
C SER D 3923 23.23 -1.24 13.13
N ALA D 3924 22.59 -1.37 14.29
CA ALA D 3924 22.36 -2.68 14.91
C ALA D 3924 21.33 -3.48 14.13
N CYS D 3925 20.62 -2.84 13.21
CA CYS D 3925 19.55 -3.52 12.49
C CYS D 3925 20.09 -4.52 11.48
N SER D 3926 21.08 -4.13 10.68
CA SER D 3926 21.52 -4.96 9.55
C SER D 3926 23.04 -5.04 9.53
N GLN D 3927 23.56 -6.26 9.35
CA GLN D 3927 24.99 -6.43 9.15
C GLN D 3927 25.40 -6.07 7.73
N SER D 3928 24.47 -6.16 6.78
CA SER D 3928 24.80 -5.90 5.38
C SER D 3928 25.24 -4.46 5.18
N ILE D 3929 24.56 -3.51 5.82
CA ILE D 3929 24.90 -2.10 5.68
C ILE D 3929 26.27 -1.82 6.28
N ARG D 3930 26.53 -2.41 7.45
CA ARG D 3930 27.84 -2.24 8.08
C ARG D 3930 28.94 -2.78 7.18
N SER D 3931 28.74 -3.98 6.62
CA SER D 3931 29.72 -4.55 5.71
C SER D 3931 29.91 -3.69 4.47
N GLU D 3932 28.82 -3.15 3.93
CA GLU D 3932 28.91 -2.33 2.73
C GLU D 3932 29.71 -1.06 2.99
N MET D 3933 29.49 -0.38 4.12
CA MET D 3933 30.28 0.81 4.38
C MET D 3933 31.71 0.46 4.78
N CYS D 3934 31.93 -0.72 5.37
CA CYS D 3934 33.31 -1.15 5.58
C CYS D 3934 34.03 -1.31 4.25
N THR D 3935 33.36 -1.91 3.26
CA THR D 3935 33.94 -2.03 1.93
C THR D 3935 34.18 -0.65 1.30
N LEU D 3936 33.23 0.26 1.46
CA LEU D 3936 33.40 1.62 0.91
C LEU D 3936 34.57 2.34 1.57
N ILE D 3937 34.70 2.20 2.88
CA ILE D 3937 35.81 2.84 3.60
C ILE D 3937 37.14 2.26 3.13
N SER D 3938 37.20 0.95 2.96
CA SER D 3938 38.42 0.32 2.45
C SER D 3938 38.74 0.81 1.05
N LEU D 3939 37.74 0.91 0.19
CA LEU D 3939 37.96 1.38 -1.18
C LEU D 3939 38.48 2.81 -1.18
N LEU D 3940 37.91 3.67 -0.33
CA LEU D 3940 38.37 5.05 -0.28
C LEU D 3940 39.78 5.14 0.27
N ALA D 3941 40.09 4.41 1.34
CA ALA D 3941 41.42 4.49 1.94
C ALA D 3941 42.48 3.83 1.07
N ALA D 3942 42.08 2.93 0.17
CA ALA D 3942 43.07 2.21 -0.63
C ALA D 3942 43.72 3.09 -1.69
N GLN D 3943 43.21 4.31 -1.89
CA GLN D 3943 43.71 5.15 -2.96
C GLN D 3943 44.67 6.24 -2.50
N SER D 3944 44.48 6.80 -1.31
CA SER D 3944 45.30 7.92 -0.87
C SER D 3944 45.75 7.69 0.56
N SER D 3945 47.05 7.84 0.80
CA SER D 3945 47.58 7.69 2.17
C SER D 3945 47.07 8.76 3.12
N PRO D 3946 47.12 10.07 2.80
CA PRO D 3946 46.57 11.05 3.75
C PRO D 3946 45.09 10.85 4.03
N ARG D 3947 44.31 10.53 3.00
CA ARG D 3947 42.89 10.22 3.23
C ARG D 3947 42.75 8.98 4.10
N ARG D 3948 43.65 8.01 3.92
CA ARG D 3948 43.66 6.84 4.80
C ARG D 3948 43.87 7.24 6.24
N TYR D 3949 44.81 8.16 6.50
CA TYR D 3949 45.06 8.59 7.87
C TYR D 3949 43.88 9.35 8.46
N ARG D 3950 43.23 10.20 7.65
CA ARG D 3950 42.02 10.86 8.13
C ARG D 3950 40.93 9.84 8.45
N LEU D 3951 40.81 8.79 7.64
CA LEU D 3951 39.83 7.74 7.91
C LEU D 3951 40.17 7.00 9.20
N ILE D 3952 41.45 6.75 9.45
CA ILE D 3952 41.85 6.10 10.70
C ILE D 3952 41.48 6.98 11.89
N ASN D 3953 41.73 8.28 11.78
CA ASN D 3953 41.36 9.19 12.86
C ASN D 3953 39.86 9.19 13.10
N LEU D 3954 39.07 9.20 12.02
CA LEU D 3954 37.62 9.17 12.15
C LEU D 3954 37.16 7.88 12.81
N LEU D 3955 37.73 6.74 12.40
CA LEU D 3955 37.35 5.47 12.99
C LEU D 3955 37.70 5.41 14.46
N ILE D 3956 38.89 5.88 14.83
CA ILE D 3956 39.28 5.87 16.24
C ILE D 3956 38.37 6.78 17.05
N GLY D 3957 37.94 7.90 16.46
CA GLY D 3957 37.00 8.76 17.14
C GLY D 3957 35.68 8.08 17.44
N LEU D 3958 35.33 7.05 16.68
CA LEU D 3958 34.09 6.31 16.88
C LEU D 3958 34.23 5.20 17.92
N LEU D 3959 35.41 5.01 18.49
CA LEU D 3959 35.62 3.94 19.47
C LEU D 3959 34.69 4.00 20.67
N PRO D 3960 34.46 5.15 21.32
CA PRO D 3960 33.54 5.15 22.48
C PRO D 3960 32.13 4.70 22.14
N ALA D 3961 31.68 4.94 20.90
CA ALA D 3961 30.31 4.55 20.53
C ALA D 3961 30.15 3.04 20.45
N THR D 3962 31.24 2.28 20.38
CA THR D 3962 31.12 0.83 20.28
C THR D 3962 30.66 0.21 21.59
N LEU D 3963 30.73 0.97 22.70
CA LEU D 3963 30.29 0.43 23.98
C LEU D 3963 28.80 0.08 23.93
N ALA D 3964 27.98 0.94 23.36
CA ALA D 3964 26.55 0.66 23.23
C ALA D 3964 26.25 -0.34 22.11
N ALA D 3965 27.06 -0.36 21.04
CA ALA D 3965 26.79 -1.24 19.92
C ALA D 3965 26.92 -2.70 20.29
N GLY D 3966 27.86 -3.05 21.17
CA GLY D 3966 28.02 -4.43 21.58
C GLY D 3966 28.44 -5.30 20.42
N GLU D 3967 27.65 -6.35 20.16
CA GLU D 3967 27.96 -7.26 19.07
C GLU D 3967 27.89 -6.58 17.71
N SER D 3968 27.25 -5.42 17.62
CA SER D 3968 27.11 -4.73 16.35
C SER D 3968 28.42 -4.17 15.81
N SER D 3969 29.45 -4.05 16.65
CA SER D 3969 30.71 -3.44 16.24
C SER D 3969 31.72 -4.44 15.70
N ALA D 3970 31.29 -5.65 15.32
CA ALA D 3970 32.22 -6.64 14.79
C ALA D 3970 32.83 -6.16 13.48
N GLU D 3971 32.00 -5.66 12.57
CA GLU D 3971 32.49 -5.21 11.26
C GLU D 3971 33.42 -4.01 11.40
N TYR D 3972 33.06 -3.04 12.23
CA TYR D 3972 33.92 -1.87 12.44
C TYR D 3972 35.26 -2.27 13.02
N PHE D 3973 35.27 -3.17 14.01
CA PHE D 3973 36.53 -3.59 14.60
C PHE D 3973 37.39 -4.37 13.63
N GLU D 3974 36.76 -5.22 12.80
CA GLU D 3974 37.54 -5.93 11.79
C GLU D 3974 38.14 -4.96 10.78
N LEU D 3975 37.37 -3.95 10.37
CA LEU D 3975 37.89 -2.92 9.48
C LEU D 3975 39.05 -2.18 10.13
N LEU D 3976 38.92 -1.85 11.41
CA LEU D 3976 40.01 -1.18 12.12
C LEU D 3976 41.26 -2.04 12.16
N PHE D 3977 41.10 -3.32 12.45
CA PHE D 3977 42.25 -4.22 12.52
C PHE D 3977 42.93 -4.33 11.16
N LYS D 3978 42.14 -4.39 10.09
CA LYS D 3978 42.74 -4.38 8.75
C LYS D 3978 43.46 -3.06 8.48
N MET D 3979 42.92 -1.95 9.00
CA MET D 3979 43.47 -0.63 8.69
C MET D 3979 44.78 -0.37 9.42
N ILE D 3980 44.90 -0.81 10.67
CA ILE D 3980 46.08 -0.54 11.48
C ILE D 3980 47.09 -1.69 11.41
N GLU D 3981 47.01 -2.52 10.36
CA GLU D 3981 47.92 -3.65 10.23
C GLU D 3981 49.38 -3.21 10.18
N THR D 3982 49.63 -1.96 9.79
CA THR D 3982 50.99 -1.45 9.72
C THR D 3982 51.44 -0.93 11.08
N GLN D 3983 52.70 -1.20 11.42
CA GLN D 3983 53.23 -0.70 12.70
C GLN D 3983 53.28 0.82 12.72
N ASP D 3984 53.47 1.44 11.55
CA ASP D 3984 53.42 2.90 11.47
C ASP D 3984 52.08 3.43 11.93
N ALA D 3985 50.99 2.75 11.56
CA ALA D 3985 49.67 3.18 12.01
C ALA D 3985 49.54 3.07 13.53
N LEU D 3986 50.03 1.98 14.12
CA LEU D 3986 49.97 1.84 15.57
C LEU D 3986 50.73 2.97 16.26
N LEU D 3987 51.93 3.29 15.76
CA LEU D 3987 52.71 4.34 16.39
C LEU D 3987 52.04 5.70 16.18
N PHE D 3988 51.40 5.89 15.01
CA PHE D 3988 50.67 7.11 14.74
C PHE D 3988 49.55 7.31 15.76
N LEU D 3989 48.79 6.25 16.04
CA LEU D 3989 47.76 6.36 17.08
C LEU D 3989 48.38 6.56 18.46
N THR D 3990 49.52 5.93 18.73
CA THR D 3990 50.17 6.10 20.03
C THR D 3990 50.56 7.56 20.26
N VAL D 3991 51.07 8.24 19.23
CA VAL D 3991 51.42 9.64 19.37
C VAL D 3991 50.18 10.47 19.70
N ARG D 3992 49.04 10.12 19.09
CA ARG D 3992 47.80 10.85 19.33
C ARG D 3992 47.19 10.57 20.69
N GLY D 3993 47.89 9.82 21.56
CA GLY D 3993 47.34 9.51 22.87
C GLY D 3993 46.26 8.47 22.87
N CYS D 3994 46.19 7.63 21.84
CA CYS D 3994 45.14 6.64 21.75
C CYS D 3994 45.29 5.54 22.80
N LEU D 3995 46.50 5.30 23.31
CA LEU D 3995 46.69 4.31 24.36
C LEU D 3995 45.97 4.71 25.63
N THR D 3996 46.09 5.98 26.03
CA THR D 3996 45.35 6.46 27.19
C THR D 3996 43.85 6.39 26.96
N THR D 3997 43.42 6.67 25.73
CA THR D 3997 42.00 6.55 25.39
C THR D 3997 41.51 5.13 25.57
N ILE D 3998 42.32 4.15 25.11
CA ILE D 3998 41.98 2.75 25.28
C ILE D 3998 41.88 2.42 26.77
N CYS D 3999 42.82 2.92 27.56
CA CYS D 3999 42.80 2.65 28.99
C CYS D 3999 41.55 3.19 29.66
N LYS D 4000 41.19 4.44 29.37
CA LYS D 4000 40.01 5.00 30.03
C LYS D 4000 38.73 4.37 29.50
N LEU D 4001 38.71 3.96 28.24
CA LEU D 4001 37.55 3.25 27.72
C LEU D 4001 37.39 1.89 28.39
N ILE D 4002 38.50 1.19 28.64
CA ILE D 4002 38.43 -0.07 29.36
C ILE D 4002 37.92 0.16 30.78
N SER D 4003 38.41 1.23 31.43
CA SER D 4003 37.93 1.56 32.76
C SER D 4003 36.43 1.85 32.76
N GLN D 4004 35.97 2.62 31.78
CA GLN D 4004 34.55 2.94 31.68
C GLN D 4004 33.71 1.69 31.47
N GLU D 4005 34.17 0.79 30.59
CA GLU D 4005 33.40 -0.42 30.31
C GLU D 4005 33.36 -1.34 31.52
N VAL D 4006 34.48 -1.48 32.25
CA VAL D 4006 34.48 -2.34 33.41
C VAL D 4006 33.62 -1.74 34.53
N GLY D 4007 33.60 -0.40 34.62
CA GLY D 4007 32.69 0.23 35.55
C GLY D 4007 31.24 0.02 35.19
N ASN D 4008 30.93 0.08 33.90
CA ASN D 4008 29.56 -0.16 33.44
C ASN D 4008 29.13 -1.58 33.74
N ILE D 4009 30.03 -2.55 33.52
CA ILE D 4009 29.70 -3.94 33.83
C ILE D 4009 29.53 -4.12 35.33
N GLU D 4010 30.37 -3.44 36.13
CA GLU D 4010 30.25 -3.52 37.58
C GLU D 4010 28.94 -2.93 38.05
N SER D 4011 28.45 -1.88 37.39
CA SER D 4011 27.15 -1.33 37.74
C SER D 4011 26.03 -2.31 37.42
N LEU D 4012 26.18 -3.09 36.35
CA LEU D 4012 25.20 -4.10 36.00
C LEU D 4012 25.26 -5.31 36.92
N GLU D 4013 26.27 -5.40 37.78
CA GLU D 4013 26.37 -6.50 38.72
C GLU D 4013 25.19 -6.54 39.68
N ARG D 4014 24.74 -5.38 40.17
CA ARG D 4014 23.58 -5.33 41.05
C ARG D 4014 22.27 -5.67 40.34
N SER D 4015 22.24 -5.62 39.01
CA SER D 4015 21.06 -5.99 38.24
C SER D 4015 21.11 -7.47 37.90
N LEU D 4016 19.95 -8.10 37.92
CA LEU D 4016 19.85 -9.54 37.70
C LEU D 4016 19.79 -9.92 36.21
N GLN D 4017 19.64 -8.95 35.32
CA GLN D 4017 19.61 -9.25 33.90
C GLN D 4017 20.93 -9.86 33.47
N ILE D 4018 20.85 -10.97 32.73
CA ILE D 4018 22.03 -11.70 32.27
C ILE D 4018 22.04 -11.61 30.74
N ASP D 4019 23.02 -10.90 30.20
CA ASP D 4019 23.20 -10.81 28.76
C ASP D 4019 24.40 -11.68 28.37
N ILE D 4020 24.15 -12.64 27.47
CA ILE D 4020 25.18 -13.64 27.15
C ILE D 4020 26.36 -12.99 26.47
N SER D 4021 26.14 -12.00 25.61
CA SER D 4021 27.21 -11.35 24.86
C SER D 4021 27.95 -10.31 25.67
N GLN D 4022 27.84 -10.32 27.00
CA GLN D 4022 28.47 -9.31 27.83
C GLN D 4022 29.98 -9.39 27.72
N GLY D 4023 30.61 -8.23 27.59
CA GLY D 4023 32.05 -8.14 27.51
C GLY D 4023 32.63 -8.32 26.13
N PHE D 4024 31.81 -8.33 25.08
CA PHE D 4024 32.35 -8.45 23.73
C PHE D 4024 33.10 -7.18 23.32
N THR D 4025 32.50 -6.02 23.57
CA THR D 4025 33.19 -4.76 23.30
C THR D 4025 34.44 -4.63 24.15
N LEU D 4026 34.36 -5.02 25.43
CA LEU D 4026 35.54 -5.02 26.28
C LEU D 4026 36.57 -6.02 25.77
N HIS D 4027 36.11 -7.15 25.23
CA HIS D 4027 37.01 -8.11 24.62
C HIS D 4027 37.79 -7.50 23.46
N LYS D 4028 37.09 -6.77 22.59
CA LYS D 4028 37.78 -6.17 21.45
C LYS D 4028 38.69 -5.04 21.88
N LEU D 4029 38.29 -4.29 22.91
CA LEU D 4029 39.18 -3.26 23.45
C LEU D 4029 40.46 -3.87 23.99
N LEU D 4030 40.33 -4.99 24.72
CA LEU D 4030 41.51 -5.70 25.21
C LEU D 4030 42.37 -6.21 24.07
N GLU D 4031 41.73 -6.72 23.01
CA GLU D 4031 42.50 -7.20 21.86
C GLU D 4031 43.27 -6.07 21.20
N LEU D 4032 42.66 -4.90 21.06
CA LEU D 4032 43.35 -3.75 20.49
C LEU D 4032 44.50 -3.30 21.39
N LEU D 4033 44.28 -3.32 22.70
CA LEU D 4033 45.36 -2.99 23.63
C LEU D 4033 46.52 -3.96 23.51
N GLY D 4034 46.22 -5.25 23.39
CA GLY D 4034 47.27 -6.24 23.22
C GLY D 4034 48.01 -6.06 21.91
N LYS D 4035 47.30 -5.68 20.84
CA LYS D 4035 47.96 -5.37 19.58
C LYS D 4035 48.89 -4.18 19.72
N PHE D 4036 48.46 -3.15 20.46
CA PHE D 4036 49.32 -1.99 20.70
C PHE D 4036 50.56 -2.38 21.49
N LEU D 4037 50.41 -3.23 22.52
CA LEU D 4037 51.52 -3.57 23.39
C LEU D 4037 52.59 -4.43 22.71
N GLU D 4038 52.32 -4.96 21.52
CA GLU D 4038 53.29 -5.84 20.86
C GLU D 4038 54.55 -5.07 20.46
N VAL D 4039 54.47 -3.75 20.37
CA VAL D 4039 55.63 -2.95 19.97
C VAL D 4039 56.42 -2.57 21.22
N PRO D 4040 57.75 -2.72 21.21
CA PRO D 4040 58.53 -2.44 22.44
C PRO D 4040 58.44 -1.01 22.92
N ASN D 4041 58.58 -0.04 22.02
CA ASN D 4041 58.56 1.36 22.44
C ASN D 4041 57.18 1.77 22.95
N ILE D 4042 56.12 1.22 22.34
CA ILE D 4042 54.78 1.47 22.83
C ILE D 4042 54.62 0.92 24.24
N ARG D 4043 55.17 -0.27 24.51
CA ARG D 4043 55.09 -0.83 25.85
C ARG D 4043 55.90 0.01 26.84
N SER D 4044 57.02 0.57 26.38
CA SER D 4044 57.82 1.44 27.24
C SER D 4044 57.04 2.71 27.60
N ARG D 4045 56.37 3.30 26.63
CA ARG D 4045 55.53 4.46 26.91
C ARG D 4045 54.37 4.09 27.82
N PHE D 4046 53.79 2.91 27.62
CA PHE D 4046 52.73 2.41 28.48
C PHE D 4046 53.19 2.35 29.93
N MET D 4047 54.37 1.76 30.16
CA MET D 4047 54.86 1.63 31.53
C MET D 4047 55.24 2.99 32.11
N ARG D 4048 55.82 3.86 31.28
CA ARG D 4048 56.26 5.18 31.77
C ARG D 4048 55.09 6.03 32.20
N ASP D 4049 53.98 5.99 31.45
CA ASP D 4049 52.81 6.79 31.75
C ASP D 4049 52.03 6.29 32.97
N ASN D 4050 52.50 5.21 33.61
CA ASN D 4050 51.86 4.65 34.80
C ASN D 4050 50.40 4.29 34.54
N LEU D 4051 50.10 3.76 33.35
CA LEU D 4051 48.75 3.32 33.04
C LEU D 4051 48.48 1.91 33.51
N LEU D 4052 49.45 1.25 34.14
CA LEU D 4052 49.25 -0.11 34.64
C LEU D 4052 48.21 -0.15 35.75
N SER D 4053 47.94 0.99 36.39
CA SER D 4053 46.92 1.01 37.44
C SER D 4053 45.55 0.65 36.89
N HIS D 4054 45.25 1.09 35.67
CA HIS D 4054 43.93 0.83 35.09
C HIS D 4054 43.71 -0.66 34.85
N VAL D 4055 44.72 -1.36 34.30
CA VAL D 4055 44.55 -2.77 33.99
C VAL D 4055 44.43 -3.59 35.28
N LEU D 4056 45.18 -3.22 36.32
CA LEU D 4056 45.08 -3.93 37.60
C LEU D 4056 43.70 -3.73 38.23
N GLU D 4057 43.19 -2.50 38.18
CA GLU D 4057 41.86 -2.23 38.70
C GLU D 4057 40.80 -3.00 37.93
N ALA D 4058 40.92 -3.05 36.61
CA ALA D 4058 39.99 -3.82 35.81
C ALA D 4058 40.07 -5.31 36.15
N LEU D 4059 41.29 -5.81 36.34
CA LEU D 4059 41.46 -7.21 36.75
C LEU D 4059 40.73 -7.47 38.05
N ILE D 4060 40.87 -6.56 39.02
CA ILE D 4060 40.19 -6.71 40.30
C ILE D 4060 38.69 -6.74 40.11
N VAL D 4061 38.16 -5.81 39.31
CA VAL D 4061 36.70 -5.68 39.20
C VAL D 4061 36.12 -6.91 38.50
N ILE D 4062 36.72 -7.34 37.39
CA ILE D 4062 36.18 -8.49 36.66
C ILE D 4062 36.41 -9.79 37.41
N ARG D 4063 37.49 -9.90 38.17
CA ARG D 4063 37.62 -11.09 39.02
C ARG D 4063 36.58 -11.07 40.13
N GLY D 4064 36.13 -9.87 40.55
CA GLY D 4064 35.10 -9.78 41.55
C GLY D 4064 33.69 -9.99 41.03
N LEU D 4065 33.51 -10.10 39.72
CA LEU D 4065 32.19 -10.28 39.15
C LEU D 4065 31.65 -11.67 39.42
N ILE D 4066 30.34 -11.75 39.67
CA ILE D 4066 29.64 -13.01 39.88
C ILE D 4066 28.44 -13.15 38.96
N VAL D 4067 27.53 -12.17 38.99
CA VAL D 4067 26.30 -12.26 38.21
C VAL D 4067 26.59 -12.15 36.72
N GLN D 4068 27.43 -11.18 36.34
CA GLN D 4068 27.74 -10.94 34.94
C GLN D 4068 28.87 -11.83 34.42
N LYS D 4069 29.14 -12.96 35.08
CA LYS D 4069 30.24 -13.83 34.70
C LYS D 4069 29.86 -14.75 33.56
N THR D 4070 30.06 -14.30 32.32
CA THR D 4070 29.80 -15.13 31.15
C THR D 4070 31.12 -15.65 30.56
N LYS D 4071 31.01 -16.36 29.45
CA LYS D 4071 32.18 -16.93 28.81
C LYS D 4071 33.11 -15.84 28.29
N LEU D 4072 32.55 -14.80 27.66
CA LEU D 4072 33.37 -13.69 27.19
C LEU D 4072 34.07 -13.00 28.36
N ILE D 4073 33.37 -12.86 29.49
CA ILE D 4073 33.95 -12.27 30.68
C ILE D 4073 35.13 -13.10 31.18
N ASN D 4074 34.97 -14.43 31.20
CA ASN D 4074 36.07 -15.29 31.64
C ASN D 4074 37.26 -15.21 30.69
N ASP D 4075 36.98 -15.17 29.38
CA ASP D 4075 38.06 -15.03 28.40
C ASP D 4075 38.79 -13.71 28.57
N CYS D 4076 38.05 -12.63 28.83
CA CYS D 4076 38.66 -11.34 29.09
C CYS D 4076 39.53 -11.38 30.33
N ASN D 4077 39.05 -12.02 31.40
CA ASN D 4077 39.86 -12.15 32.62
C ASN D 4077 41.15 -12.92 32.34
N ARG D 4078 41.05 -13.99 31.56
CA ARG D 4078 42.23 -14.73 31.15
C ARG D 4078 43.21 -13.81 30.42
N ARG D 4079 42.71 -13.03 29.48
CA ARG D 4079 43.62 -12.17 28.72
C ARG D 4079 44.24 -11.09 29.59
N LEU D 4080 43.50 -10.59 30.59
CA LEU D 4080 44.10 -9.65 31.54
C LEU D 4080 45.25 -10.29 32.29
N LYS D 4081 45.06 -11.49 32.82
CA LYS D 4081 46.16 -12.07 33.60
C LYS D 4081 47.33 -12.38 32.67
N ASP D 4082 47.03 -12.69 31.40
CA ASP D 4082 48.07 -12.92 30.41
C ASP D 4082 48.90 -11.67 30.18
N LEU D 4083 48.23 -10.53 29.95
CA LEU D 4083 48.94 -9.26 29.83
C LEU D 4083 49.77 -8.98 31.07
N LEU D 4084 49.22 -9.32 32.24
CA LEU D 4084 49.94 -9.04 33.49
C LEU D 4084 51.25 -9.81 33.55
N ASP D 4085 51.21 -11.13 33.32
CA ASP D 4085 52.47 -11.87 33.43
C ASP D 4085 53.41 -11.53 32.28
N GLY D 4086 52.85 -11.23 31.10
CA GLY D 4086 53.69 -10.81 29.99
C GLY D 4086 54.45 -9.54 30.29
N LEU D 4087 53.78 -8.56 30.91
CA LEU D 4087 54.49 -7.36 31.34
C LEU D 4087 55.49 -7.66 32.45
N LEU D 4088 55.10 -8.52 33.40
CA LEU D 4088 55.98 -8.78 34.55
C LEU D 4088 57.25 -9.50 34.14
N LEU D 4089 57.20 -10.35 33.11
CA LEU D 4089 58.37 -11.14 32.74
C LEU D 4089 59.47 -10.29 32.08
N GLU D 4090 59.12 -9.12 31.53
CA GLU D 4090 60.08 -8.38 30.72
C GLU D 4090 61.26 -7.87 31.53
N SER D 4091 61.00 -7.16 32.62
CA SER D 4091 62.07 -6.43 33.29
C SER D 4091 61.73 -6.22 34.76
N SER D 4092 62.77 -5.89 35.53
CA SER D 4092 62.62 -5.64 36.96
C SER D 4092 61.99 -4.28 37.25
N GLU D 4093 62.26 -3.28 36.40
CA GLU D 4093 61.66 -1.97 36.60
C GLU D 4093 60.14 -2.03 36.49
N ASN D 4094 59.64 -2.86 35.57
CA ASN D 4094 58.20 -3.07 35.48
C ASN D 4094 57.66 -3.71 36.75
N LYS D 4095 58.41 -4.68 37.32
CA LYS D 4095 57.97 -5.29 38.57
C LYS D 4095 57.92 -4.25 39.70
N ARG D 4096 58.93 -3.38 39.76
CA ARG D 4096 58.93 -2.35 40.79
C ARG D 4096 57.75 -1.39 40.62
N GLN D 4097 57.46 -1.01 39.39
CA GLN D 4097 56.34 -0.09 39.15
C GLN D 4097 55.00 -0.77 39.46
N PHE D 4098 54.89 -2.07 39.15
CA PHE D 4098 53.68 -2.80 39.50
C PHE D 4098 53.52 -2.91 41.01
N ILE D 4099 54.64 -3.08 41.72
CA ILE D 4099 54.61 -3.07 43.18
C ILE D 4099 54.14 -1.72 43.70
N ARG D 4100 54.62 -0.63 43.11
CA ARG D 4100 54.17 0.70 43.50
C ARG D 4100 52.67 0.87 43.26
N ALA D 4101 52.19 0.39 42.11
CA ALA D 4101 50.77 0.47 41.81
C ALA D 4101 49.95 -0.36 42.80
N CYS D 4102 50.44 -1.55 43.16
CA CYS D 4102 49.75 -2.36 44.16
C CYS D 4102 49.73 -1.67 45.52
N VAL D 4103 50.82 -0.98 45.87
CA VAL D 4103 50.86 -0.27 47.15
C VAL D 4103 49.84 0.86 47.17
N SER D 4104 49.77 1.64 46.08
CA SER D 4104 48.78 2.71 46.01
C SER D 4104 47.36 2.16 46.03
N GLY D 4105 47.13 1.06 45.31
CA GLY D 4105 45.82 0.42 45.34
C GLY D 4105 45.46 -0.09 46.71
N LEU D 4106 46.45 -0.64 47.43
CA LEU D 4106 46.19 -1.10 48.79
C LEU D 4106 45.80 0.07 49.68
N GLN D 4107 46.49 1.21 49.54
CA GLN D 4107 46.13 2.39 50.30
C GLN D 4107 44.68 2.81 50.01
N THR D 4108 44.34 2.97 48.73
CA THR D 4108 43.03 3.53 48.41
C THR D 4108 41.91 2.55 48.74
N HIS D 4109 42.16 1.24 48.60
CA HIS D 4109 41.12 0.25 48.87
C HIS D 4109 41.02 -0.08 50.35
N ALA D 4110 42.10 0.09 51.11
CA ALA D 4110 42.03 -0.10 52.56
C ALA D 4110 41.35 1.09 53.22
N GLU D 4111 41.55 2.29 52.68
CA GLU D 4111 40.76 3.43 53.14
C GLU D 4111 39.29 3.24 52.81
N GLU D 4112 38.98 2.39 51.83
CA GLU D 4112 37.62 2.05 51.47
C GLU D 4112 37.16 0.73 52.08
N ASN D 4113 37.94 0.17 53.02
CA ASN D 4113 37.66 -1.13 53.67
C ASN D 4113 37.13 -2.18 52.69
N LYS D 4114 37.80 -2.32 51.55
CA LYS D 4114 37.43 -3.32 50.55
C LYS D 4114 38.32 -4.56 50.75
N GLY D 4115 37.78 -5.51 51.53
CA GLY D 4115 38.58 -6.65 51.94
C GLY D 4115 39.01 -7.55 50.81
N ARG D 4116 38.09 -7.86 49.90
CA ARG D 4116 38.40 -8.80 48.83
C ARG D 4116 39.42 -8.23 47.85
N THR D 4117 39.29 -6.94 47.50
CA THR D 4117 40.26 -6.30 46.62
C THR D 4117 41.65 -6.31 47.25
N CYS D 4118 41.72 -5.98 48.54
CA CYS D 4118 42.99 -6.03 49.25
C CYS D 4118 43.56 -7.44 49.25
N LEU D 4119 42.71 -8.44 49.43
CA LEU D 4119 43.16 -9.83 49.38
C LEU D 4119 43.74 -10.17 48.01
N PHE D 4120 43.07 -9.72 46.95
CA PHE D 4120 43.56 -10.00 45.60
C PHE D 4120 44.93 -9.36 45.36
N ILE D 4121 45.10 -8.09 45.74
CA ILE D 4121 46.37 -7.42 45.46
C ILE D 4121 47.47 -7.98 46.35
N LEU D 4122 47.14 -8.39 47.58
CA LEU D 4122 48.11 -9.06 48.42
C LEU D 4122 48.55 -10.37 47.80
N GLU D 4123 47.60 -11.13 47.23
CA GLU D 4123 47.95 -12.36 46.54
C GLU D 4123 48.85 -12.10 45.35
N GLN D 4124 48.56 -11.04 44.59
CA GLN D 4124 49.41 -10.71 43.44
C GLN D 4124 50.83 -10.34 43.89
N LEU D 4125 50.95 -9.55 44.95
CA LEU D 4125 52.26 -9.19 45.46
C LEU D 4125 53.02 -10.41 45.96
N CYS D 4126 52.31 -11.33 46.64
CA CYS D 4126 52.93 -12.56 47.10
C CYS D 4126 53.40 -13.40 45.92
N ASN D 4127 52.60 -13.46 44.85
CA ASN D 4127 52.98 -14.23 43.68
C ASN D 4127 54.21 -13.67 43.00
N LEU D 4128 54.31 -12.34 42.90
CA LEU D 4128 55.49 -11.75 42.27
C LEU D 4128 56.73 -11.93 43.15
N ILE D 4129 56.61 -11.64 44.45
CA ILE D 4129 57.75 -11.78 45.35
C ILE D 4129 58.19 -13.25 45.44
N CYS D 4130 57.23 -14.15 45.57
CA CYS D 4130 57.54 -15.58 45.59
C CYS D 4130 56.79 -16.30 44.47
N THR E 34 57.98 26.15 21.18
CA THR E 34 57.85 26.23 22.63
C THR E 34 58.52 25.02 23.28
N ASP E 35 58.79 25.16 24.58
CA ASP E 35 59.43 24.07 25.31
C ASP E 35 58.57 22.82 25.35
N GLU E 36 57.26 22.99 25.56
CA GLU E 36 56.36 21.85 25.48
C GLU E 36 56.34 21.26 24.07
N GLN E 37 56.42 22.12 23.06
CA GLN E 37 56.44 21.64 21.68
C GLN E 37 57.66 20.78 21.41
N ILE E 38 58.85 21.26 21.76
CA ILE E 38 60.06 20.47 21.51
C ILE E 38 60.04 19.21 22.37
N SER E 39 59.48 19.30 23.58
CA SER E 39 59.37 18.11 24.41
C SER E 39 58.52 17.04 23.75
N GLU E 40 57.36 17.42 23.22
CA GLU E 40 56.49 16.43 22.58
C GLU E 40 57.09 15.94 21.27
N PHE E 41 57.82 16.80 20.56
CA PHE E 41 58.49 16.37 19.35
C PHE E 41 59.58 15.33 19.66
N LYS E 42 60.32 15.54 20.74
CA LYS E 42 61.29 14.53 21.18
C LYS E 42 60.58 13.24 21.59
N GLU E 43 59.44 13.38 22.26
CA GLU E 43 58.67 12.19 22.67
C GLU E 43 58.24 11.38 21.45
N ALA E 44 57.79 12.05 20.40
CA ALA E 44 57.39 11.35 19.18
C ALA E 44 58.60 10.79 18.45
N PHE E 45 59.70 11.54 18.44
CA PHE E 45 60.90 11.11 17.73
C PHE E 45 61.46 9.83 18.33
N SER E 46 61.47 9.72 19.65
CA SER E 46 62.03 8.54 20.31
C SER E 46 61.28 7.27 19.96
N LEU E 47 59.96 7.35 19.77
CA LEU E 47 59.19 6.17 19.41
C LEU E 47 59.59 5.60 18.06
N PHE E 48 59.85 6.46 17.07
CA PHE E 48 60.38 5.99 15.81
C PHE E 48 61.85 5.59 15.90
N ASP E 49 62.55 6.05 16.94
CA ASP E 49 63.94 5.68 17.14
C ASP E 49 64.00 4.25 17.69
N LYS E 50 63.95 3.26 16.81
CA LYS E 50 63.84 1.88 17.24
C LYS E 50 65.09 1.41 17.97
N ASP E 51 66.27 1.69 17.40
CA ASP E 51 67.52 1.19 17.96
C ASP E 51 68.20 2.20 18.88
N GLY E 52 67.58 3.35 19.13
CA GLY E 52 68.12 4.28 20.10
C GLY E 52 69.36 5.04 19.68
N ASP E 53 69.58 5.22 18.38
CA ASP E 53 70.73 5.97 17.91
C ASP E 53 70.45 7.45 17.72
N GLY E 54 69.22 7.91 18.01
CA GLY E 54 68.88 9.31 17.83
C GLY E 54 68.57 9.70 16.40
N CYS E 55 68.47 8.74 15.49
CA CYS E 55 68.17 9.01 14.09
C CYS E 55 67.05 8.10 13.62
N ILE E 56 66.19 8.62 12.75
CA ILE E 56 65.11 7.85 12.15
C ILE E 56 65.36 7.73 10.65
N THR E 57 64.78 6.71 10.05
CA THR E 57 64.93 6.47 8.63
C THR E 57 64.19 7.52 7.82
N THR E 58 64.68 7.76 6.60
CA THR E 58 64.05 8.75 5.73
C THR E 58 62.67 8.32 5.28
N LYS E 59 62.35 7.03 5.39
CA LYS E 59 61.00 6.57 5.09
C LYS E 59 60.00 7.06 6.14
N GLU E 60 60.41 7.09 7.41
CA GLU E 60 59.47 7.29 8.49
C GLU E 60 59.15 8.76 8.76
N LEU E 61 59.79 9.69 8.01
CA LEU E 61 59.58 11.10 8.30
C LEU E 61 58.14 11.52 8.05
N GLY E 62 57.54 11.01 6.98
CA GLY E 62 56.14 11.31 6.72
C GLY E 62 55.23 10.82 7.84
N THR E 63 55.48 9.61 8.33
CA THR E 63 54.64 9.08 9.40
C THR E 63 54.79 9.88 10.68
N VAL E 64 56.02 10.21 11.08
CA VAL E 64 56.21 10.94 12.34
C VAL E 64 55.64 12.34 12.22
N MET E 65 55.80 12.95 11.04
CA MET E 65 55.31 14.32 10.85
C MET E 65 53.79 14.35 10.80
N ARG E 66 53.17 13.31 10.24
CA ARG E 66 51.71 13.21 10.26
C ARG E 66 51.19 12.94 11.66
N SER E 67 51.95 12.18 12.46
CA SER E 67 51.49 11.85 13.81
C SER E 67 51.40 13.08 14.69
N LEU E 68 52.03 14.17 14.28
CA LEU E 68 52.07 15.39 15.08
C LEU E 68 51.04 16.42 14.64
N GLY E 69 50.11 16.05 13.76
CA GLY E 69 49.03 16.93 13.34
C GLY E 69 49.15 17.52 11.96
N GLN E 70 50.33 17.46 11.34
CA GLN E 70 50.51 18.02 10.01
C GLN E 70 50.18 16.99 8.93
N ASN E 71 49.84 17.47 7.74
CA ASN E 71 49.49 16.61 6.60
C ASN E 71 50.23 17.07 5.36
N PRO E 72 51.54 16.85 5.29
CA PRO E 72 52.29 17.21 4.07
C PRO E 72 52.07 16.21 2.96
N THR E 73 52.05 16.70 1.72
CA THR E 73 51.90 15.84 0.57
C THR E 73 53.21 15.09 0.29
N GLU E 74 53.10 14.02 -0.50
CA GLU E 74 54.27 13.20 -0.81
C GLU E 74 55.32 14.00 -1.57
N ALA E 75 54.90 14.95 -2.40
CA ALA E 75 55.87 15.83 -3.07
C ALA E 75 56.63 16.66 -2.06
N GLU E 76 55.94 17.19 -1.04
CA GLU E 76 56.63 17.89 0.04
C GLU E 76 57.56 16.97 0.81
N LEU E 77 57.12 15.72 1.03
CA LEU E 77 57.97 14.74 1.70
C LEU E 77 59.27 14.56 0.92
N GLN E 78 59.18 14.41 -0.40
CA GLN E 78 60.40 14.24 -1.19
C GLN E 78 61.23 15.52 -1.22
N ASP E 79 60.58 16.68 -1.16
CA ASP E 79 61.33 17.92 -1.06
C ASP E 79 62.18 17.93 0.20
N MET E 80 61.57 17.60 1.34
CA MET E 80 62.34 17.41 2.57
C MET E 80 63.46 16.40 2.37
N ILE E 81 63.16 15.23 1.82
CA ILE E 81 64.15 14.16 1.83
C ILE E 81 65.39 14.58 1.04
N ASN E 82 65.21 15.27 -0.10
CA ASN E 82 66.43 15.66 -0.81
C ASN E 82 67.07 16.91 -0.21
N GLU E 83 66.31 17.75 0.50
CA GLU E 83 67.00 18.90 1.08
C GLU E 83 67.83 18.54 2.32
N VAL E 84 67.36 17.65 3.19
CA VAL E 84 68.06 17.36 4.43
C VAL E 84 69.05 16.21 4.24
N ASP E 85 68.67 15.17 3.51
CA ASP E 85 69.53 14.02 3.30
C ASP E 85 70.52 14.30 2.18
N ALA E 86 71.36 15.33 2.36
CA ALA E 86 72.38 15.65 1.36
C ALA E 86 73.42 14.54 1.23
N ASP E 87 73.84 13.96 2.35
CA ASP E 87 74.84 12.90 2.33
C ASP E 87 74.28 11.54 1.91
N GLY E 88 72.95 11.40 1.87
CA GLY E 88 72.36 10.17 1.39
C GLY E 88 72.50 8.98 2.32
N ASN E 89 72.67 9.22 3.62
CA ASN E 89 72.80 8.12 4.57
C ASN E 89 71.46 7.46 4.89
N GLY E 90 70.35 8.06 4.50
CA GLY E 90 69.04 7.51 4.79
C GLY E 90 68.56 7.70 6.20
N THR E 91 69.26 8.51 7.00
CA THR E 91 68.88 8.78 8.38
C THR E 91 68.83 10.28 8.63
N ILE E 92 67.97 10.68 9.56
CA ILE E 92 67.82 12.07 9.97
C ILE E 92 67.88 12.12 11.49
N ASP E 93 68.79 12.94 12.02
CA ASP E 93 68.93 13.04 13.46
C ASP E 93 67.89 14.00 14.06
N PHE E 94 67.87 14.06 15.38
CA PHE E 94 66.90 14.90 16.07
C PHE E 94 67.05 16.39 15.77
N PRO E 95 68.25 17.00 15.80
CA PRO E 95 68.32 18.44 15.50
C PRO E 95 67.80 18.80 14.12
N GLU E 96 68.06 17.98 13.10
CA GLU E 96 67.46 18.21 11.80
C GLU E 96 65.95 17.97 11.85
N PHE E 97 65.51 16.98 12.62
CA PHE E 97 64.08 16.66 12.67
C PHE E 97 63.27 17.84 13.18
N LEU E 98 63.86 18.66 14.05
CA LEU E 98 63.21 19.89 14.46
C LEU E 98 63.12 20.88 13.30
N ASN E 99 64.09 20.85 12.39
CA ASN E 99 64.17 21.84 11.32
C ASN E 99 63.08 21.62 10.26
N LEU E 100 62.83 20.37 9.87
CA LEU E 100 61.87 20.13 8.78
C LEU E 100 60.48 20.62 9.14
N MET E 101 60.00 20.31 10.35
CA MET E 101 58.66 20.75 10.71
C MET E 101 58.64 22.25 10.99
N ALA E 102 59.77 22.81 11.45
CA ALA E 102 59.82 24.21 11.81
C ALA E 102 59.38 25.10 10.66
N LYS E 103 59.86 24.81 9.45
CA LYS E 103 59.40 25.53 8.27
C LYS E 103 58.03 25.04 7.83
N LYS E 104 57.61 23.87 8.30
CA LYS E 104 56.36 23.28 7.84
C LYS E 104 55.13 23.99 8.40
N MET E 105 55.09 24.27 9.71
CA MET E 105 53.95 25.04 10.19
C MET E 105 54.00 26.47 9.66
N LYS E 106 55.18 26.96 9.30
CA LYS E 106 55.30 28.29 8.74
C LYS E 106 54.80 28.29 7.30
N ALA E 117 48.75 36.06 -0.62
CA ALA E 117 47.60 35.53 -1.35
C ALA E 117 46.60 36.63 -1.67
N PHE E 118 46.58 37.67 -0.83
CA PHE E 118 45.62 38.76 -1.01
C PHE E 118 45.86 39.50 -2.33
N ARG E 119 47.11 39.53 -2.79
CA ARG E 119 47.47 40.42 -3.90
C ARG E 119 47.06 39.91 -5.27
N VAL E 120 46.75 38.62 -5.42
CA VAL E 120 46.32 38.14 -6.74
C VAL E 120 44.92 38.64 -7.07
N PHE E 121 44.01 38.66 -6.08
CA PHE E 121 42.66 39.16 -6.34
C PHE E 121 42.59 40.67 -6.18
N ASP E 122 43.69 41.29 -5.74
CA ASP E 122 43.76 42.74 -5.64
C ASP E 122 44.78 43.22 -6.67
N PHE E 128 41.62 46.17 -1.12
CA PHE E 128 40.22 45.75 -1.10
C PHE E 128 39.94 44.89 -2.32
N ILE E 129 39.11 43.87 -2.14
CA ILE E 129 38.71 42.98 -3.23
C ILE E 129 37.22 43.19 -3.47
N SER E 130 36.88 43.73 -4.64
CA SER E 130 35.50 44.04 -4.99
C SER E 130 34.84 42.86 -5.68
N ALA E 131 33.56 43.03 -5.99
CA ALA E 131 32.84 42.00 -6.75
C ALA E 131 33.43 41.85 -8.14
N ALA E 132 33.68 42.96 -8.83
CA ALA E 132 34.20 42.89 -10.19
C ALA E 132 35.57 42.23 -10.24
N GLU E 133 36.45 42.57 -9.29
CA GLU E 133 37.77 41.97 -9.24
C GLU E 133 37.67 40.46 -9.07
N LEU E 134 36.78 40.01 -8.19
CA LEU E 134 36.54 38.59 -8.01
C LEU E 134 35.99 37.99 -9.29
N ARG E 135 35.21 38.76 -10.05
CA ARG E 135 34.70 38.26 -11.32
C ARG E 135 35.81 38.06 -12.36
N HIS E 136 36.77 38.97 -12.42
CA HIS E 136 37.87 38.72 -13.36
C HIS E 136 38.76 37.56 -12.91
N VAL E 137 39.04 37.46 -11.60
CA VAL E 137 39.84 36.33 -11.14
C VAL E 137 39.07 35.02 -11.31
N MET E 138 37.75 35.12 -11.41
CA MET E 138 36.92 33.96 -11.74
C MET E 138 37.03 33.60 -13.22
N THR E 139 36.81 34.58 -14.10
CA THR E 139 36.78 34.31 -15.53
C THR E 139 38.15 33.88 -16.03
N ASN E 140 39.23 34.36 -15.40
CA ASN E 140 40.57 33.98 -15.83
C ASN E 140 40.81 32.48 -15.66
N LEU E 141 40.15 31.86 -14.68
CA LEU E 141 40.37 30.46 -14.41
C LEU E 141 39.38 29.54 -15.12
N ASP E 147 26.12 36.34 -11.38
CA ASP E 147 26.24 37.57 -10.60
C ASP E 147 25.61 37.45 -9.22
N GLU E 148 24.47 36.77 -9.12
CA GLU E 148 23.81 36.59 -7.83
C GLU E 148 24.71 35.81 -6.88
N GLU E 149 25.34 34.75 -7.37
CA GLU E 149 26.26 33.99 -6.55
C GLU E 149 27.44 34.86 -6.11
N VAL E 150 27.96 35.70 -7.02
CA VAL E 150 29.04 36.61 -6.66
C VAL E 150 28.61 37.54 -5.53
N GLU E 151 27.38 38.07 -5.62
CA GLU E 151 26.86 38.92 -4.56
C GLU E 151 26.79 38.16 -3.24
N GLU E 152 26.37 36.89 -3.30
CA GLU E 152 26.34 36.08 -2.08
C GLU E 152 27.75 35.90 -1.52
N MET E 153 28.73 35.71 -2.41
CA MET E 153 30.12 35.56 -1.99
C MET E 153 30.58 36.79 -1.22
N ILE E 154 30.42 37.97 -1.82
CA ILE E 154 30.91 39.18 -1.17
C ILE E 154 30.14 39.45 0.12
N ARG E 155 28.82 39.19 0.10
CA ARG E 155 28.01 39.43 1.28
C ARG E 155 28.47 38.57 2.45
N GLU E 156 28.73 37.28 2.21
CA GLU E 156 29.22 36.45 3.31
C GLU E 156 30.64 36.82 3.71
N ALA E 157 31.45 37.31 2.77
CA ALA E 157 32.80 37.73 3.10
C ALA E 157 32.86 39.14 3.68
N GLN E 164 32.78 45.48 -0.01
CA GLN E 164 34.10 45.09 -0.48
C GLN E 164 34.85 44.40 0.65
N ILE E 165 35.80 43.56 0.28
CA ILE E 165 36.47 42.66 1.22
C ILE E 165 37.90 43.13 1.43
N ASN E 166 38.20 43.59 2.64
CA ASN E 166 39.56 44.00 2.97
C ASN E 166 40.38 42.79 3.41
N TYR E 167 41.58 43.08 3.92
CA TYR E 167 42.48 42.01 4.35
C TYR E 167 41.93 41.27 5.56
N GLU E 168 41.29 42.00 6.49
CA GLU E 168 40.91 41.40 7.77
C GLU E 168 39.75 40.41 7.61
N GLU E 169 38.71 40.81 6.87
CA GLU E 169 37.61 39.88 6.61
C GLU E 169 38.10 38.69 5.79
N PHE E 170 39.00 38.95 4.86
CA PHE E 170 39.60 37.93 4.02
C PHE E 170 40.33 36.89 4.88
N VAL E 171 41.08 37.35 5.89
CA VAL E 171 41.75 36.46 6.83
C VAL E 171 40.73 35.70 7.66
N LYS E 172 39.74 36.41 8.21
CA LYS E 172 38.75 35.78 9.07
C LYS E 172 37.97 34.74 8.30
N ILE E 173 37.98 34.83 6.97
CA ILE E 173 37.19 33.86 6.21
C ILE E 173 38.08 32.80 5.57
N MET E 174 39.41 32.97 5.58
CA MET E 174 40.19 31.75 5.32
C MET E 174 40.32 30.91 6.59
N SER F 180 38.75 0.65 -25.48
CA SER F 180 39.90 1.41 -25.94
C SER F 180 40.63 2.02 -24.75
N LEU F 181 41.87 2.44 -24.99
CA LEU F 181 42.66 3.09 -23.93
C LEU F 181 42.00 4.39 -23.47
N LYS F 182 41.44 5.16 -24.41
CA LYS F 182 40.74 6.37 -24.05
C LYS F 182 39.52 6.07 -23.19
N ASP F 183 38.76 5.03 -23.54
CA ASP F 183 37.61 4.64 -22.74
C ASP F 183 38.04 4.19 -21.34
N ARG F 184 39.10 3.41 -21.24
CA ARG F 184 39.58 2.96 -19.93
C ARG F 184 40.02 4.14 -19.09
N GLU F 185 40.73 5.10 -19.69
CA GLU F 185 41.13 6.29 -18.95
C GLU F 185 39.92 7.10 -18.51
N GLU F 186 38.89 7.19 -19.37
CA GLU F 186 37.67 7.90 -18.99
C GLU F 186 36.98 7.21 -17.81
N ARG F 187 36.96 5.88 -17.79
CA ARG F 187 36.42 5.18 -16.63
C ARG F 187 37.27 5.42 -15.39
N ARG F 188 38.60 5.52 -15.57
CA ARG F 188 39.45 5.90 -14.44
C ARG F 188 39.03 7.24 -13.86
N HIS F 189 38.86 8.24 -14.74
CA HIS F 189 38.50 9.57 -14.27
C HIS F 189 37.12 9.57 -13.63
N LYS F 190 36.16 8.82 -14.20
CA LYS F 190 34.82 8.77 -13.63
C LYS F 190 34.83 8.13 -12.24
N SER F 191 35.54 7.01 -12.10
CA SER F 191 35.63 6.36 -10.79
C SER F 191 36.31 7.26 -9.79
N GLU F 192 37.38 7.95 -10.19
CA GLU F 192 38.05 8.87 -9.27
C GLU F 192 37.16 10.02 -8.88
N PHE F 193 36.38 10.54 -9.83
CA PHE F 193 35.47 11.65 -9.54
C PHE F 193 34.40 11.24 -8.54
N VAL F 194 33.80 10.06 -8.73
CA VAL F 194 32.77 9.62 -7.79
C VAL F 194 33.39 9.24 -6.45
N GLN F 195 34.63 8.77 -6.45
CA GLN F 195 35.33 8.53 -5.19
C GLN F 195 35.56 9.82 -4.43
N ARG F 196 35.96 10.88 -5.14
CA ARG F 196 36.12 12.18 -4.51
C ARG F 196 34.78 12.70 -4.00
N LEU F 197 33.70 12.43 -4.74
CA LEU F 197 32.37 12.79 -4.28
C LEU F 197 32.04 12.12 -2.95
N LEU F 198 32.33 10.81 -2.86
CA LEU F 198 32.07 10.10 -1.60
C LEU F 198 32.92 10.65 -0.46
N SER F 199 34.21 10.87 -0.72
CA SER F 199 35.08 11.38 0.35
C SER F 199 34.63 12.76 0.81
N SER F 200 34.20 13.61 -0.12
CA SER F 200 33.68 14.91 0.26
C SER F 200 32.38 14.78 1.07
N ALA F 201 31.48 13.90 0.62
CA ALA F 201 30.23 13.71 1.36
C ALA F 201 30.48 13.17 2.75
N ILE F 202 31.57 12.45 2.95
CA ILE F 202 31.87 11.91 4.28
C ILE F 202 32.56 12.96 5.14
N PHE F 203 33.52 13.70 4.59
CA PHE F 203 34.40 14.56 5.37
C PHE F 203 34.03 16.04 5.37
N ASP F 204 32.97 16.43 4.66
CA ASP F 204 32.68 17.85 4.52
C ASP F 204 32.26 18.50 5.83
#